data_5CYT
# 
_entry.id   5CYT 
# 
_audit_conform.dict_name       mmcif_pdbx.dic 
_audit_conform.dict_version    5.397 
_audit_conform.dict_location   http://mmcif.pdb.org/dictionaries/ascii/mmcif_pdbx.dic 
# 
loop_
_database_2.database_id 
_database_2.database_code 
_database_2.pdbx_database_accession 
_database_2.pdbx_DOI 
PDB   5CYT         pdb_00005cyt 10.2210/pdb5cyt/pdb 
WWPDB D_1000179694 ?            ?                   
# 
loop_
_pdbx_audit_revision_history.ordinal 
_pdbx_audit_revision_history.data_content_type 
_pdbx_audit_revision_history.major_revision 
_pdbx_audit_revision_history.minor_revision 
_pdbx_audit_revision_history.revision_date 
1 'Structure model' 1 0 1989-07-12 
2 'Structure model' 1 1 2008-03-25 
3 'Structure model' 1 2 2011-07-13 
4 'Structure model' 1 3 2017-11-29 
5 'Structure model' 2 0 2021-03-03 
6 'Structure model' 2 1 2024-10-09 
# 
_pdbx_audit_revision_details.ordinal             1 
_pdbx_audit_revision_details.revision_ordinal    1 
_pdbx_audit_revision_details.data_content_type   'Structure model' 
_pdbx_audit_revision_details.provider            repository 
_pdbx_audit_revision_details.type                'Initial release' 
_pdbx_audit_revision_details.description         ? 
_pdbx_audit_revision_details.details             ? 
# 
loop_
_pdbx_audit_revision_group.ordinal 
_pdbx_audit_revision_group.revision_ordinal 
_pdbx_audit_revision_group.data_content_type 
_pdbx_audit_revision_group.group 
1  2 'Structure model' 'Version format compliance' 
2  3 'Structure model' 'Version format compliance' 
3  4 'Structure model' 'Derived calculations'      
4  4 'Structure model' Other                       
5  5 'Structure model' Advisory                    
6  5 'Structure model' 'Atomic model'              
7  5 'Structure model' 'Data collection'           
8  5 'Structure model' 'Database references'       
9  5 'Structure model' 'Derived calculations'      
10 5 'Structure model' 'Non-polymer description'   
11 5 'Structure model' 'Structure summary'         
12 6 'Structure model' 'Data collection'           
13 6 'Structure model' 'Database references'       
14 6 'Structure model' 'Structure summary'         
# 
loop_
_pdbx_audit_revision_category.ordinal 
_pdbx_audit_revision_category.revision_ordinal 
_pdbx_audit_revision_category.data_content_type 
_pdbx_audit_revision_category.category 
1  4 'Structure model' pdbx_database_status       
2  4 'Structure model' struct_conf                
3  4 'Structure model' struct_conf_type           
4  5 'Structure model' atom_site                  
5  5 'Structure model' chem_comp                  
6  5 'Structure model' entity                     
7  5 'Structure model' pdbx_distant_solvent_atoms 
8  5 'Structure model' pdbx_entity_nonpoly        
9  5 'Structure model' pdbx_nonpoly_scheme        
10 5 'Structure model' pdbx_struct_conn_angle     
11 5 'Structure model' struct_conn                
12 5 'Structure model' struct_ref_seq_dif         
13 5 'Structure model' struct_site                
14 6 'Structure model' chem_comp_atom             
15 6 'Structure model' chem_comp_bond             
16 6 'Structure model' database_2                 
17 6 'Structure model' pdbx_entry_details         
18 6 'Structure model' pdbx_modification_feature  
# 
loop_
_pdbx_audit_revision_item.ordinal 
_pdbx_audit_revision_item.revision_ordinal 
_pdbx_audit_revision_item.data_content_type 
_pdbx_audit_revision_item.item 
1  4 'Structure model' '_pdbx_database_status.process_site'          
2  5 'Structure model' '_atom_site.B_iso_or_equiv'                   
3  5 'Structure model' '_atom_site.Cartn_x'                          
4  5 'Structure model' '_atom_site.Cartn_y'                          
5  5 'Structure model' '_atom_site.Cartn_z'                          
6  5 'Structure model' '_atom_site.auth_atom_id'                     
7  5 'Structure model' '_atom_site.auth_comp_id'                     
8  5 'Structure model' '_atom_site.label_atom_id'                    
9  5 'Structure model' '_atom_site.label_comp_id'                    
10 5 'Structure model' '_atom_site.type_symbol'                      
11 5 'Structure model' '_chem_comp.formula'                          
12 5 'Structure model' '_chem_comp.formula_weight'                   
13 5 'Structure model' '_chem_comp.id'                               
14 5 'Structure model' '_chem_comp.name'                             
15 5 'Structure model' '_chem_comp.pdbx_synonyms'                    
16 5 'Structure model' '_entity.formula_weight'                      
17 5 'Structure model' '_entity.pdbx_description'                    
18 5 'Structure model' '_pdbx_entity_nonpoly.comp_id'                
19 5 'Structure model' '_pdbx_entity_nonpoly.name'                   
20 5 'Structure model' '_pdbx_nonpoly_scheme.mon_id'                 
21 5 'Structure model' '_pdbx_nonpoly_scheme.pdb_mon_id'             
22 5 'Structure model' '_pdbx_struct_conn_angle.ptnr1_auth_comp_id'  
23 5 'Structure model' '_pdbx_struct_conn_angle.ptnr1_label_comp_id' 
24 5 'Structure model' '_pdbx_struct_conn_angle.ptnr2_auth_comp_id'  
25 5 'Structure model' '_pdbx_struct_conn_angle.ptnr2_label_comp_id' 
26 5 'Structure model' '_pdbx_struct_conn_angle.ptnr3_auth_comp_id'  
27 5 'Structure model' '_pdbx_struct_conn_angle.ptnr3_label_comp_id' 
28 5 'Structure model' '_struct_conn.pdbx_leaving_atom_flag'         
29 5 'Structure model' '_struct_conn.ptnr1_auth_comp_id'             
30 5 'Structure model' '_struct_conn.ptnr1_auth_seq_id'              
31 5 'Structure model' '_struct_conn.ptnr1_label_asym_id'            
32 5 'Structure model' '_struct_conn.ptnr1_label_atom_id'            
33 5 'Structure model' '_struct_conn.ptnr1_label_comp_id'            
34 5 'Structure model' '_struct_conn.ptnr1_label_seq_id'             
35 5 'Structure model' '_struct_conn.ptnr2_auth_comp_id'             
36 5 'Structure model' '_struct_conn.ptnr2_auth_seq_id'              
37 5 'Structure model' '_struct_conn.ptnr2_label_asym_id'            
38 5 'Structure model' '_struct_conn.ptnr2_label_atom_id'            
39 5 'Structure model' '_struct_conn.ptnr2_label_comp_id'            
40 5 'Structure model' '_struct_conn.ptnr2_label_seq_id'             
41 5 'Structure model' '_struct_ref_seq_dif.details'                 
42 5 'Structure model' '_struct_site.details'                        
43 5 'Structure model' '_struct_site.pdbx_auth_asym_id'              
44 5 'Structure model' '_struct_site.pdbx_auth_comp_id'              
45 5 'Structure model' '_struct_site.pdbx_auth_seq_id'               
46 6 'Structure model' '_database_2.pdbx_DOI'                        
47 6 'Structure model' '_database_2.pdbx_database_accession'         
# 
_pdbx_database_PDB_obs_spr.id               SPRSDE 
_pdbx_database_PDB_obs_spr.date             1989-07-12 
_pdbx_database_PDB_obs_spr.pdb_id           5CYT 
_pdbx_database_PDB_obs_spr.replace_pdb_id   4CYT 
_pdbx_database_PDB_obs_spr.details          ? 
# 
_pdbx_database_status.status_code                     REL 
_pdbx_database_status.entry_id                        5CYT 
_pdbx_database_status.recvd_initial_deposition_date   1988-01-14 
_pdbx_database_status.deposit_site                    ? 
_pdbx_database_status.process_site                    BNL 
_pdbx_database_status.status_code_sf                  REL 
_pdbx_database_status.status_code_mr                  ? 
_pdbx_database_status.SG_entry                        ? 
_pdbx_database_status.pdb_format_compatible           Y 
_pdbx_database_status.status_code_cs                  ? 
_pdbx_database_status.methods_development_category    ? 
_pdbx_database_status.status_code_nmr_data            ? 
# 
_audit_author.name           'Takano, T.' 
_audit_author.pdbx_ordinal   1 
# 
loop_
_citation.id 
_citation.title 
_citation.journal_abbrev 
_citation.journal_volume 
_citation.page_first 
_citation.page_last 
_citation.year 
_citation.journal_id_ASTM 
_citation.country 
_citation.journal_id_ISSN 
_citation.journal_id_CSD 
_citation.book_publisher 
_citation.pdbx_database_id_PubMed 
_citation.pdbx_database_id_DOI 
primary 'Refinement of Myoglobin and Cytochrome C' 'Methods and Applications in Crystallographic Computing' ?   262  ? 1984 ?      
?  0-19-855190-8 0836 'Oxford University Press, Oxford, England'                   -1 ? 
1       'Conformation Change of Cytochrome C. I. Ferrocytochrome C Structure Refined at 1.5 Angstroms Resolution' J.Mol.Biol. 153 
79   ? 1981 JMOBAK UK 0022-2836     0070 ?                                                            ?  ? 
2       
;Conformation Change of Cytochrome C. II. Ferricytochrome C Refinement at 1.8 Angstroms and Comparison with the Ferrocytochrome Structure
;
J.Mol.Biol.                                              153 95   ? 1981 JMOBAK UK 0022-2836     0070 ? ?  ? 
3       'Redox Conformation Changes in Refined Tuna Cytochrome C' Proc.Natl.Acad.Sci.USA                                   77  
6371 ? 1980 PNASA6 US 0027-8424     0040 ?                                                            ?  ? 
4       'Cytochrome C and the Evolution of Energy Metabolism' Sci.Am.                                                  242 136  ? 
1980 SCAMAC US 0036-8733     0420 ?                                                            ?  ? 
5       'Internal Mobility of Ferrocytochrome C' Nature                                                   287 659  ? 1980 NATUAS 
UK 0028-0836     0006 ?                                                            ?  ? 
6       'Tuna Cytochrome C at 2.0 Angstroms Resolution. II. Ferrocytochrome Structure Analysis' J.Biol.Chem. 252 776  ? 1977 
JBCHA3 US 0021-9258     0071 ?                                                            ?  ? 
7       'Tuna Cytochrome C at 2.0 Angstroms Resolution. I. Ferricytochrome Structure Analysis' J.Biol.Chem. 252 759  ? 1977 JBCHA3 
US 0021-9258     0071 ?                                                            ?  ? 
8       'The Structure of Ferrocytochrome C at 2.45 Angstroms Resolution' J.Biol.Chem.                                             
248 5234 ? 1973 JBCHA3 US 0021-9258     0071 ?                                                            ?  ? 
9       'The Structure and History of an Ancient Protein' Sci.Am.                                                  226 58   ? 1972 
SCAMAC US 0036-8733     0420 ?                                                            ?  ? 
10      ? 'Atlas of Protein Sequence and Structure,Supplement 2'   5   39   ? 1976 ?      ?  0-912466-05-7 435  
'National Biomedical Research Foundation, Silver Spring,Md.' ?  ? 
# 
loop_
_citation_author.citation_id 
_citation_author.name 
_citation_author.ordinal 
_citation_author.identifier_ORCID 
primary 'Takano, T.'      1  ? 
1       'Takano, T.'      2  ? 
1       'Dickerson, R.E.' 3  ? 
2       'Takano, T.'      4  ? 
2       'Dickerson, R.E.' 5  ? 
3       'Takano, T.'      6  ? 
3       'Dickerson, R.E.' 7  ? 
4       'Dickerson, R.E.' 8  ? 
5       'Northrup, S.H.'  9  ? 
5       'Pear, M.R.'      10 ? 
5       'Mccammon, J.A.'  11 ? 
5       'Karplus, M.'     12 ? 
5       'Takano, T.'      13 ? 
6       'Takano, T.'      14 ? 
6       'Trus, B.L.'      15 ? 
6       'Mandel, N.'      16 ? 
6       'Mandel, G.'      17 ? 
6       'Kallai, O.B.'    18 ? 
6       'Swanson, R.'     19 ? 
6       'Dickerson, R.E.' 20 ? 
7       'Swanson, R.'     21 ? 
7       'Trus, B.L.'      22 ? 
7       'Mandel, N.'      23 ? 
7       'Mandel, G.'      24 ? 
7       'Kallai, O.B.'    25 ? 
7       'Dickerson, R.E.' 26 ? 
8       'Takano, T.'      27 ? 
8       'Kallai, O.B.'    28 ? 
8       'Swanson, R.'     29 ? 
8       'Dickerson, R.E.' 30 ? 
9       'Dickerson, R.E.' 31 ? 
# 
loop_
_citation_editor.citation_id 
_citation_editor.name 
_citation_editor.ordinal 
primary 'Hall, S.R.'    1 
primary 'Ashida, T.'    2 
10      'Dayhoff, M.O.' 3 
# 
loop_
_entity.id 
_entity.type 
_entity.src_method 
_entity.pdbx_description 
_entity.formula_weight 
_entity.pdbx_number_of_molecules 
_entity.pdbx_ec 
_entity.pdbx_mutation 
_entity.pdbx_fragment 
_entity.details 
1 polymer     man 'CYTOCHROME C' 11416.114 1  ? ? ? ? 
2 non-polymer syn 'HEME C'       618.503   1  ? ? ? ? 
3 water       nat water          18.015    91 ? ? ? ? 
# 
_entity_poly.entity_id                      1 
_entity_poly.type                           'polypeptide(L)' 
_entity_poly.nstd_linkage                   no 
_entity_poly.nstd_monomer                   yes 
_entity_poly.pdbx_seq_one_letter_code       
;(ACE)GDVAKGKKTFVQKCAQCHTVENGGKHKVGPNLWGLFGRKTGQAEGYSYTDANKSKGIVWNNDTLMEYLENPKKYI
PGTKMIFAGIKKKGERQDLVAYLKSATS
;
_entity_poly.pdbx_seq_one_letter_code_can   
;XGDVAKGKKTFVQKCAQCHTVENGGKHKVGPNLWGLFGRKTGQAEGYSYTDANKSKGIVWNNDTLMEYLENPKKYIPGTK
MIFAGIKKKGERQDLVAYLKSATS
;
_entity_poly.pdbx_strand_id                 R 
_entity_poly.pdbx_target_identifier         ? 
# 
loop_
_pdbx_entity_nonpoly.entity_id 
_pdbx_entity_nonpoly.name 
_pdbx_entity_nonpoly.comp_id 
2 'HEME C' HEC 
3 water    HOH 
# 
loop_
_entity_poly_seq.entity_id 
_entity_poly_seq.num 
_entity_poly_seq.mon_id 
_entity_poly_seq.hetero 
1 1   ACE n 
1 2   GLY n 
1 3   ASP n 
1 4   VAL n 
1 5   ALA n 
1 6   LYS n 
1 7   GLY n 
1 8   LYS n 
1 9   LYS n 
1 10  THR n 
1 11  PHE n 
1 12  VAL n 
1 13  GLN n 
1 14  LYS n 
1 15  CYS n 
1 16  ALA n 
1 17  GLN n 
1 18  CYS n 
1 19  HIS n 
1 20  THR n 
1 21  VAL n 
1 22  GLU n 
1 23  ASN n 
1 24  GLY n 
1 25  GLY n 
1 26  LYS n 
1 27  HIS n 
1 28  LYS n 
1 29  VAL n 
1 30  GLY n 
1 31  PRO n 
1 32  ASN n 
1 33  LEU n 
1 34  TRP n 
1 35  GLY n 
1 36  LEU n 
1 37  PHE n 
1 38  GLY n 
1 39  ARG n 
1 40  LYS n 
1 41  THR n 
1 42  GLY n 
1 43  GLN n 
1 44  ALA n 
1 45  GLU n 
1 46  GLY n 
1 47  TYR n 
1 48  SER n 
1 49  TYR n 
1 50  THR n 
1 51  ASP n 
1 52  ALA n 
1 53  ASN n 
1 54  LYS n 
1 55  SER n 
1 56  LYS n 
1 57  GLY n 
1 58  ILE n 
1 59  VAL n 
1 60  TRP n 
1 61  ASN n 
1 62  ASN n 
1 63  ASP n 
1 64  THR n 
1 65  LEU n 
1 66  MET n 
1 67  GLU n 
1 68  TYR n 
1 69  LEU n 
1 70  GLU n 
1 71  ASN n 
1 72  PRO n 
1 73  LYS n 
1 74  LYS n 
1 75  TYR n 
1 76  ILE n 
1 77  PRO n 
1 78  GLY n 
1 79  THR n 
1 80  LYS n 
1 81  MET n 
1 82  ILE n 
1 83  PHE n 
1 84  ALA n 
1 85  GLY n 
1 86  ILE n 
1 87  LYS n 
1 88  LYS n 
1 89  LYS n 
1 90  GLY n 
1 91  GLU n 
1 92  ARG n 
1 93  GLN n 
1 94  ASP n 
1 95  LEU n 
1 96  VAL n 
1 97  ALA n 
1 98  TYR n 
1 99  LEU n 
1 100 LYS n 
1 101 SER n 
1 102 ALA n 
1 103 THR n 
1 104 SER n 
# 
_entity_src_gen.entity_id                          1 
_entity_src_gen.pdbx_src_id                        1 
_entity_src_gen.pdbx_alt_source_flag               sample 
_entity_src_gen.pdbx_seq_type                      ? 
_entity_src_gen.pdbx_beg_seq_num                   ? 
_entity_src_gen.pdbx_end_seq_num                   ? 
_entity_src_gen.gene_src_common_name               albacore 
_entity_src_gen.gene_src_genus                     Thunnus 
_entity_src_gen.pdbx_gene_src_gene                 ? 
_entity_src_gen.gene_src_species                   ? 
_entity_src_gen.gene_src_strain                    ? 
_entity_src_gen.gene_src_tissue                    ? 
_entity_src_gen.gene_src_tissue_fraction           ? 
_entity_src_gen.gene_src_details                   ? 
_entity_src_gen.pdbx_gene_src_fragment             ? 
_entity_src_gen.pdbx_gene_src_scientific_name      'Thunnus alalunga' 
_entity_src_gen.pdbx_gene_src_ncbi_taxonomy_id     8235 
_entity_src_gen.pdbx_gene_src_variant              ? 
_entity_src_gen.pdbx_gene_src_cell_line            ? 
_entity_src_gen.pdbx_gene_src_atcc                 ? 
_entity_src_gen.pdbx_gene_src_organ                ? 
_entity_src_gen.pdbx_gene_src_organelle            ? 
_entity_src_gen.pdbx_gene_src_cell                 ? 
_entity_src_gen.pdbx_gene_src_cellular_location    ? 
_entity_src_gen.host_org_common_name               ? 
_entity_src_gen.pdbx_host_org_scientific_name      ? 
_entity_src_gen.pdbx_host_org_ncbi_taxonomy_id     ? 
_entity_src_gen.host_org_genus                     ? 
_entity_src_gen.pdbx_host_org_gene                 ? 
_entity_src_gen.pdbx_host_org_organ                ? 
_entity_src_gen.host_org_species                   ? 
_entity_src_gen.pdbx_host_org_tissue               ? 
_entity_src_gen.pdbx_host_org_tissue_fraction      ? 
_entity_src_gen.pdbx_host_org_strain               ? 
_entity_src_gen.pdbx_host_org_variant              ? 
_entity_src_gen.pdbx_host_org_cell_line            ? 
_entity_src_gen.pdbx_host_org_atcc                 ? 
_entity_src_gen.pdbx_host_org_culture_collection   ? 
_entity_src_gen.pdbx_host_org_cell                 ? 
_entity_src_gen.pdbx_host_org_organelle            ? 
_entity_src_gen.pdbx_host_org_cellular_location    ? 
_entity_src_gen.pdbx_host_org_vector_type          ? 
_entity_src_gen.pdbx_host_org_vector               ? 
_entity_src_gen.host_org_details                   ? 
_entity_src_gen.expression_system_id               ? 
_entity_src_gen.plasmid_name                       ? 
_entity_src_gen.plasmid_details                    ? 
_entity_src_gen.pdbx_description                   ? 
# 
loop_
_chem_comp.id 
_chem_comp.type 
_chem_comp.mon_nstd_flag 
_chem_comp.name 
_chem_comp.pdbx_synonyms 
_chem_comp.formula 
_chem_comp.formula_weight 
ACE non-polymer         . 'ACETYL GROUP'  ? 'C2 H4 O'          44.053  
ALA 'L-peptide linking' y ALANINE         ? 'C3 H7 N O2'       89.093  
ARG 'L-peptide linking' y ARGININE        ? 'C6 H15 N4 O2 1'   175.209 
ASN 'L-peptide linking' y ASPARAGINE      ? 'C4 H8 N2 O3'      132.118 
ASP 'L-peptide linking' y 'ASPARTIC ACID' ? 'C4 H7 N O4'       133.103 
CYS 'L-peptide linking' y CYSTEINE        ? 'C3 H7 N O2 S'     121.158 
GLN 'L-peptide linking' y GLUTAMINE       ? 'C5 H10 N2 O3'     146.144 
GLU 'L-peptide linking' y 'GLUTAMIC ACID' ? 'C5 H9 N O4'       147.129 
GLY 'peptide linking'   y GLYCINE         ? 'C2 H5 N O2'       75.067  
HEC non-polymer         . 'HEME C'        ? 'C34 H34 Fe N4 O4' 618.503 
HIS 'L-peptide linking' y HISTIDINE       ? 'C6 H10 N3 O2 1'   156.162 
HOH non-polymer         . WATER           ? 'H2 O'             18.015  
ILE 'L-peptide linking' y ISOLEUCINE      ? 'C6 H13 N O2'      131.173 
LEU 'L-peptide linking' y LEUCINE         ? 'C6 H13 N O2'      131.173 
LYS 'L-peptide linking' y LYSINE          ? 'C6 H15 N2 O2 1'   147.195 
MET 'L-peptide linking' y METHIONINE      ? 'C5 H11 N O2 S'    149.211 
PHE 'L-peptide linking' y PHENYLALANINE   ? 'C9 H11 N O2'      165.189 
PRO 'L-peptide linking' y PROLINE         ? 'C5 H9 N O2'       115.130 
SER 'L-peptide linking' y SERINE          ? 'C3 H7 N O3'       105.093 
THR 'L-peptide linking' y THREONINE       ? 'C4 H9 N O3'       119.119 
TRP 'L-peptide linking' y TRYPTOPHAN      ? 'C11 H12 N2 O2'    204.225 
TYR 'L-peptide linking' y TYROSINE        ? 'C9 H11 N O3'      181.189 
VAL 'L-peptide linking' y VALINE          ? 'C5 H11 N O2'      117.146 
# 
loop_
_pdbx_poly_seq_scheme.asym_id 
_pdbx_poly_seq_scheme.entity_id 
_pdbx_poly_seq_scheme.seq_id 
_pdbx_poly_seq_scheme.mon_id 
_pdbx_poly_seq_scheme.ndb_seq_num 
_pdbx_poly_seq_scheme.pdb_seq_num 
_pdbx_poly_seq_scheme.auth_seq_num 
_pdbx_poly_seq_scheme.pdb_mon_id 
_pdbx_poly_seq_scheme.auth_mon_id 
_pdbx_poly_seq_scheme.pdb_strand_id 
_pdbx_poly_seq_scheme.pdb_ins_code 
_pdbx_poly_seq_scheme.hetero 
A 1 1   ACE 1   0   0   ACE ACE R . n 
A 1 2   GLY 2   1   1   GLY GLY R . n 
A 1 3   ASP 3   2   2   ASP ASP R . n 
A 1 4   VAL 4   3   3   VAL VAL R . n 
A 1 5   ALA 5   4   4   ALA ALA R . n 
A 1 6   LYS 6   5   5   LYS LYS R . n 
A 1 7   GLY 7   6   6   GLY GLY R . n 
A 1 8   LYS 8   7   7   LYS LYS R . n 
A 1 9   LYS 9   8   8   LYS LYS R . n 
A 1 10  THR 10  9   9   THR THR R . n 
A 1 11  PHE 11  10  10  PHE PHE R . n 
A 1 12  VAL 12  11  11  VAL VAL R . n 
A 1 13  GLN 13  12  12  GLN GLN R . n 
A 1 14  LYS 14  13  13  LYS LYS R . n 
A 1 15  CYS 15  14  14  CYS CYS R . n 
A 1 16  ALA 16  15  15  ALA ALA R . n 
A 1 17  GLN 17  16  16  GLN GLN R . n 
A 1 18  CYS 18  17  17  CYS CYS R . n 
A 1 19  HIS 19  18  18  HIS HIS R . n 
A 1 20  THR 20  19  19  THR THR R . n 
A 1 21  VAL 21  20  20  VAL VAL R . n 
A 1 22  GLU 22  21  21  GLU GLU R . n 
A 1 23  ASN 23  22  22  ASN ASN R . n 
A 1 24  GLY 24  23  23  GLY GLY R . n 
A 1 25  GLY 25  24  24  GLY GLY R . n 
A 1 26  LYS 26  25  25  LYS LYS R . n 
A 1 27  HIS 27  26  26  HIS HIS R . n 
A 1 28  LYS 28  27  27  LYS LYS R . n 
A 1 29  VAL 29  28  28  VAL VAL R . n 
A 1 30  GLY 30  29  29  GLY GLY R . n 
A 1 31  PRO 31  30  30  PRO PRO R . n 
A 1 32  ASN 32  31  31  ASN ASN R . n 
A 1 33  LEU 33  32  32  LEU LEU R . n 
A 1 34  TRP 34  33  33  TRP TRP R . n 
A 1 35  GLY 35  34  34  GLY GLY R . n 
A 1 36  LEU 36  35  35  LEU LEU R . n 
A 1 37  PHE 37  36  36  PHE PHE R . n 
A 1 38  GLY 38  37  37  GLY GLY R . n 
A 1 39  ARG 39  38  38  ARG ARG R . n 
A 1 40  LYS 40  39  39  LYS LYS R . n 
A 1 41  THR 41  40  40  THR THR R . n 
A 1 42  GLY 42  41  41  GLY GLY R . n 
A 1 43  GLN 43  42  42  GLN GLN R . n 
A 1 44  ALA 44  43  43  ALA ALA R . n 
A 1 45  GLU 45  44  44  GLU GLU R . n 
A 1 46  GLY 46  45  45  GLY GLY R . n 
A 1 47  TYR 47  46  46  TYR TYR R . n 
A 1 48  SER 48  47  47  SER SER R . n 
A 1 49  TYR 49  48  48  TYR TYR R . n 
A 1 50  THR 50  49  49  THR THR R . n 
A 1 51  ASP 51  50  50  ASP ASP R . n 
A 1 52  ALA 52  51  51  ALA ALA R . n 
A 1 53  ASN 53  52  52  ASN ASN R . n 
A 1 54  LYS 54  53  53  LYS LYS R . n 
A 1 55  SER 55  54  54  SER SER R . n 
A 1 56  LYS 56  55  55  LYS LYS R . n 
A 1 57  GLY 57  56  56  GLY GLY R . n 
A 1 58  ILE 58  57  57  ILE ILE R . n 
A 1 59  VAL 59  58  58  VAL VAL R . n 
A 1 60  TRP 60  59  59  TRP TRP R . n 
A 1 61  ASN 61  60  60  ASN ASN R . n 
A 1 62  ASN 62  61  61  ASN ASN R . n 
A 1 63  ASP 63  62  62  ASP ASP R . n 
A 1 64  THR 64  63  63  THR THR R . n 
A 1 65  LEU 65  64  64  LEU LEU R . n 
A 1 66  MET 66  65  65  MET MET R . n 
A 1 67  GLU 67  66  66  GLU GLU R . n 
A 1 68  TYR 68  67  67  TYR TYR R . n 
A 1 69  LEU 69  68  68  LEU LEU R . n 
A 1 70  GLU 70  69  69  GLU GLU R . n 
A 1 71  ASN 71  70  70  ASN ASN R . n 
A 1 72  PRO 72  71  71  PRO PRO R . n 
A 1 73  LYS 73  72  72  LYS LYS R . n 
A 1 74  LYS 74  73  73  LYS LYS R . n 
A 1 75  TYR 75  74  74  TYR TYR R . n 
A 1 76  ILE 76  75  75  ILE ILE R . n 
A 1 77  PRO 77  76  76  PRO PRO R . n 
A 1 78  GLY 78  77  77  GLY GLY R . n 
A 1 79  THR 79  78  78  THR THR R . n 
A 1 80  LYS 80  79  79  LYS LYS R . n 
A 1 81  MET 81  80  80  MET MET R . n 
A 1 82  ILE 82  81  81  ILE ILE R . n 
A 1 83  PHE 83  82  82  PHE PHE R . n 
A 1 84  ALA 84  83  83  ALA ALA R . n 
A 1 85  GLY 85  84  84  GLY GLY R . n 
A 1 86  ILE 86  85  85  ILE ILE R . n 
A 1 87  LYS 87  86  86  LYS LYS R . n 
A 1 88  LYS 88  87  87  LYS LYS R . n 
A 1 89  LYS 89  88  88  LYS LYS R . n 
A 1 90  GLY 90  89  89  GLY GLY R . n 
A 1 91  GLU 91  90  90  GLU GLU R . n 
A 1 92  ARG 92  91  91  ARG ARG R . n 
A 1 93  GLN 93  92  92  GLN GLN R . n 
A 1 94  ASP 94  93  93  ASP ASP R . n 
A 1 95  LEU 95  94  94  LEU LEU R . n 
A 1 96  VAL 96  95  95  VAL VAL R . n 
A 1 97  ALA 97  96  96  ALA ALA R . n 
A 1 98  TYR 98  97  97  TYR TYR R . n 
A 1 99  LEU 99  98  98  LEU LEU R . n 
A 1 100 LYS 100 99  99  LYS LYS R . n 
A 1 101 SER 101 100 100 SER SER R . n 
A 1 102 ALA 102 101 101 ALA ALA R . n 
A 1 103 THR 103 102 102 THR THR R . n 
A 1 104 SER 104 103 103 SER SER R . n 
# 
loop_
_pdbx_nonpoly_scheme.asym_id 
_pdbx_nonpoly_scheme.entity_id 
_pdbx_nonpoly_scheme.mon_id 
_pdbx_nonpoly_scheme.ndb_seq_num 
_pdbx_nonpoly_scheme.pdb_seq_num 
_pdbx_nonpoly_scheme.auth_seq_num 
_pdbx_nonpoly_scheme.pdb_mon_id 
_pdbx_nonpoly_scheme.auth_mon_id 
_pdbx_nonpoly_scheme.pdb_strand_id 
_pdbx_nonpoly_scheme.pdb_ins_code 
B 2 HEC 1  105 105 HEC HEM R . 
C 3 HOH 1  106 1   HOH HOH R . 
C 3 HOH 2  107 2   HOH HOH R . 
C 3 HOH 3  108 3   HOH HOH R . 
C 3 HOH 4  109 4   HOH HOH R . 
C 3 HOH 5  110 5   HOH HOH R . 
C 3 HOH 6  111 6   HOH HOH R . 
C 3 HOH 7  112 7   HOH HOH R . 
C 3 HOH 8  113 8   HOH HOH R . 
C 3 HOH 9  114 10  HOH HOH R . 
C 3 HOH 10 115 11  HOH HOH R . 
C 3 HOH 11 116 12  HOH HOH R . 
C 3 HOH 12 117 13  HOH HOH R . 
C 3 HOH 13 118 14  HOH HOH R . 
C 3 HOH 14 119 15  HOH HOH R . 
C 3 HOH 15 120 16  HOH HOH R . 
C 3 HOH 16 121 18  HOH HOH R . 
C 3 HOH 17 122 19  HOH HOH R . 
C 3 HOH 18 123 20  HOH HOH R . 
C 3 HOH 19 124 21  HOH HOH R . 
C 3 HOH 20 125 22  HOH HOH R . 
C 3 HOH 21 126 23  HOH HOH R . 
C 3 HOH 22 127 24  HOH HOH R . 
C 3 HOH 23 128 25  HOH HOH R . 
C 3 HOH 24 129 26  HOH HOH R . 
C 3 HOH 25 130 27  HOH HOH R . 
C 3 HOH 26 131 28  HOH HOH R . 
C 3 HOH 27 132 29  HOH HOH R . 
C 3 HOH 28 133 30  HOH HOH R . 
C 3 HOH 29 134 31  HOH HOH R . 
C 3 HOH 30 135 32  HOH HOH R . 
C 3 HOH 31 136 33  HOH HOH R . 
C 3 HOH 32 137 34  HOH HOH R . 
C 3 HOH 33 138 35  HOH HOH R . 
C 3 HOH 34 139 36  HOH HOH R . 
C 3 HOH 35 140 37  HOH HOH R . 
C 3 HOH 36 141 38  HOH HOH R . 
C 3 HOH 37 142 39  HOH HOH R . 
C 3 HOH 38 143 40  HOH HOH R . 
C 3 HOH 39 144 42  HOH HOH R . 
C 3 HOH 40 145 43  HOH HOH R . 
C 3 HOH 41 146 44  HOH HOH R . 
C 3 HOH 42 147 46  HOH HOH R . 
C 3 HOH 43 148 47  HOH HOH R . 
C 3 HOH 44 149 48  HOH HOH R . 
C 3 HOH 45 150 49  HOH HOH R . 
C 3 HOH 46 151 50  HOH HOH R . 
C 3 HOH 47 152 51  HOH HOH R . 
C 3 HOH 48 153 52  HOH HOH R . 
C 3 HOH 49 154 53  HOH HOH R . 
C 3 HOH 50 155 54  HOH HOH R . 
C 3 HOH 51 156 55  HOH HOH R . 
C 3 HOH 52 157 56  HOH HOH R . 
C 3 HOH 53 158 57  HOH HOH R . 
C 3 HOH 54 159 58  HOH HOH R . 
C 3 HOH 55 160 60  HOH HOH R . 
C 3 HOH 56 161 61  HOH HOH R . 
C 3 HOH 57 162 62  HOH HOH R . 
C 3 HOH 58 163 63  HOH HOH R . 
C 3 HOH 59 164 64  HOH HOH R . 
C 3 HOH 60 165 65  HOH HOH R . 
C 3 HOH 61 166 66  HOH HOH R . 
C 3 HOH 62 167 67  HOH HOH R . 
C 3 HOH 63 168 68  HOH HOH R . 
C 3 HOH 64 169 69  HOH HOH R . 
C 3 HOH 65 170 70  HOH HOH R . 
C 3 HOH 66 171 71  HOH HOH R . 
C 3 HOH 67 172 72  HOH HOH R . 
C 3 HOH 68 173 73  HOH HOH R . 
C 3 HOH 69 174 74  HOH HOH R . 
C 3 HOH 70 175 75  HOH HOH R . 
C 3 HOH 71 176 76  HOH HOH R . 
C 3 HOH 72 177 77  HOH HOH R . 
C 3 HOH 73 178 78  HOH HOH R . 
C 3 HOH 74 179 79  HOH HOH R . 
C 3 HOH 75 180 80  HOH HOH R . 
C 3 HOH 76 181 81  HOH HOH R . 
C 3 HOH 77 182 82  HOH HOH R . 
C 3 HOH 78 183 83  HOH HOH R . 
C 3 HOH 79 184 84  HOH HOH R . 
C 3 HOH 80 185 85  HOH HOH R . 
C 3 HOH 81 186 86  HOH HOH R . 
C 3 HOH 82 187 87  HOH HOH R . 
C 3 HOH 83 188 88  HOH HOH R . 
C 3 HOH 84 189 89  HOH HOH R . 
C 3 HOH 85 190 90  HOH HOH R . 
C 3 HOH 86 191 91  HOH HOH R . 
C 3 HOH 87 192 92  HOH HOH R . 
C 3 HOH 88 193 93  HOH HOH R . 
C 3 HOH 89 194 94  HOH HOH R . 
C 3 HOH 90 195 95  HOH HOH R . 
C 3 HOH 91 196 96  HOH HOH R . 
# 
_software.name             EREF 
_software.classification   refinement 
_software.version          . 
_software.citation_id      ? 
_software.pdbx_ordinal     1 
# 
_cell.entry_id           5CYT 
_cell.length_a           37.330 
_cell.length_b           87.100 
_cell.length_c           34.440 
_cell.angle_alpha        90.00 
_cell.angle_beta         90.00 
_cell.angle_gamma        90.00 
_cell.Z_PDB              4 
_cell.pdbx_unique_axis   ? 
# 
_symmetry.entry_id                         5CYT 
_symmetry.space_group_name_H-M             'P 21 21 2' 
_symmetry.pdbx_full_space_group_name_H-M   ? 
_symmetry.cell_setting                     ? 
_symmetry.Int_Tables_number                18 
# 
_exptl.entry_id          5CYT 
_exptl.method            'X-RAY DIFFRACTION' 
_exptl.crystals_number   ? 
# 
_exptl_crystal.id                    1 
_exptl_crystal.density_meas          ? 
_exptl_crystal.density_Matthews      2.45 
_exptl_crystal.density_percent_sol   49.83 
_exptl_crystal.description           ? 
# 
_refine.entry_id                                 5CYT 
_refine.ls_number_reflns_obs                     ? 
_refine.ls_number_reflns_all                     ? 
_refine.pdbx_ls_sigma_I                          ? 
_refine.pdbx_ls_sigma_F                          ? 
_refine.pdbx_data_cutoff_high_absF               ? 
_refine.pdbx_data_cutoff_low_absF                ? 
_refine.pdbx_data_cutoff_high_rms_absF           ? 
_refine.ls_d_res_low                             ? 
_refine.ls_d_res_high                            1.5 
_refine.ls_percent_reflns_obs                    ? 
_refine.ls_R_factor_obs                          ? 
_refine.ls_R_factor_all                          ? 
_refine.ls_R_factor_R_work                       0.1590000 
_refine.ls_R_factor_R_free                       ? 
_refine.ls_R_factor_R_free_error                 ? 
_refine.ls_R_factor_R_free_error_details         ? 
_refine.ls_percent_reflns_R_free                 ? 
_refine.ls_number_reflns_R_free                  ? 
_refine.ls_number_parameters                     ? 
_refine.ls_number_restraints                     ? 
_refine.occupancy_min                            ? 
_refine.occupancy_max                            ? 
_refine.B_iso_mean                               ? 
_refine.aniso_B[1][1]                            ? 
_refine.aniso_B[2][2]                            ? 
_refine.aniso_B[3][3]                            ? 
_refine.aniso_B[1][2]                            ? 
_refine.aniso_B[1][3]                            ? 
_refine.aniso_B[2][3]                            ? 
_refine.solvent_model_details                    ? 
_refine.solvent_model_param_ksol                 ? 
_refine.solvent_model_param_bsol                 ? 
_refine.pdbx_ls_cross_valid_method               ? 
_refine.details                                  ? 
_refine.pdbx_starting_model                      ? 
_refine.pdbx_method_to_determine_struct          ? 
_refine.pdbx_isotropic_thermal_model             ? 
_refine.pdbx_stereochemistry_target_values       ? 
_refine.pdbx_stereochem_target_val_spec_case     ? 
_refine.pdbx_R_Free_selection_details            ? 
_refine.pdbx_overall_ESU_R                       ? 
_refine.pdbx_overall_ESU_R_Free                  ? 
_refine.overall_SU_ML                            ? 
_refine.overall_SU_B                             ? 
_refine.pdbx_refine_id                           'X-RAY DIFFRACTION' 
_refine.pdbx_diffrn_id                           1 
_refine.pdbx_TLS_residual_ADP_flag               ? 
_refine.correlation_coeff_Fo_to_Fc               ? 
_refine.correlation_coeff_Fo_to_Fc_free          ? 
_refine.pdbx_solvent_vdw_probe_radii             ? 
_refine.pdbx_solvent_ion_probe_radii             ? 
_refine.pdbx_solvent_shrinkage_radii             ? 
_refine.pdbx_overall_phase_error                 ? 
_refine.overall_SU_R_Cruickshank_DPI             ? 
_refine.pdbx_overall_SU_R_free_Cruickshank_DPI   ? 
_refine.pdbx_overall_SU_R_Blow_DPI               ? 
_refine.pdbx_overall_SU_R_free_Blow_DPI          ? 
# 
_refine_hist.pdbx_refine_id                   'X-RAY DIFFRACTION' 
_refine_hist.cycle_id                         LAST 
_refine_hist.pdbx_number_atoms_protein        803 
_refine_hist.pdbx_number_atoms_nucleic_acid   0 
_refine_hist.pdbx_number_atoms_ligand         43 
_refine_hist.number_atoms_solvent             91 
_refine_hist.number_atoms_total               937 
_refine_hist.d_res_high                       1.5 
_refine_hist.d_res_low                        . 
# 
_struct.entry_id                  5CYT 
_struct.title                     'REFINEMENT OF MYOGLOBIN AND CYTOCHROME C' 
_struct.pdbx_model_details        ? 
_struct.pdbx_CASP_flag            ? 
_struct.pdbx_model_type_details   ? 
# 
_struct_keywords.entry_id        5CYT 
_struct_keywords.pdbx_keywords   'ELECTRON TRANSPORT (HEME PROTEIN)' 
_struct_keywords.text            'ELECTRON TRANSPORT (HEME PROTEIN)' 
# 
loop_
_struct_asym.id 
_struct_asym.pdbx_blank_PDB_chainid_flag 
_struct_asym.pdbx_modified 
_struct_asym.entity_id 
_struct_asym.details 
A N N 1 ? 
B N N 2 ? 
C N N 3 ? 
# 
_struct_ref.id                         1 
_struct_ref.db_name                    UNP 
_struct_ref.db_code                    CYC_THUAA 
_struct_ref.pdbx_db_accession          P81459 
_struct_ref.entity_id                  1 
_struct_ref.pdbx_align_begin           1 
_struct_ref.pdbx_db_isoform            ? 
_struct_ref.pdbx_seq_one_letter_code   ? 
# 
_struct_ref_seq.align_id                      1 
_struct_ref_seq.ref_id                        1 
_struct_ref_seq.pdbx_PDB_id_code              5CYT 
_struct_ref_seq.pdbx_strand_id                R 
_struct_ref_seq.seq_align_beg                 2 
_struct_ref_seq.pdbx_seq_align_beg_ins_code   ? 
_struct_ref_seq.seq_align_end                 104 
_struct_ref_seq.pdbx_seq_align_end_ins_code   ? 
_struct_ref_seq.pdbx_db_accession             P81459 
_struct_ref_seq.db_align_beg                  1 
_struct_ref_seq.pdbx_db_align_beg_ins_code    ? 
_struct_ref_seq.db_align_end                  103 
_struct_ref_seq.pdbx_db_align_end_ins_code    ? 
_struct_ref_seq.pdbx_auth_seq_align_beg       1 
_struct_ref_seq.pdbx_auth_seq_align_end       103 
# 
loop_
_struct_ref_seq_dif.align_id 
_struct_ref_seq_dif.pdbx_pdb_id_code 
_struct_ref_seq_dif.mon_id 
_struct_ref_seq_dif.pdbx_pdb_strand_id 
_struct_ref_seq_dif.seq_num 
_struct_ref_seq_dif.pdbx_pdb_ins_code 
_struct_ref_seq_dif.pdbx_seq_db_name 
_struct_ref_seq_dif.pdbx_seq_db_accession_code 
_struct_ref_seq_dif.db_mon_id 
_struct_ref_seq_dif.pdbx_seq_db_seq_num 
_struct_ref_seq_dif.details 
_struct_ref_seq_dif.pdbx_auth_seq_num 
_struct_ref_seq_dif.pdbx_ordinal 
1 5CYT ASN R 62 ? UNP P81459 GLU 61 conflict 61 1 
1 5CYT ASP R 63 ? UNP P81459 ASN 62 conflict 62 2 
# 
_pdbx_struct_assembly.id                   1 
_pdbx_struct_assembly.details              author_defined_assembly 
_pdbx_struct_assembly.method_details       ? 
_pdbx_struct_assembly.oligomeric_details   monomeric 
_pdbx_struct_assembly.oligomeric_count     1 
# 
_pdbx_struct_assembly_gen.assembly_id       1 
_pdbx_struct_assembly_gen.oper_expression   1 
_pdbx_struct_assembly_gen.asym_id_list      A,B,C 
# 
_pdbx_struct_oper_list.id                   1 
_pdbx_struct_oper_list.type                 'identity operation' 
_pdbx_struct_oper_list.name                 1_555 
_pdbx_struct_oper_list.symmetry_operation   x,y,z 
_pdbx_struct_oper_list.matrix[1][1]         1.0000000000 
_pdbx_struct_oper_list.matrix[1][2]         0.0000000000 
_pdbx_struct_oper_list.matrix[1][3]         0.0000000000 
_pdbx_struct_oper_list.vector[1]            0.0000000000 
_pdbx_struct_oper_list.matrix[2][1]         0.0000000000 
_pdbx_struct_oper_list.matrix[2][2]         1.0000000000 
_pdbx_struct_oper_list.matrix[2][3]         0.0000000000 
_pdbx_struct_oper_list.vector[2]            0.0000000000 
_pdbx_struct_oper_list.matrix[3][1]         0.0000000000 
_pdbx_struct_oper_list.matrix[3][2]         0.0000000000 
_pdbx_struct_oper_list.matrix[3][3]         1.0000000000 
_pdbx_struct_oper_list.vector[3]            0.0000000000 
# 
_struct_biol.id   1 
# 
loop_
_struct_conf.conf_type_id 
_struct_conf.id 
_struct_conf.pdbx_PDB_helix_id 
_struct_conf.beg_label_comp_id 
_struct_conf.beg_label_asym_id 
_struct_conf.beg_label_seq_id 
_struct_conf.pdbx_beg_PDB_ins_code 
_struct_conf.end_label_comp_id 
_struct_conf.end_label_asym_id 
_struct_conf.end_label_seq_id 
_struct_conf.pdbx_end_PDB_ins_code 
_struct_conf.beg_auth_comp_id 
_struct_conf.beg_auth_asym_id 
_struct_conf.beg_auth_seq_id 
_struct_conf.end_auth_comp_id 
_struct_conf.end_auth_asym_id 
_struct_conf.end_auth_seq_id 
_struct_conf.pdbx_PDB_helix_class 
_struct_conf.details 
_struct_conf.pdbx_PDB_helix_length 
HELX_P HELX_P1 NR  ASP A 3  ? CYS A 15  ? ASP R 2  CYS R 14  1 ?                          13 
HELX_P HELX_P2 50R THR A 50 ? LYS A 56  ? THR R 49 LYS R 55  1 ?                          7  
HELX_P HELX_P3 60R ASN A 61 ? GLU A 70  ? ASN R 60 GLU R 69  1 ?                          10 
HELX_P HELX_P4 70R GLU A 70 ? ILE A 76  ? GLU R 69 ILE R 75  1 'INCOMPLETE DUE TO PRO 76' 7  
HELX_P HELX_P5 CR  LYS A 88 ? THR A 103 ? LYS R 87 THR R 102 1 ?                          16 
# 
_struct_conf_type.id          HELX_P 
_struct_conf_type.criteria    ? 
_struct_conf_type.reference   ? 
# 
loop_
_struct_conn.id 
_struct_conn.conn_type_id 
_struct_conn.pdbx_leaving_atom_flag 
_struct_conn.pdbx_PDB_id 
_struct_conn.ptnr1_label_asym_id 
_struct_conn.ptnr1_label_comp_id 
_struct_conn.ptnr1_label_seq_id 
_struct_conn.ptnr1_label_atom_id 
_struct_conn.pdbx_ptnr1_label_alt_id 
_struct_conn.pdbx_ptnr1_PDB_ins_code 
_struct_conn.pdbx_ptnr1_standard_comp_id 
_struct_conn.ptnr1_symmetry 
_struct_conn.ptnr2_label_asym_id 
_struct_conn.ptnr2_label_comp_id 
_struct_conn.ptnr2_label_seq_id 
_struct_conn.ptnr2_label_atom_id 
_struct_conn.pdbx_ptnr2_label_alt_id 
_struct_conn.pdbx_ptnr2_PDB_ins_code 
_struct_conn.ptnr1_auth_asym_id 
_struct_conn.ptnr1_auth_comp_id 
_struct_conn.ptnr1_auth_seq_id 
_struct_conn.ptnr2_auth_asym_id 
_struct_conn.ptnr2_auth_comp_id 
_struct_conn.ptnr2_auth_seq_id 
_struct_conn.ptnr2_symmetry 
_struct_conn.pdbx_ptnr3_label_atom_id 
_struct_conn.pdbx_ptnr3_label_seq_id 
_struct_conn.pdbx_ptnr3_label_comp_id 
_struct_conn.pdbx_ptnr3_label_asym_id 
_struct_conn.pdbx_ptnr3_label_alt_id 
_struct_conn.pdbx_ptnr3_PDB_ins_code 
_struct_conn.details 
_struct_conn.pdbx_dist_value 
_struct_conn.pdbx_value_order 
_struct_conn.pdbx_role 
covale1 covale both ? A ACE 1  C   ? ? ? 1_555 A GLY 2 N   ? ? R ACE 0  R GLY 1   1_555 ? ? ? ? ? ? ? 1.343 ? ? 
covale2 covale none ? A CYS 15 SG  ? ? ? 1_555 B HEC . CAB ? ? R CYS 14 R HEC 105 1_555 ? ? ? ? ? ? ? 1.820 ? ? 
covale3 covale none ? A CYS 18 SG  ? ? ? 1_555 B HEC . CAC ? ? R CYS 17 R HEC 105 1_555 ? ? ? ? ? ? ? 1.836 ? ? 
metalc1 metalc ?    ? A HIS 19 NE2 ? ? ? 1_555 B HEC . FE  ? ? R HIS 18 R HEC 105 1_555 ? ? ? ? ? ? ? 1.978 ? ? 
metalc2 metalc ?    ? A MET 81 SD  ? ? ? 1_555 B HEC . FE  ? ? R MET 80 R HEC 105 1_555 ? ? ? ? ? ? ? 2.308 ? ? 
# 
loop_
_struct_conn_type.id 
_struct_conn_type.criteria 
_struct_conn_type.reference 
covale ? ? 
metalc ? ? 
# 
loop_
_pdbx_struct_conn_angle.id 
_pdbx_struct_conn_angle.ptnr1_label_atom_id 
_pdbx_struct_conn_angle.ptnr1_label_alt_id 
_pdbx_struct_conn_angle.ptnr1_label_asym_id 
_pdbx_struct_conn_angle.ptnr1_label_comp_id 
_pdbx_struct_conn_angle.ptnr1_label_seq_id 
_pdbx_struct_conn_angle.ptnr1_auth_atom_id 
_pdbx_struct_conn_angle.ptnr1_auth_asym_id 
_pdbx_struct_conn_angle.ptnr1_auth_comp_id 
_pdbx_struct_conn_angle.ptnr1_auth_seq_id 
_pdbx_struct_conn_angle.ptnr1_PDB_ins_code 
_pdbx_struct_conn_angle.ptnr1_symmetry 
_pdbx_struct_conn_angle.ptnr2_label_atom_id 
_pdbx_struct_conn_angle.ptnr2_label_alt_id 
_pdbx_struct_conn_angle.ptnr2_label_asym_id 
_pdbx_struct_conn_angle.ptnr2_label_comp_id 
_pdbx_struct_conn_angle.ptnr2_label_seq_id 
_pdbx_struct_conn_angle.ptnr2_auth_atom_id 
_pdbx_struct_conn_angle.ptnr2_auth_asym_id 
_pdbx_struct_conn_angle.ptnr2_auth_comp_id 
_pdbx_struct_conn_angle.ptnr2_auth_seq_id 
_pdbx_struct_conn_angle.ptnr2_PDB_ins_code 
_pdbx_struct_conn_angle.ptnr2_symmetry 
_pdbx_struct_conn_angle.ptnr3_label_atom_id 
_pdbx_struct_conn_angle.ptnr3_label_alt_id 
_pdbx_struct_conn_angle.ptnr3_label_asym_id 
_pdbx_struct_conn_angle.ptnr3_label_comp_id 
_pdbx_struct_conn_angle.ptnr3_label_seq_id 
_pdbx_struct_conn_angle.ptnr3_auth_atom_id 
_pdbx_struct_conn_angle.ptnr3_auth_asym_id 
_pdbx_struct_conn_angle.ptnr3_auth_comp_id 
_pdbx_struct_conn_angle.ptnr3_auth_seq_id 
_pdbx_struct_conn_angle.ptnr3_PDB_ins_code 
_pdbx_struct_conn_angle.ptnr3_symmetry 
_pdbx_struct_conn_angle.value 
_pdbx_struct_conn_angle.value_esd 
1  NE2 ? A HIS 19 ? R HIS 18  ? 1_555 FE ? B HEC . ? R HEC 105 ? 1_555 NA ? B HEC .  ? R HEC 105 ? 1_555 88.2  ? 
2  NE2 ? A HIS 19 ? R HIS 18  ? 1_555 FE ? B HEC . ? R HEC 105 ? 1_555 NB ? B HEC .  ? R HEC 105 ? 1_555 87.2  ? 
3  NA  ? B HEC .  ? R HEC 105 ? 1_555 FE ? B HEC . ? R HEC 105 ? 1_555 NB ? B HEC .  ? R HEC 105 ? 1_555 90.5  ? 
4  NE2 ? A HIS 19 ? R HIS 18  ? 1_555 FE ? B HEC . ? R HEC 105 ? 1_555 NC ? B HEC .  ? R HEC 105 ? 1_555 92.9  ? 
5  NA  ? B HEC .  ? R HEC 105 ? 1_555 FE ? B HEC . ? R HEC 105 ? 1_555 NC ? B HEC .  ? R HEC 105 ? 1_555 178.9 ? 
6  NB  ? B HEC .  ? R HEC 105 ? 1_555 FE ? B HEC . ? R HEC 105 ? 1_555 NC ? B HEC .  ? R HEC 105 ? 1_555 89.3  ? 
7  NE2 ? A HIS 19 ? R HIS 18  ? 1_555 FE ? B HEC . ? R HEC 105 ? 1_555 ND ? B HEC .  ? R HEC 105 ? 1_555 88.2  ? 
8  NA  ? B HEC .  ? R HEC 105 ? 1_555 FE ? B HEC . ? R HEC 105 ? 1_555 ND ? B HEC .  ? R HEC 105 ? 1_555 90.8  ? 
9  NB  ? B HEC .  ? R HEC 105 ? 1_555 FE ? B HEC . ? R HEC 105 ? 1_555 ND ? B HEC .  ? R HEC 105 ? 1_555 175.2 ? 
10 NC  ? B HEC .  ? R HEC 105 ? 1_555 FE ? B HEC . ? R HEC 105 ? 1_555 ND ? B HEC .  ? R HEC 105 ? 1_555 89.5  ? 
11 NE2 ? A HIS 19 ? R HIS 18  ? 1_555 FE ? B HEC . ? R HEC 105 ? 1_555 SD ? A MET 81 ? R MET 80  ? 1_555 174.7 ? 
12 NA  ? B HEC .  ? R HEC 105 ? 1_555 FE ? B HEC . ? R HEC 105 ? 1_555 SD ? A MET 81 ? R MET 80  ? 1_555 87.1  ? 
13 NB  ? B HEC .  ? R HEC 105 ? 1_555 FE ? B HEC . ? R HEC 105 ? 1_555 SD ? A MET 81 ? R MET 80  ? 1_555 95.3  ? 
14 NC  ? B HEC .  ? R HEC 105 ? 1_555 FE ? B HEC . ? R HEC 105 ? 1_555 SD ? A MET 81 ? R MET 80  ? 1_555 91.8  ? 
15 ND  ? B HEC .  ? R HEC 105 ? 1_555 FE ? B HEC . ? R HEC 105 ? 1_555 SD ? A MET 81 ? R MET 80  ? 1_555 89.4  ? 
# 
loop_
_pdbx_modification_feature.ordinal 
_pdbx_modification_feature.label_comp_id 
_pdbx_modification_feature.label_asym_id 
_pdbx_modification_feature.label_seq_id 
_pdbx_modification_feature.label_alt_id 
_pdbx_modification_feature.modified_residue_label_comp_id 
_pdbx_modification_feature.modified_residue_label_asym_id 
_pdbx_modification_feature.modified_residue_label_seq_id 
_pdbx_modification_feature.modified_residue_label_alt_id 
_pdbx_modification_feature.auth_comp_id 
_pdbx_modification_feature.auth_asym_id 
_pdbx_modification_feature.auth_seq_id 
_pdbx_modification_feature.PDB_ins_code 
_pdbx_modification_feature.symmetry 
_pdbx_modification_feature.modified_residue_auth_comp_id 
_pdbx_modification_feature.modified_residue_auth_asym_id 
_pdbx_modification_feature.modified_residue_auth_seq_id 
_pdbx_modification_feature.modified_residue_PDB_ins_code 
_pdbx_modification_feature.modified_residue_symmetry 
_pdbx_modification_feature.comp_id_linking_atom 
_pdbx_modification_feature.modified_residue_id_linking_atom 
_pdbx_modification_feature.modified_residue_id 
_pdbx_modification_feature.ref_pcm_id 
_pdbx_modification_feature.ref_comp_id 
_pdbx_modification_feature.type 
_pdbx_modification_feature.category 
1 ACE A 1 ? GLY A 2  ? ACE R 0   ? 1_555 GLY R 1  ? 1_555 .   .  GLY 12 ACE None 'Terminal acetylation' 
2 HEC B . ? CYS A 15 ? HEC R 105 ? 1_555 CYS R 14 ? 1_555 CAB SG CYS 2  HEC None Heme/heme-like         
3 HEC B . ? CYS A 18 ? HEC R 105 ? 1_555 CYS R 17 ? 1_555 CAC SG CYS 3  HEC None Heme/heme-like         
# 
_struct_site.id                   AC1 
_struct_site.pdbx_evidence_code   Software 
_struct_site.pdbx_auth_asym_id    R 
_struct_site.pdbx_auth_comp_id    HEC 
_struct_site.pdbx_auth_seq_id     105 
_struct_site.pdbx_auth_ins_code   ? 
_struct_site.pdbx_num_residues    22 
_struct_site.details              'BINDING SITE FOR RESIDUE HEC R 105' 
# 
loop_
_struct_site_gen.id 
_struct_site_gen.site_id 
_struct_site_gen.pdbx_num_res 
_struct_site_gen.label_comp_id 
_struct_site_gen.label_asym_id 
_struct_site_gen.label_seq_id 
_struct_site_gen.pdbx_auth_ins_code 
_struct_site_gen.auth_comp_id 
_struct_site_gen.auth_asym_id 
_struct_site_gen.auth_seq_id 
_struct_site_gen.label_atom_id 
_struct_site_gen.label_alt_id 
_struct_site_gen.symmetry 
_struct_site_gen.details 
1  AC1 22 VAL A 12 ? VAL R 11  . ? 4_546 ? 
2  AC1 22 LYS A 14 ? LYS R 13  . ? 1_555 ? 
3  AC1 22 CYS A 15 ? CYS R 14  . ? 1_555 ? 
4  AC1 22 GLN A 17 ? GLN R 16  . ? 1_555 ? 
5  AC1 22 CYS A 18 ? CYS R 17  . ? 1_555 ? 
6  AC1 22 HIS A 19 ? HIS R 18  . ? 1_555 ? 
7  AC1 22 GLY A 30 ? GLY R 29  . ? 1_555 ? 
8  AC1 22 PRO A 31 ? PRO R 30  . ? 1_555 ? 
9  AC1 22 ARG A 39 ? ARG R 38  . ? 1_555 ? 
10 AC1 22 GLY A 42 ? GLY R 41  . ? 1_555 ? 
11 AC1 22 TYR A 47 ? TYR R 46  . ? 1_555 ? 
12 AC1 22 TYR A 49 ? TYR R 48  . ? 1_555 ? 
13 AC1 22 THR A 50 ? THR R 49  . ? 1_555 ? 
14 AC1 22 ASN A 53 ? ASN R 52  . ? 1_555 ? 
15 AC1 22 TRP A 60 ? TRP R 59  . ? 1_555 ? 
16 AC1 22 TYR A 68 ? TYR R 67  . ? 1_555 ? 
17 AC1 22 THR A 79 ? THR R 78  . ? 1_555 ? 
18 AC1 22 LYS A 80 ? LYS R 79  . ? 1_555 ? 
19 AC1 22 MET A 81 ? MET R 80  . ? 1_555 ? 
20 AC1 22 PHE A 83 ? PHE R 82  . ? 1_555 ? 
21 AC1 22 LEU A 95 ? LEU R 94  . ? 1_555 ? 
22 AC1 22 HOH C .  ? HOH R 129 . ? 1_555 ? 
# 
_pdbx_entry_details.entry_id                   5CYT 
_pdbx_entry_details.compound_details           ? 
_pdbx_entry_details.source_details             ? 
_pdbx_entry_details.nonpolymer_details         ? 
_pdbx_entry_details.sequence_details           ? 
_pdbx_entry_details.has_ligand_of_interest     ? 
_pdbx_entry_details.has_protein_modification   Y 
# 
loop_
_pdbx_validate_close_contact.id 
_pdbx_validate_close_contact.PDB_model_num 
_pdbx_validate_close_contact.auth_atom_id_1 
_pdbx_validate_close_contact.auth_asym_id_1 
_pdbx_validate_close_contact.auth_comp_id_1 
_pdbx_validate_close_contact.auth_seq_id_1 
_pdbx_validate_close_contact.PDB_ins_code_1 
_pdbx_validate_close_contact.label_alt_id_1 
_pdbx_validate_close_contact.auth_atom_id_2 
_pdbx_validate_close_contact.auth_asym_id_2 
_pdbx_validate_close_contact.auth_comp_id_2 
_pdbx_validate_close_contact.auth_seq_id_2 
_pdbx_validate_close_contact.PDB_ins_code_2 
_pdbx_validate_close_contact.label_alt_id_2 
_pdbx_validate_close_contact.dist 
1 1 CB  R SER 54  ? ? O R HOH 177 ? ? 1.35 
2 1 O   R HOH 122 ? ? O R HOH 184 ? ? 1.96 
3 1 OE1 R GLU 21  ? ? O R HOH 189 ? ? 1.98 
# 
_pdbx_validate_symm_contact.id                1 
_pdbx_validate_symm_contact.PDB_model_num     1 
_pdbx_validate_symm_contact.auth_atom_id_1    NZ 
_pdbx_validate_symm_contact.auth_asym_id_1    R 
_pdbx_validate_symm_contact.auth_comp_id_1    LYS 
_pdbx_validate_symm_contact.auth_seq_id_1     88 
_pdbx_validate_symm_contact.PDB_ins_code_1    ? 
_pdbx_validate_symm_contact.label_alt_id_1    ? 
_pdbx_validate_symm_contact.site_symmetry_1   1_555 
_pdbx_validate_symm_contact.auth_atom_id_2    NZ 
_pdbx_validate_symm_contact.auth_asym_id_2    R 
_pdbx_validate_symm_contact.auth_comp_id_2    LYS 
_pdbx_validate_symm_contact.auth_seq_id_2     88 
_pdbx_validate_symm_contact.PDB_ins_code_2    ? 
_pdbx_validate_symm_contact.label_alt_id_2    ? 
_pdbx_validate_symm_contact.site_symmetry_2   2_555 
_pdbx_validate_symm_contact.dist              1.15 
# 
loop_
_pdbx_validate_rmsd_bond.id 
_pdbx_validate_rmsd_bond.PDB_model_num 
_pdbx_validate_rmsd_bond.auth_atom_id_1 
_pdbx_validate_rmsd_bond.auth_asym_id_1 
_pdbx_validate_rmsd_bond.auth_comp_id_1 
_pdbx_validate_rmsd_bond.auth_seq_id_1 
_pdbx_validate_rmsd_bond.PDB_ins_code_1 
_pdbx_validate_rmsd_bond.label_alt_id_1 
_pdbx_validate_rmsd_bond.auth_atom_id_2 
_pdbx_validate_rmsd_bond.auth_asym_id_2 
_pdbx_validate_rmsd_bond.auth_comp_id_2 
_pdbx_validate_rmsd_bond.auth_seq_id_2 
_pdbx_validate_rmsd_bond.PDB_ins_code_2 
_pdbx_validate_rmsd_bond.label_alt_id_2 
_pdbx_validate_rmsd_bond.bond_value 
_pdbx_validate_rmsd_bond.bond_target_value 
_pdbx_validate_rmsd_bond.bond_deviation 
_pdbx_validate_rmsd_bond.bond_standard_deviation 
_pdbx_validate_rmsd_bond.linker_flag 
1 1 NE1 R TRP 33 ? ? CE2 R TRP 33 ? ? 1.280 1.371 -0.091 0.013 N 
2 1 NE1 R TRP 59 ? ? CE2 R TRP 59 ? ? 1.286 1.371 -0.085 0.013 N 
# 
loop_
_pdbx_validate_rmsd_angle.id 
_pdbx_validate_rmsd_angle.PDB_model_num 
_pdbx_validate_rmsd_angle.auth_atom_id_1 
_pdbx_validate_rmsd_angle.auth_asym_id_1 
_pdbx_validate_rmsd_angle.auth_comp_id_1 
_pdbx_validate_rmsd_angle.auth_seq_id_1 
_pdbx_validate_rmsd_angle.PDB_ins_code_1 
_pdbx_validate_rmsd_angle.label_alt_id_1 
_pdbx_validate_rmsd_angle.auth_atom_id_2 
_pdbx_validate_rmsd_angle.auth_asym_id_2 
_pdbx_validate_rmsd_angle.auth_comp_id_2 
_pdbx_validate_rmsd_angle.auth_seq_id_2 
_pdbx_validate_rmsd_angle.PDB_ins_code_2 
_pdbx_validate_rmsd_angle.label_alt_id_2 
_pdbx_validate_rmsd_angle.auth_atom_id_3 
_pdbx_validate_rmsd_angle.auth_asym_id_3 
_pdbx_validate_rmsd_angle.auth_comp_id_3 
_pdbx_validate_rmsd_angle.auth_seq_id_3 
_pdbx_validate_rmsd_angle.PDB_ins_code_3 
_pdbx_validate_rmsd_angle.label_alt_id_3 
_pdbx_validate_rmsd_angle.angle_value 
_pdbx_validate_rmsd_angle.angle_target_value 
_pdbx_validate_rmsd_angle.angle_deviation 
_pdbx_validate_rmsd_angle.angle_standard_deviation 
_pdbx_validate_rmsd_angle.linker_flag 
1 1 NE R ARG 38 ? ? CZ R ARG 38 ? ? NH2 R ARG 38 ? ? 123.42 120.30 3.12  0.50 N 
2 1 NE R ARG 91 ? ? CZ R ARG 91 ? ? NH1 R ARG 91 ? ? 124.39 120.30 4.09  0.50 N 
3 1 NE R ARG 91 ? ? CZ R ARG 91 ? ? NH2 R ARG 91 ? ? 116.01 120.30 -4.29 0.50 N 
# 
loop_
_pdbx_validate_torsion.id 
_pdbx_validate_torsion.PDB_model_num 
_pdbx_validate_torsion.auth_comp_id 
_pdbx_validate_torsion.auth_asym_id 
_pdbx_validate_torsion.auth_seq_id 
_pdbx_validate_torsion.PDB_ins_code 
_pdbx_validate_torsion.label_alt_id 
_pdbx_validate_torsion.phi 
_pdbx_validate_torsion.psi 
1 1 VAL R 28 ? ? -133.99 -49.09 
2 1 ASN R 70 ? ? -161.29 83.39  
# 
_pdbx_validate_main_chain_plane.id                       1 
_pdbx_validate_main_chain_plane.PDB_model_num            1 
_pdbx_validate_main_chain_plane.auth_comp_id             LYS 
_pdbx_validate_main_chain_plane.auth_asym_id             R 
_pdbx_validate_main_chain_plane.auth_seq_id              25 
_pdbx_validate_main_chain_plane.PDB_ins_code             ? 
_pdbx_validate_main_chain_plane.label_alt_id             ? 
_pdbx_validate_main_chain_plane.improper_torsion_angle   -10.10 
# 
_pdbx_distant_solvent_atoms.id                                1 
_pdbx_distant_solvent_atoms.PDB_model_num                     1 
_pdbx_distant_solvent_atoms.auth_atom_id                      O 
_pdbx_distant_solvent_atoms.label_alt_id                      ? 
_pdbx_distant_solvent_atoms.auth_asym_id                      R 
_pdbx_distant_solvent_atoms.auth_comp_id                      HOH 
_pdbx_distant_solvent_atoms.auth_seq_id                       187 
_pdbx_distant_solvent_atoms.PDB_ins_code                      ? 
_pdbx_distant_solvent_atoms.neighbor_macromolecule_distance   10.63 
_pdbx_distant_solvent_atoms.neighbor_ligand_distance          . 
# 
loop_
_chem_comp_atom.comp_id 
_chem_comp_atom.atom_id 
_chem_comp_atom.type_symbol 
_chem_comp_atom.pdbx_aromatic_flag 
_chem_comp_atom.pdbx_stereo_config 
_chem_comp_atom.pdbx_ordinal 
ACE C    C  N N 1   
ACE O    O  N N 2   
ACE CH3  C  N N 3   
ACE H    H  N N 4   
ACE H1   H  N N 5   
ACE H2   H  N N 6   
ACE H3   H  N N 7   
ALA N    N  N N 8   
ALA CA   C  N S 9   
ALA C    C  N N 10  
ALA O    O  N N 11  
ALA CB   C  N N 12  
ALA OXT  O  N N 13  
ALA H    H  N N 14  
ALA H2   H  N N 15  
ALA HA   H  N N 16  
ALA HB1  H  N N 17  
ALA HB2  H  N N 18  
ALA HB3  H  N N 19  
ALA HXT  H  N N 20  
ARG N    N  N N 21  
ARG CA   C  N S 22  
ARG C    C  N N 23  
ARG O    O  N N 24  
ARG CB   C  N N 25  
ARG CG   C  N N 26  
ARG CD   C  N N 27  
ARG NE   N  N N 28  
ARG CZ   C  N N 29  
ARG NH1  N  N N 30  
ARG NH2  N  N N 31  
ARG OXT  O  N N 32  
ARG H    H  N N 33  
ARG H2   H  N N 34  
ARG HA   H  N N 35  
ARG HB2  H  N N 36  
ARG HB3  H  N N 37  
ARG HG2  H  N N 38  
ARG HG3  H  N N 39  
ARG HD2  H  N N 40  
ARG HD3  H  N N 41  
ARG HE   H  N N 42  
ARG HH11 H  N N 43  
ARG HH12 H  N N 44  
ARG HH21 H  N N 45  
ARG HH22 H  N N 46  
ARG HXT  H  N N 47  
ASN N    N  N N 48  
ASN CA   C  N S 49  
ASN C    C  N N 50  
ASN O    O  N N 51  
ASN CB   C  N N 52  
ASN CG   C  N N 53  
ASN OD1  O  N N 54  
ASN ND2  N  N N 55  
ASN OXT  O  N N 56  
ASN H    H  N N 57  
ASN H2   H  N N 58  
ASN HA   H  N N 59  
ASN HB2  H  N N 60  
ASN HB3  H  N N 61  
ASN HD21 H  N N 62  
ASN HD22 H  N N 63  
ASN HXT  H  N N 64  
ASP N    N  N N 65  
ASP CA   C  N S 66  
ASP C    C  N N 67  
ASP O    O  N N 68  
ASP CB   C  N N 69  
ASP CG   C  N N 70  
ASP OD1  O  N N 71  
ASP OD2  O  N N 72  
ASP OXT  O  N N 73  
ASP H    H  N N 74  
ASP H2   H  N N 75  
ASP HA   H  N N 76  
ASP HB2  H  N N 77  
ASP HB3  H  N N 78  
ASP HD2  H  N N 79  
ASP HXT  H  N N 80  
CYS N    N  N N 81  
CYS CA   C  N R 82  
CYS C    C  N N 83  
CYS O    O  N N 84  
CYS CB   C  N N 85  
CYS SG   S  N N 86  
CYS OXT  O  N N 87  
CYS H    H  N N 88  
CYS H2   H  N N 89  
CYS HA   H  N N 90  
CYS HB2  H  N N 91  
CYS HB3  H  N N 92  
CYS HG   H  N N 93  
CYS HXT  H  N N 94  
GLN N    N  N N 95  
GLN CA   C  N S 96  
GLN C    C  N N 97  
GLN O    O  N N 98  
GLN CB   C  N N 99  
GLN CG   C  N N 100 
GLN CD   C  N N 101 
GLN OE1  O  N N 102 
GLN NE2  N  N N 103 
GLN OXT  O  N N 104 
GLN H    H  N N 105 
GLN H2   H  N N 106 
GLN HA   H  N N 107 
GLN HB2  H  N N 108 
GLN HB3  H  N N 109 
GLN HG2  H  N N 110 
GLN HG3  H  N N 111 
GLN HE21 H  N N 112 
GLN HE22 H  N N 113 
GLN HXT  H  N N 114 
GLU N    N  N N 115 
GLU CA   C  N S 116 
GLU C    C  N N 117 
GLU O    O  N N 118 
GLU CB   C  N N 119 
GLU CG   C  N N 120 
GLU CD   C  N N 121 
GLU OE1  O  N N 122 
GLU OE2  O  N N 123 
GLU OXT  O  N N 124 
GLU H    H  N N 125 
GLU H2   H  N N 126 
GLU HA   H  N N 127 
GLU HB2  H  N N 128 
GLU HB3  H  N N 129 
GLU HG2  H  N N 130 
GLU HG3  H  N N 131 
GLU HE2  H  N N 132 
GLU HXT  H  N N 133 
GLY N    N  N N 134 
GLY CA   C  N N 135 
GLY C    C  N N 136 
GLY O    O  N N 137 
GLY OXT  O  N N 138 
GLY H    H  N N 139 
GLY H2   H  N N 140 
GLY HA2  H  N N 141 
GLY HA3  H  N N 142 
GLY HXT  H  N N 143 
HEC FE   FE N N 144 
HEC CHA  C  N N 145 
HEC CHB  C  N N 146 
HEC CHC  C  N N 147 
HEC CHD  C  N N 148 
HEC NA   N  Y N 149 
HEC C1A  C  Y N 150 
HEC C2A  C  Y N 151 
HEC C3A  C  Y N 152 
HEC C4A  C  Y N 153 
HEC CMA  C  N N 154 
HEC CAA  C  N N 155 
HEC CBA  C  N N 156 
HEC CGA  C  N N 157 
HEC O1A  O  N N 158 
HEC O2A  O  N N 159 
HEC NB   N  Y N 160 
HEC C1B  C  Y N 161 
HEC C2B  C  Y N 162 
HEC C3B  C  Y N 163 
HEC C4B  C  Y N 164 
HEC CMB  C  N N 165 
HEC CAB  C  N N 166 
HEC CBB  C  N N 167 
HEC NC   N  Y N 168 
HEC C1C  C  Y N 169 
HEC C2C  C  Y N 170 
HEC C3C  C  Y N 171 
HEC C4C  C  Y N 172 
HEC CMC  C  N N 173 
HEC CAC  C  N N 174 
HEC CBC  C  N N 175 
HEC ND   N  Y N 176 
HEC C1D  C  Y N 177 
HEC C2D  C  Y N 178 
HEC C3D  C  Y N 179 
HEC C4D  C  Y N 180 
HEC CMD  C  N N 181 
HEC CAD  C  N N 182 
HEC CBD  C  N N 183 
HEC CGD  C  N N 184 
HEC O1D  O  N N 185 
HEC O2D  O  N N 186 
HEC HHA  H  N N 187 
HEC HHB  H  N N 188 
HEC HHC  H  N N 189 
HEC HHD  H  N N 190 
HEC HMA1 H  N N 191 
HEC HMA2 H  N N 192 
HEC HMA3 H  N N 193 
HEC HAA1 H  N N 194 
HEC HAA2 H  N N 195 
HEC HBA1 H  N N 196 
HEC HBA2 H  N N 197 
HEC H2A  H  N N 198 
HEC HMB1 H  N N 199 
HEC HMB2 H  N N 200 
HEC HMB3 H  N N 201 
HEC HAB  H  N N 202 
HEC HBB1 H  N N 203 
HEC HBB2 H  N N 204 
HEC HBB3 H  N N 205 
HEC HMC1 H  N N 206 
HEC HMC2 H  N N 207 
HEC HMC3 H  N N 208 
HEC HAC  H  N N 209 
HEC HBC1 H  N N 210 
HEC HBC2 H  N N 211 
HEC HBC3 H  N N 212 
HEC HMD1 H  N N 213 
HEC HMD2 H  N N 214 
HEC HMD3 H  N N 215 
HEC HAD1 H  N N 216 
HEC HAD2 H  N N 217 
HEC HBD1 H  N N 218 
HEC HBD2 H  N N 219 
HEC H2D  H  N N 220 
HIS N    N  N N 221 
HIS CA   C  N S 222 
HIS C    C  N N 223 
HIS O    O  N N 224 
HIS CB   C  N N 225 
HIS CG   C  Y N 226 
HIS ND1  N  Y N 227 
HIS CD2  C  Y N 228 
HIS CE1  C  Y N 229 
HIS NE2  N  Y N 230 
HIS OXT  O  N N 231 
HIS H    H  N N 232 
HIS H2   H  N N 233 
HIS HA   H  N N 234 
HIS HB2  H  N N 235 
HIS HB3  H  N N 236 
HIS HD1  H  N N 237 
HIS HD2  H  N N 238 
HIS HE1  H  N N 239 
HIS HE2  H  N N 240 
HIS HXT  H  N N 241 
HOH O    O  N N 242 
HOH H1   H  N N 243 
HOH H2   H  N N 244 
ILE N    N  N N 245 
ILE CA   C  N S 246 
ILE C    C  N N 247 
ILE O    O  N N 248 
ILE CB   C  N S 249 
ILE CG1  C  N N 250 
ILE CG2  C  N N 251 
ILE CD1  C  N N 252 
ILE OXT  O  N N 253 
ILE H    H  N N 254 
ILE H2   H  N N 255 
ILE HA   H  N N 256 
ILE HB   H  N N 257 
ILE HG12 H  N N 258 
ILE HG13 H  N N 259 
ILE HG21 H  N N 260 
ILE HG22 H  N N 261 
ILE HG23 H  N N 262 
ILE HD11 H  N N 263 
ILE HD12 H  N N 264 
ILE HD13 H  N N 265 
ILE HXT  H  N N 266 
LEU N    N  N N 267 
LEU CA   C  N S 268 
LEU C    C  N N 269 
LEU O    O  N N 270 
LEU CB   C  N N 271 
LEU CG   C  N N 272 
LEU CD1  C  N N 273 
LEU CD2  C  N N 274 
LEU OXT  O  N N 275 
LEU H    H  N N 276 
LEU H2   H  N N 277 
LEU HA   H  N N 278 
LEU HB2  H  N N 279 
LEU HB3  H  N N 280 
LEU HG   H  N N 281 
LEU HD11 H  N N 282 
LEU HD12 H  N N 283 
LEU HD13 H  N N 284 
LEU HD21 H  N N 285 
LEU HD22 H  N N 286 
LEU HD23 H  N N 287 
LEU HXT  H  N N 288 
LYS N    N  N N 289 
LYS CA   C  N S 290 
LYS C    C  N N 291 
LYS O    O  N N 292 
LYS CB   C  N N 293 
LYS CG   C  N N 294 
LYS CD   C  N N 295 
LYS CE   C  N N 296 
LYS NZ   N  N N 297 
LYS OXT  O  N N 298 
LYS H    H  N N 299 
LYS H2   H  N N 300 
LYS HA   H  N N 301 
LYS HB2  H  N N 302 
LYS HB3  H  N N 303 
LYS HG2  H  N N 304 
LYS HG3  H  N N 305 
LYS HD2  H  N N 306 
LYS HD3  H  N N 307 
LYS HE2  H  N N 308 
LYS HE3  H  N N 309 
LYS HZ1  H  N N 310 
LYS HZ2  H  N N 311 
LYS HZ3  H  N N 312 
LYS HXT  H  N N 313 
MET N    N  N N 314 
MET CA   C  N S 315 
MET C    C  N N 316 
MET O    O  N N 317 
MET CB   C  N N 318 
MET CG   C  N N 319 
MET SD   S  N N 320 
MET CE   C  N N 321 
MET OXT  O  N N 322 
MET H    H  N N 323 
MET H2   H  N N 324 
MET HA   H  N N 325 
MET HB2  H  N N 326 
MET HB3  H  N N 327 
MET HG2  H  N N 328 
MET HG3  H  N N 329 
MET HE1  H  N N 330 
MET HE2  H  N N 331 
MET HE3  H  N N 332 
MET HXT  H  N N 333 
PHE N    N  N N 334 
PHE CA   C  N S 335 
PHE C    C  N N 336 
PHE O    O  N N 337 
PHE CB   C  N N 338 
PHE CG   C  Y N 339 
PHE CD1  C  Y N 340 
PHE CD2  C  Y N 341 
PHE CE1  C  Y N 342 
PHE CE2  C  Y N 343 
PHE CZ   C  Y N 344 
PHE OXT  O  N N 345 
PHE H    H  N N 346 
PHE H2   H  N N 347 
PHE HA   H  N N 348 
PHE HB2  H  N N 349 
PHE HB3  H  N N 350 
PHE HD1  H  N N 351 
PHE HD2  H  N N 352 
PHE HE1  H  N N 353 
PHE HE2  H  N N 354 
PHE HZ   H  N N 355 
PHE HXT  H  N N 356 
PRO N    N  N N 357 
PRO CA   C  N S 358 
PRO C    C  N N 359 
PRO O    O  N N 360 
PRO CB   C  N N 361 
PRO CG   C  N N 362 
PRO CD   C  N N 363 
PRO OXT  O  N N 364 
PRO H    H  N N 365 
PRO HA   H  N N 366 
PRO HB2  H  N N 367 
PRO HB3  H  N N 368 
PRO HG2  H  N N 369 
PRO HG3  H  N N 370 
PRO HD2  H  N N 371 
PRO HD3  H  N N 372 
PRO HXT  H  N N 373 
SER N    N  N N 374 
SER CA   C  N S 375 
SER C    C  N N 376 
SER O    O  N N 377 
SER CB   C  N N 378 
SER OG   O  N N 379 
SER OXT  O  N N 380 
SER H    H  N N 381 
SER H2   H  N N 382 
SER HA   H  N N 383 
SER HB2  H  N N 384 
SER HB3  H  N N 385 
SER HG   H  N N 386 
SER HXT  H  N N 387 
THR N    N  N N 388 
THR CA   C  N S 389 
THR C    C  N N 390 
THR O    O  N N 391 
THR CB   C  N R 392 
THR OG1  O  N N 393 
THR CG2  C  N N 394 
THR OXT  O  N N 395 
THR H    H  N N 396 
THR H2   H  N N 397 
THR HA   H  N N 398 
THR HB   H  N N 399 
THR HG1  H  N N 400 
THR HG21 H  N N 401 
THR HG22 H  N N 402 
THR HG23 H  N N 403 
THR HXT  H  N N 404 
TRP N    N  N N 405 
TRP CA   C  N S 406 
TRP C    C  N N 407 
TRP O    O  N N 408 
TRP CB   C  N N 409 
TRP CG   C  Y N 410 
TRP CD1  C  Y N 411 
TRP CD2  C  Y N 412 
TRP NE1  N  Y N 413 
TRP CE2  C  Y N 414 
TRP CE3  C  Y N 415 
TRP CZ2  C  Y N 416 
TRP CZ3  C  Y N 417 
TRP CH2  C  Y N 418 
TRP OXT  O  N N 419 
TRP H    H  N N 420 
TRP H2   H  N N 421 
TRP HA   H  N N 422 
TRP HB2  H  N N 423 
TRP HB3  H  N N 424 
TRP HD1  H  N N 425 
TRP HE1  H  N N 426 
TRP HE3  H  N N 427 
TRP HZ2  H  N N 428 
TRP HZ3  H  N N 429 
TRP HH2  H  N N 430 
TRP HXT  H  N N 431 
TYR N    N  N N 432 
TYR CA   C  N S 433 
TYR C    C  N N 434 
TYR O    O  N N 435 
TYR CB   C  N N 436 
TYR CG   C  Y N 437 
TYR CD1  C  Y N 438 
TYR CD2  C  Y N 439 
TYR CE1  C  Y N 440 
TYR CE2  C  Y N 441 
TYR CZ   C  Y N 442 
TYR OH   O  N N 443 
TYR OXT  O  N N 444 
TYR H    H  N N 445 
TYR H2   H  N N 446 
TYR HA   H  N N 447 
TYR HB2  H  N N 448 
TYR HB3  H  N N 449 
TYR HD1  H  N N 450 
TYR HD2  H  N N 451 
TYR HE1  H  N N 452 
TYR HE2  H  N N 453 
TYR HH   H  N N 454 
TYR HXT  H  N N 455 
VAL N    N  N N 456 
VAL CA   C  N S 457 
VAL C    C  N N 458 
VAL O    O  N N 459 
VAL CB   C  N N 460 
VAL CG1  C  N N 461 
VAL CG2  C  N N 462 
VAL OXT  O  N N 463 
VAL H    H  N N 464 
VAL H2   H  N N 465 
VAL HA   H  N N 466 
VAL HB   H  N N 467 
VAL HG11 H  N N 468 
VAL HG12 H  N N 469 
VAL HG13 H  N N 470 
VAL HG21 H  N N 471 
VAL HG22 H  N N 472 
VAL HG23 H  N N 473 
VAL HXT  H  N N 474 
# 
loop_
_chem_comp_bond.comp_id 
_chem_comp_bond.atom_id_1 
_chem_comp_bond.atom_id_2 
_chem_comp_bond.value_order 
_chem_comp_bond.pdbx_aromatic_flag 
_chem_comp_bond.pdbx_stereo_config 
_chem_comp_bond.pdbx_ordinal 
ACE C   O    doub N N 1   
ACE C   CH3  sing N N 2   
ACE C   H    sing N N 3   
ACE CH3 H1   sing N N 4   
ACE CH3 H2   sing N N 5   
ACE CH3 H3   sing N N 6   
ALA N   CA   sing N N 7   
ALA N   H    sing N N 8   
ALA N   H2   sing N N 9   
ALA CA  C    sing N N 10  
ALA CA  CB   sing N N 11  
ALA CA  HA   sing N N 12  
ALA C   O    doub N N 13  
ALA C   OXT  sing N N 14  
ALA CB  HB1  sing N N 15  
ALA CB  HB2  sing N N 16  
ALA CB  HB3  sing N N 17  
ALA OXT HXT  sing N N 18  
ARG N   CA   sing N N 19  
ARG N   H    sing N N 20  
ARG N   H2   sing N N 21  
ARG CA  C    sing N N 22  
ARG CA  CB   sing N N 23  
ARG CA  HA   sing N N 24  
ARG C   O    doub N N 25  
ARG C   OXT  sing N N 26  
ARG CB  CG   sing N N 27  
ARG CB  HB2  sing N N 28  
ARG CB  HB3  sing N N 29  
ARG CG  CD   sing N N 30  
ARG CG  HG2  sing N N 31  
ARG CG  HG3  sing N N 32  
ARG CD  NE   sing N N 33  
ARG CD  HD2  sing N N 34  
ARG CD  HD3  sing N N 35  
ARG NE  CZ   sing N N 36  
ARG NE  HE   sing N N 37  
ARG CZ  NH1  sing N N 38  
ARG CZ  NH2  doub N N 39  
ARG NH1 HH11 sing N N 40  
ARG NH1 HH12 sing N N 41  
ARG NH2 HH21 sing N N 42  
ARG NH2 HH22 sing N N 43  
ARG OXT HXT  sing N N 44  
ASN N   CA   sing N N 45  
ASN N   H    sing N N 46  
ASN N   H2   sing N N 47  
ASN CA  C    sing N N 48  
ASN CA  CB   sing N N 49  
ASN CA  HA   sing N N 50  
ASN C   O    doub N N 51  
ASN C   OXT  sing N N 52  
ASN CB  CG   sing N N 53  
ASN CB  HB2  sing N N 54  
ASN CB  HB3  sing N N 55  
ASN CG  OD1  doub N N 56  
ASN CG  ND2  sing N N 57  
ASN ND2 HD21 sing N N 58  
ASN ND2 HD22 sing N N 59  
ASN OXT HXT  sing N N 60  
ASP N   CA   sing N N 61  
ASP N   H    sing N N 62  
ASP N   H2   sing N N 63  
ASP CA  C    sing N N 64  
ASP CA  CB   sing N N 65  
ASP CA  HA   sing N N 66  
ASP C   O    doub N N 67  
ASP C   OXT  sing N N 68  
ASP CB  CG   sing N N 69  
ASP CB  HB2  sing N N 70  
ASP CB  HB3  sing N N 71  
ASP CG  OD1  doub N N 72  
ASP CG  OD2  sing N N 73  
ASP OD2 HD2  sing N N 74  
ASP OXT HXT  sing N N 75  
CYS N   CA   sing N N 76  
CYS N   H    sing N N 77  
CYS N   H2   sing N N 78  
CYS CA  C    sing N N 79  
CYS CA  CB   sing N N 80  
CYS CA  HA   sing N N 81  
CYS C   O    doub N N 82  
CYS C   OXT  sing N N 83  
CYS CB  SG   sing N N 84  
CYS CB  HB2  sing N N 85  
CYS CB  HB3  sing N N 86  
CYS SG  HG   sing N N 87  
CYS OXT HXT  sing N N 88  
GLN N   CA   sing N N 89  
GLN N   H    sing N N 90  
GLN N   H2   sing N N 91  
GLN CA  C    sing N N 92  
GLN CA  CB   sing N N 93  
GLN CA  HA   sing N N 94  
GLN C   O    doub N N 95  
GLN C   OXT  sing N N 96  
GLN CB  CG   sing N N 97  
GLN CB  HB2  sing N N 98  
GLN CB  HB3  sing N N 99  
GLN CG  CD   sing N N 100 
GLN CG  HG2  sing N N 101 
GLN CG  HG3  sing N N 102 
GLN CD  OE1  doub N N 103 
GLN CD  NE2  sing N N 104 
GLN NE2 HE21 sing N N 105 
GLN NE2 HE22 sing N N 106 
GLN OXT HXT  sing N N 107 
GLU N   CA   sing N N 108 
GLU N   H    sing N N 109 
GLU N   H2   sing N N 110 
GLU CA  C    sing N N 111 
GLU CA  CB   sing N N 112 
GLU CA  HA   sing N N 113 
GLU C   O    doub N N 114 
GLU C   OXT  sing N N 115 
GLU CB  CG   sing N N 116 
GLU CB  HB2  sing N N 117 
GLU CB  HB3  sing N N 118 
GLU CG  CD   sing N N 119 
GLU CG  HG2  sing N N 120 
GLU CG  HG3  sing N N 121 
GLU CD  OE1  doub N N 122 
GLU CD  OE2  sing N N 123 
GLU OE2 HE2  sing N N 124 
GLU OXT HXT  sing N N 125 
GLY N   CA   sing N N 126 
GLY N   H    sing N N 127 
GLY N   H2   sing N N 128 
GLY CA  C    sing N N 129 
GLY CA  HA2  sing N N 130 
GLY CA  HA3  sing N N 131 
GLY C   O    doub N N 132 
GLY C   OXT  sing N N 133 
GLY OXT HXT  sing N N 134 
HEC FE  NA   sing N N 135 
HEC FE  NB   sing N N 136 
HEC FE  NC   sing N N 137 
HEC FE  ND   sing N N 138 
HEC CHA C1A  doub N N 139 
HEC CHA C4D  sing N N 140 
HEC CHA HHA  sing N N 141 
HEC CHB C4A  doub N N 142 
HEC CHB C1B  sing N N 143 
HEC CHB HHB  sing N N 144 
HEC CHC C4B  doub N N 145 
HEC CHC C1C  sing N N 146 
HEC CHC HHC  sing N N 147 
HEC CHD C4C  doub N N 148 
HEC CHD C1D  sing N N 149 
HEC CHD HHD  sing N N 150 
HEC NA  C1A  sing Y N 151 
HEC NA  C4A  sing Y N 152 
HEC C1A C2A  sing Y N 153 
HEC C2A C3A  doub Y N 154 
HEC C2A CAA  sing N N 155 
HEC C3A C4A  sing Y N 156 
HEC C3A CMA  sing N N 157 
HEC CMA HMA1 sing N N 158 
HEC CMA HMA2 sing N N 159 
HEC CMA HMA3 sing N N 160 
HEC CAA CBA  sing N N 161 
HEC CAA HAA1 sing N N 162 
HEC CAA HAA2 sing N N 163 
HEC CBA CGA  sing N N 164 
HEC CBA HBA1 sing N N 165 
HEC CBA HBA2 sing N N 166 
HEC CGA O1A  doub N N 167 
HEC CGA O2A  sing N N 168 
HEC O2A H2A  sing N N 169 
HEC NB  C1B  sing Y N 170 
HEC NB  C4B  sing Y N 171 
HEC C1B C2B  doub Y N 172 
HEC C2B C3B  sing Y N 173 
HEC C2B CMB  sing N N 174 
HEC C3B C4B  sing Y N 175 
HEC C3B CAB  doub N E 176 
HEC CMB HMB1 sing N N 177 
HEC CMB HMB2 sing N N 178 
HEC CMB HMB3 sing N N 179 
HEC CAB CBB  sing N N 180 
HEC CAB HAB  sing N N 181 
HEC CBB HBB1 sing N N 182 
HEC CBB HBB2 sing N N 183 
HEC CBB HBB3 sing N N 184 
HEC NC  C1C  sing Y N 185 
HEC NC  C4C  sing Y N 186 
HEC C1C C2C  doub Y N 187 
HEC C2C C3C  sing Y N 188 
HEC C2C CMC  sing N N 189 
HEC C3C C4C  sing Y N 190 
HEC C3C CAC  doub N E 191 
HEC CMC HMC1 sing N N 192 
HEC CMC HMC2 sing N N 193 
HEC CMC HMC3 sing N N 194 
HEC CAC CBC  sing N N 195 
HEC CAC HAC  sing N N 196 
HEC CBC HBC1 sing N N 197 
HEC CBC HBC2 sing N N 198 
HEC CBC HBC3 sing N N 199 
HEC ND  C1D  sing Y N 200 
HEC ND  C4D  sing Y N 201 
HEC C1D C2D  doub Y N 202 
HEC C2D C3D  sing Y N 203 
HEC C2D CMD  sing N N 204 
HEC C3D C4D  doub Y N 205 
HEC C3D CAD  sing N N 206 
HEC CMD HMD1 sing N N 207 
HEC CMD HMD2 sing N N 208 
HEC CMD HMD3 sing N N 209 
HEC CAD CBD  sing N N 210 
HEC CAD HAD1 sing N N 211 
HEC CAD HAD2 sing N N 212 
HEC CBD CGD  sing N N 213 
HEC CBD HBD1 sing N N 214 
HEC CBD HBD2 sing N N 215 
HEC CGD O1D  doub N N 216 
HEC CGD O2D  sing N N 217 
HEC O2D H2D  sing N N 218 
HIS N   CA   sing N N 219 
HIS N   H    sing N N 220 
HIS N   H2   sing N N 221 
HIS CA  C    sing N N 222 
HIS CA  CB   sing N N 223 
HIS CA  HA   sing N N 224 
HIS C   O    doub N N 225 
HIS C   OXT  sing N N 226 
HIS CB  CG   sing N N 227 
HIS CB  HB2  sing N N 228 
HIS CB  HB3  sing N N 229 
HIS CG  ND1  sing Y N 230 
HIS CG  CD2  doub Y N 231 
HIS ND1 CE1  doub Y N 232 
HIS ND1 HD1  sing N N 233 
HIS CD2 NE2  sing Y N 234 
HIS CD2 HD2  sing N N 235 
HIS CE1 NE2  sing Y N 236 
HIS CE1 HE1  sing N N 237 
HIS NE2 HE2  sing N N 238 
HIS OXT HXT  sing N N 239 
HOH O   H1   sing N N 240 
HOH O   H2   sing N N 241 
ILE N   CA   sing N N 242 
ILE N   H    sing N N 243 
ILE N   H2   sing N N 244 
ILE CA  C    sing N N 245 
ILE CA  CB   sing N N 246 
ILE CA  HA   sing N N 247 
ILE C   O    doub N N 248 
ILE C   OXT  sing N N 249 
ILE CB  CG1  sing N N 250 
ILE CB  CG2  sing N N 251 
ILE CB  HB   sing N N 252 
ILE CG1 CD1  sing N N 253 
ILE CG1 HG12 sing N N 254 
ILE CG1 HG13 sing N N 255 
ILE CG2 HG21 sing N N 256 
ILE CG2 HG22 sing N N 257 
ILE CG2 HG23 sing N N 258 
ILE CD1 HD11 sing N N 259 
ILE CD1 HD12 sing N N 260 
ILE CD1 HD13 sing N N 261 
ILE OXT HXT  sing N N 262 
LEU N   CA   sing N N 263 
LEU N   H    sing N N 264 
LEU N   H2   sing N N 265 
LEU CA  C    sing N N 266 
LEU CA  CB   sing N N 267 
LEU CA  HA   sing N N 268 
LEU C   O    doub N N 269 
LEU C   OXT  sing N N 270 
LEU CB  CG   sing N N 271 
LEU CB  HB2  sing N N 272 
LEU CB  HB3  sing N N 273 
LEU CG  CD1  sing N N 274 
LEU CG  CD2  sing N N 275 
LEU CG  HG   sing N N 276 
LEU CD1 HD11 sing N N 277 
LEU CD1 HD12 sing N N 278 
LEU CD1 HD13 sing N N 279 
LEU CD2 HD21 sing N N 280 
LEU CD2 HD22 sing N N 281 
LEU CD2 HD23 sing N N 282 
LEU OXT HXT  sing N N 283 
LYS N   CA   sing N N 284 
LYS N   H    sing N N 285 
LYS N   H2   sing N N 286 
LYS CA  C    sing N N 287 
LYS CA  CB   sing N N 288 
LYS CA  HA   sing N N 289 
LYS C   O    doub N N 290 
LYS C   OXT  sing N N 291 
LYS CB  CG   sing N N 292 
LYS CB  HB2  sing N N 293 
LYS CB  HB3  sing N N 294 
LYS CG  CD   sing N N 295 
LYS CG  HG2  sing N N 296 
LYS CG  HG3  sing N N 297 
LYS CD  CE   sing N N 298 
LYS CD  HD2  sing N N 299 
LYS CD  HD3  sing N N 300 
LYS CE  NZ   sing N N 301 
LYS CE  HE2  sing N N 302 
LYS CE  HE3  sing N N 303 
LYS NZ  HZ1  sing N N 304 
LYS NZ  HZ2  sing N N 305 
LYS NZ  HZ3  sing N N 306 
LYS OXT HXT  sing N N 307 
MET N   CA   sing N N 308 
MET N   H    sing N N 309 
MET N   H2   sing N N 310 
MET CA  C    sing N N 311 
MET CA  CB   sing N N 312 
MET CA  HA   sing N N 313 
MET C   O    doub N N 314 
MET C   OXT  sing N N 315 
MET CB  CG   sing N N 316 
MET CB  HB2  sing N N 317 
MET CB  HB3  sing N N 318 
MET CG  SD   sing N N 319 
MET CG  HG2  sing N N 320 
MET CG  HG3  sing N N 321 
MET SD  CE   sing N N 322 
MET CE  HE1  sing N N 323 
MET CE  HE2  sing N N 324 
MET CE  HE3  sing N N 325 
MET OXT HXT  sing N N 326 
PHE N   CA   sing N N 327 
PHE N   H    sing N N 328 
PHE N   H2   sing N N 329 
PHE CA  C    sing N N 330 
PHE CA  CB   sing N N 331 
PHE CA  HA   sing N N 332 
PHE C   O    doub N N 333 
PHE C   OXT  sing N N 334 
PHE CB  CG   sing N N 335 
PHE CB  HB2  sing N N 336 
PHE CB  HB3  sing N N 337 
PHE CG  CD1  doub Y N 338 
PHE CG  CD2  sing Y N 339 
PHE CD1 CE1  sing Y N 340 
PHE CD1 HD1  sing N N 341 
PHE CD2 CE2  doub Y N 342 
PHE CD2 HD2  sing N N 343 
PHE CE1 CZ   doub Y N 344 
PHE CE1 HE1  sing N N 345 
PHE CE2 CZ   sing Y N 346 
PHE CE2 HE2  sing N N 347 
PHE CZ  HZ   sing N N 348 
PHE OXT HXT  sing N N 349 
PRO N   CA   sing N N 350 
PRO N   CD   sing N N 351 
PRO N   H    sing N N 352 
PRO CA  C    sing N N 353 
PRO CA  CB   sing N N 354 
PRO CA  HA   sing N N 355 
PRO C   O    doub N N 356 
PRO C   OXT  sing N N 357 
PRO CB  CG   sing N N 358 
PRO CB  HB2  sing N N 359 
PRO CB  HB3  sing N N 360 
PRO CG  CD   sing N N 361 
PRO CG  HG2  sing N N 362 
PRO CG  HG3  sing N N 363 
PRO CD  HD2  sing N N 364 
PRO CD  HD3  sing N N 365 
PRO OXT HXT  sing N N 366 
SER N   CA   sing N N 367 
SER N   H    sing N N 368 
SER N   H2   sing N N 369 
SER CA  C    sing N N 370 
SER CA  CB   sing N N 371 
SER CA  HA   sing N N 372 
SER C   O    doub N N 373 
SER C   OXT  sing N N 374 
SER CB  OG   sing N N 375 
SER CB  HB2  sing N N 376 
SER CB  HB3  sing N N 377 
SER OG  HG   sing N N 378 
SER OXT HXT  sing N N 379 
THR N   CA   sing N N 380 
THR N   H    sing N N 381 
THR N   H2   sing N N 382 
THR CA  C    sing N N 383 
THR CA  CB   sing N N 384 
THR CA  HA   sing N N 385 
THR C   O    doub N N 386 
THR C   OXT  sing N N 387 
THR CB  OG1  sing N N 388 
THR CB  CG2  sing N N 389 
THR CB  HB   sing N N 390 
THR OG1 HG1  sing N N 391 
THR CG2 HG21 sing N N 392 
THR CG2 HG22 sing N N 393 
THR CG2 HG23 sing N N 394 
THR OXT HXT  sing N N 395 
TRP N   CA   sing N N 396 
TRP N   H    sing N N 397 
TRP N   H2   sing N N 398 
TRP CA  C    sing N N 399 
TRP CA  CB   sing N N 400 
TRP CA  HA   sing N N 401 
TRP C   O    doub N N 402 
TRP C   OXT  sing N N 403 
TRP CB  CG   sing N N 404 
TRP CB  HB2  sing N N 405 
TRP CB  HB3  sing N N 406 
TRP CG  CD1  doub Y N 407 
TRP CG  CD2  sing Y N 408 
TRP CD1 NE1  sing Y N 409 
TRP CD1 HD1  sing N N 410 
TRP CD2 CE2  doub Y N 411 
TRP CD2 CE3  sing Y N 412 
TRP NE1 CE2  sing Y N 413 
TRP NE1 HE1  sing N N 414 
TRP CE2 CZ2  sing Y N 415 
TRP CE3 CZ3  doub Y N 416 
TRP CE3 HE3  sing N N 417 
TRP CZ2 CH2  doub Y N 418 
TRP CZ2 HZ2  sing N N 419 
TRP CZ3 CH2  sing Y N 420 
TRP CZ3 HZ3  sing N N 421 
TRP CH2 HH2  sing N N 422 
TRP OXT HXT  sing N N 423 
TYR N   CA   sing N N 424 
TYR N   H    sing N N 425 
TYR N   H2   sing N N 426 
TYR CA  C    sing N N 427 
TYR CA  CB   sing N N 428 
TYR CA  HA   sing N N 429 
TYR C   O    doub N N 430 
TYR C   OXT  sing N N 431 
TYR CB  CG   sing N N 432 
TYR CB  HB2  sing N N 433 
TYR CB  HB3  sing N N 434 
TYR CG  CD1  doub Y N 435 
TYR CG  CD2  sing Y N 436 
TYR CD1 CE1  sing Y N 437 
TYR CD1 HD1  sing N N 438 
TYR CD2 CE2  doub Y N 439 
TYR CD2 HD2  sing N N 440 
TYR CE1 CZ   doub Y N 441 
TYR CE1 HE1  sing N N 442 
TYR CE2 CZ   sing Y N 443 
TYR CE2 HE2  sing N N 444 
TYR CZ  OH   sing N N 445 
TYR OH  HH   sing N N 446 
TYR OXT HXT  sing N N 447 
VAL N   CA   sing N N 448 
VAL N   H    sing N N 449 
VAL N   H2   sing N N 450 
VAL CA  C    sing N N 451 
VAL CA  CB   sing N N 452 
VAL CA  HA   sing N N 453 
VAL C   O    doub N N 454 
VAL C   OXT  sing N N 455 
VAL CB  CG1  sing N N 456 
VAL CB  CG2  sing N N 457 
VAL CB  HB   sing N N 458 
VAL CG1 HG11 sing N N 459 
VAL CG1 HG12 sing N N 460 
VAL CG1 HG13 sing N N 461 
VAL CG2 HG21 sing N N 462 
VAL CG2 HG22 sing N N 463 
VAL CG2 HG23 sing N N 464 
VAL OXT HXT  sing N N 465 
# 
_atom_sites.entry_id                    5CYT 
_atom_sites.fract_transf_matrix[1][1]   0.01526983 
_atom_sites.fract_transf_matrix[1][2]   0.02155973 
_atom_sites.fract_transf_matrix[1][3]   0.00442799 
_atom_sites.fract_transf_matrix[2][1]   0.00923302 
_atom_sites.fract_transf_matrix[2][2]   -0.00674788 
_atom_sites.fract_transf_matrix[2][3]   0.00101530 
_atom_sites.fract_transf_matrix[3][1]   0.00488751 
_atom_sites.fract_transf_matrix[3][2]   0.00239614 
_atom_sites.fract_transf_matrix[3][3]   -0.02852122 
_atom_sites.fract_transf_vector[1]      0.241007 
_atom_sites.fract_transf_vector[2]      -0.129136 
_atom_sites.fract_transf_vector[3]      0.478246 
# 
loop_
_atom_type.symbol 
C  
FE 
N  
O  
S  
# 
loop_
_atom_site.group_PDB 
_atom_site.id 
_atom_site.type_symbol 
_atom_site.label_atom_id 
_atom_site.label_alt_id 
_atom_site.label_comp_id 
_atom_site.label_asym_id 
_atom_site.label_entity_id 
_atom_site.label_seq_id 
_atom_site.pdbx_PDB_ins_code 
_atom_site.Cartn_x 
_atom_site.Cartn_y 
_atom_site.Cartn_z 
_atom_site.occupancy 
_atom_site.B_iso_or_equiv 
_atom_site.pdbx_formal_charge 
_atom_site.auth_seq_id 
_atom_site.auth_comp_id 
_atom_site.auth_asym_id 
_atom_site.auth_atom_id 
_atom_site.pdbx_PDB_model_num 
HETATM 1   C  C   . ACE A 1 1   ? -1.401  -17.155 3.919   1.00 24.29  ? 0   ACE R C   1 
HETATM 2   O  O   . ACE A 1 1   ? -2.541  -17.567 4.154   1.00 22.77  ? 0   ACE R O   1 
HETATM 3   C  CH3 . ACE A 1 1   ? -0.203  -17.884 4.528   1.00 20.83  ? 0   ACE R CH3 1 
ATOM   4   N  N   . GLY A 1 2   ? -1.120  -16.136 3.092   1.00 15.18  ? 1   GLY R N   1 
ATOM   5   C  CA  . GLY A 1 2   ? -2.190  -15.326 2.493   1.00 12.91  ? 1   GLY R CA  1 
ATOM   6   C  C   . GLY A 1 2   ? -2.840  -15.982 1.289   1.00 14.22  ? 1   GLY R C   1 
ATOM   7   O  O   . GLY A 1 2   ? -2.142  -16.613 0.489   1.00 18.06  ? 1   GLY R O   1 
ATOM   8   N  N   . ASP A 1 3   ? -4.129  -15.710 1.076   1.00 13.36  ? 2   ASP R N   1 
ATOM   9   C  CA  . ASP A 1 3   ? -4.783  -16.153 -0.181  1.00 15.94  ? 2   ASP R CA  1 
ATOM   10  C  C   . ASP A 1 3   ? -5.091  -14.947 -1.076  1.00 13.80  ? 2   ASP R C   1 
ATOM   11  O  O   . ASP A 1 3   ? -5.758  -14.020 -0.607  1.00 13.77  ? 2   ASP R O   1 
ATOM   12  C  CB  . ASP A 1 3   ? -6.122  -16.884 0.112   1.00 25.69  ? 2   ASP R CB  1 
ATOM   13  C  CG  . ASP A 1 3   ? -5.897  -18.283 0.739   1.00 31.24  ? 2   ASP R CG  1 
ATOM   14  O  OD1 . ASP A 1 3   ? -6.290  -18.485 1.895   1.00 30.48  ? 2   ASP R OD1 1 
ATOM   15  O  OD2 . ASP A 1 3   ? -5.176  -19.094 0.140   1.00 24.45  ? 2   ASP R OD2 1 
ATOM   16  N  N   . VAL A 1 4   ? -4.635  -14.980 -2.325  1.00 10.73  ? 3   VAL R N   1 
ATOM   17  C  CA  . VAL A 1 4   ? -4.821  -13.880 -3.277  1.00 15.15  ? 3   VAL R CA  1 
ATOM   18  C  C   . VAL A 1 4   ? -6.289  -13.425 -3.478  1.00 24.30  ? 3   VAL R C   1 
ATOM   19  O  O   . VAL A 1 4   ? -6.600  -12.222 -3.482  1.00 12.21  ? 3   VAL R O   1 
ATOM   20  C  CB  . VAL A 1 4   ? -4.175  -14.270 -4.599  1.00 15.43  ? 3   VAL R CB  1 
ATOM   21  C  CG1 . VAL A 1 4   ? -4.525  -13.331 -5.724  1.00 17.96  ? 3   VAL R CG1 1 
ATOM   22  C  CG2 . VAL A 1 4   ? -2.660  -14.381 -4.462  1.00 17.83  ? 3   VAL R CG2 1 
ATOM   23  N  N   . ALA A 1 5   ? -7.195  -14.397 -3.603  1.00 16.51  ? 4   ALA R N   1 
ATOM   24  C  CA  . ALA A 1 5   ? -8.600  -14.003 -3.848  1.00 16.16  ? 4   ALA R CA  1 
ATOM   25  C  C   . ALA A 1 5   ? -9.235  -13.296 -2.655  1.00 15.06  ? 4   ALA R C   1 
ATOM   26  O  O   . ALA A 1 5   ? -9.957  -12.305 -2.831  1.00 12.71  ? 4   ALA R O   1 
ATOM   27  C  CB  . ALA A 1 5   ? -9.427  -15.220 -4.255  1.00 15.42  ? 4   ALA R CB  1 
ATOM   28  N  N   . LYS A 1 6   ? -8.917  -13.748 -1.446  1.00 10.69  ? 5   LYS R N   1 
ATOM   29  C  CA  . LYS A 1 6   ? -9.415  -13.036 -0.280  1.00 10.46  ? 5   LYS R CA  1 
ATOM   30  C  C   . LYS A 1 6   ? -8.745  -11.668 -0.108  1.00 17.02  ? 5   LYS R C   1 
ATOM   31  O  O   . LYS A 1 6   ? -9.369  -10.717 0.378   1.00 11.64  ? 5   LYS R O   1 
ATOM   32  C  CB  . LYS A 1 6   ? -9.188  -13.866 0.961   1.00 18.72  ? 5   LYS R CB  1 
ATOM   33  C  CG  . LYS A 1 6   ? -10.142 -15.050 1.066   1.00 15.82  ? 5   LYS R CG  1 
ATOM   34  C  CD  . LYS A 1 6   ? -9.889  -15.863 2.318   1.00 23.96  ? 5   LYS R CD  1 
ATOM   35  C  CE  . LYS A 1 6   ? -11.205 -16.359 2.927   1.00 46.43  ? 5   LYS R CE  1 
ATOM   36  N  NZ  . LYS A 1 6   ? -11.062 -17.771 3.335   1.00 73.04  ? 5   LYS R NZ  1 
ATOM   37  N  N   . GLY A 1 7   ? -7.515  -11.566 -0.590  1.00 12.47  ? 6   GLY R N   1 
ATOM   38  C  CA  . GLY A 1 7   ? -6.830  -10.251 -0.527  1.00 9.82   ? 6   GLY R CA  1 
ATOM   39  C  C   . GLY A 1 7   ? -7.402  -9.254  -1.533  1.00 12.86  ? 6   GLY R C   1 
ATOM   40  O  O   . GLY A 1 7   ? -7.438  -8.044  -1.285  1.00 10.46  ? 6   GLY R O   1 
ATOM   41  N  N   . LYS A 1 8   ? -7.854  -9.773  -2.663  1.00 14.45  ? 7   LYS R N   1 
ATOM   42  C  CA  . LYS A 1 8   ? -8.562  -8.896  -3.638  1.00 16.03  ? 7   LYS R CA  1 
ATOM   43  C  C   . LYS A 1 8   ? -9.864  -8.353  -3.073  1.00 21.10  ? 7   LYS R C   1 
ATOM   44  O  O   . LYS A 1 8   ? -10.130 -7.160  -3.200  1.00 14.30  ? 7   LYS R O   1 
ATOM   45  C  CB  . LYS A 1 8   ? -8.891  -9.630  -4.937  1.00 15.01  ? 7   LYS R CB  1 
ATOM   46  C  CG  . LYS A 1 8   ? -9.380  -8.655  -6.008  1.00 15.26  ? 7   LYS R CG  1 
ATOM   47  C  CD  . LYS A 1 8   ? -9.529  -9.324  -7.362  1.00 19.43  ? 7   LYS R CD  1 
ATOM   48  C  CE  . LYS A 1 8   ? -10.007 -8.357  -8.429  1.00 26.22  ? 7   LYS R CE  1 
ATOM   49  N  NZ  . LYS A 1 8   ? -10.118 -9.120  -9.693  1.00 31.84  ? 7   LYS R NZ  1 
ATOM   50  N  N   . LYS A 1 9   ? -10.584 -9.203  -2.357  1.00 10.35  ? 8   LYS R N   1 
ATOM   51  C  CA  . LYS A 1 9   ? -11.789 -8.758  -1.674  1.00 14.21  ? 8   LYS R CA  1 
ATOM   52  C  C   . LYS A 1 9   ? -11.497 -7.640  -0.663  1.00 16.22  ? 8   LYS R C   1 
ATOM   53  O  O   . LYS A 1 9   ? -12.129 -6.570  -0.706  1.00 12.36  ? 8   LYS R O   1 
ATOM   54  C  CB  . LYS A 1 9   ? -12.395 -9.922  -0.922  1.00 13.84  ? 8   LYS R CB  1 
ATOM   55  C  CG  . LYS A 1 9   ? -13.589 -9.457  -0.103  1.00 21.54  ? 8   LYS R CG  1 
ATOM   56  C  CD  . LYS A 1 9   ? -14.182 -10.563 0.738   1.00 30.75  ? 8   LYS R CD  1 
ATOM   57  C  CE  . LYS A 1 9   ? -13.221 -11.045 1.809   1.00 41.03  ? 8   LYS R CE  1 
ATOM   58  N  NZ  . LYS A 1 9   ? -13.898 -12.180 2.446   1.00 46.15  ? 8   LYS R NZ  1 
ATOM   59  N  N   . THR A 1 10  ? -10.446 -7.844  0.129   1.00 11.52  ? 9   THR R N   1 
ATOM   60  C  CA  . THR A 1 10  ? -10.063 -6.795  1.080   1.00 14.64  ? 9   THR R CA  1 
ATOM   61  C  C   . THR A 1 10  ? -9.585  -5.512  0.393   1.00 14.66  ? 9   THR R C   1 
ATOM   62  O  O   . THR A 1 10  ? -9.931  -4.408  0.838   1.00 15.62  ? 9   THR R O   1 
ATOM   63  C  CB  . THR A 1 10  ? -8.964  -7.324  1.982   1.00 14.19  ? 9   THR R CB  1 
ATOM   64  O  OG1 . THR A 1 10  ? -9.536  -8.389  2.729   1.00 17.18  ? 9   THR R OG1 1 
ATOM   65  C  CG2 . THR A 1 10  ? -8.451  -6.275  2.959   1.00 22.10  ? 9   THR R CG2 1 
ATOM   66  N  N   . PHE A 1 11  ? -8.848  -5.697  -0.686  1.00 10.54  ? 10  PHE R N   1 
ATOM   67  C  CA  . PHE A 1 11  ? -8.413  -4.531  -1.441  1.00 11.18  ? 10  PHE R CA  1 
ATOM   68  C  C   . PHE A 1 11  ? -9.596  -3.685  -1.955  1.00 16.28  ? 10  PHE R C   1 
ATOM   69  O  O   . PHE A 1 11  ? -9.619  -2.455  -1.784  1.00 13.05  ? 10  PHE R O   1 
ATOM   70  C  CB  . PHE A 1 11  ? -7.496  -4.924  -2.596  1.00 8.57   ? 10  PHE R CB  1 
ATOM   71  C  CG  . PHE A 1 11  ? -6.928  -3.699  -3.302  1.00 14.89  ? 10  PHE R CG  1 
ATOM   72  C  CD1 . PHE A 1 11  ? -7.558  -3.171  -4.409  1.00 10.92  ? 10  PHE R CD1 1 
ATOM   73  C  CD2 . PHE A 1 11  ? -5.800  -3.074  -2.788  1.00 18.14  ? 10  PHE R CD2 1 
ATOM   74  C  CE1 . PHE A 1 11  ? -7.056  -2.010  -5.014  1.00 19.22  ? 10  PHE R CE1 1 
ATOM   75  C  CE2 . PHE A 1 11  ? -5.290  -1.906  -3.373  1.00 12.14  ? 10  PHE R CE2 1 
ATOM   76  C  CZ  . PHE A 1 11  ? -5.926  -1.373  -4.489  1.00 13.86  ? 10  PHE R CZ  1 
ATOM   77  N  N   . VAL A 1 12  ? -10.568 -4.333  -2.572  1.00 12.40  ? 11  VAL R N   1 
ATOM   78  C  CA  . VAL A 1 12  ? -11.721 -3.549  -3.081  1.00 10.62  ? 11  VAL R CA  1 
ATOM   79  C  C   . VAL A 1 12  ? -12.602 -2.966  -1.978  1.00 11.33  ? 11  VAL R C   1 
ATOM   80  O  O   . VAL A 1 12  ? -12.994 -1.795  -2.015  1.00 11.67  ? 11  VAL R O   1 
ATOM   81  C  CB  . VAL A 1 12  ? -12.577 -4.458  -3.953  1.00 13.60  ? 11  VAL R CB  1 
ATOM   82  C  CG1 . VAL A 1 12  ? -13.846 -3.736  -4.422  1.00 20.44  ? 11  VAL R CG1 1 
ATOM   83  C  CG2 . VAL A 1 12  ? -11.788 -4.974  -5.138  1.00 13.72  ? 11  VAL R CG2 1 
ATOM   84  N  N   . GLN A 1 13  ? -12.745 -3.717  -0.931  1.00 11.41  ? 12  GLN R N   1 
ATOM   85  C  CA  . GLN A 1 13  ? -13.480 -3.209  0.223   1.00 11.09  ? 12  GLN R CA  1 
ATOM   86  C  C   . GLN A 1 13  ? -12.828 -1.983  0.872   1.00 14.11  ? 12  GLN R C   1 
ATOM   87  O  O   . GLN A 1 13  ? -13.515 -1.037  1.261   1.00 14.07  ? 12  GLN R O   1 
ATOM   88  C  CB  . GLN A 1 13  ? -13.457 -4.340  1.226   1.00 16.51  ? 12  GLN R CB  1 
ATOM   89  C  CG  . GLN A 1 13  ? -14.562 -4.291  2.233   1.00 27.69  ? 12  GLN R CG  1 
ATOM   90  C  CD  . GLN A 1 13  ? -14.441 -5.545  3.123   1.00 49.27  ? 12  GLN R CD  1 
ATOM   91  O  OE1 . GLN A 1 13  ? -15.450 -6.083  3.587   1.00 43.03  ? 12  GLN R OE1 1 
ATOM   92  N  NE2 . GLN A 1 13  ? -13.229 -6.022  3.343   1.00 28.18  ? 12  GLN R NE2 1 
ATOM   93  N  N   . LYS A 1 14  ? -11.531 -2.062  1.122   1.00 11.88  ? 13  LYS R N   1 
ATOM   94  C  CA  . LYS A 1 14  ? -10.861 -1.042  1.970   1.00 13.08  ? 13  LYS R CA  1 
ATOM   95  C  C   . LYS A 1 14  ? -9.899  -0.095  1.263   1.00 12.29  ? 13  LYS R C   1 
ATOM   96  O  O   . LYS A 1 14  ? -9.524  0.908   1.881   1.00 13.94  ? 13  LYS R O   1 
ATOM   97  C  CB  . LYS A 1 14  ? -10.100 -1.707  3.116   1.00 17.31  ? 13  LYS R CB  1 
ATOM   98  C  CG  . LYS A 1 14  ? -11.098 -2.416  4.016   1.00 17.27  ? 13  LYS R CG  1 
ATOM   99  C  CD  . LYS A 1 14  ? -10.478 -3.220  5.118   1.00 20.37  ? 13  LYS R CD  1 
ATOM   100 C  CE  . LYS A 1 14  ? -11.554 -3.905  5.946   1.00 24.90  ? 13  LYS R CE  1 
ATOM   101 N  NZ  . LYS A 1 14  ? -10.895 -4.483  7.121   1.00 23.35  ? 13  LYS R NZ  1 
ATOM   102 N  N   . CYS A 1 15  ? -9.414  -0.440  0.078   1.00 8.59   ? 14  CYS R N   1 
ATOM   103 C  CA  . CYS A 1 15  ? -8.314  0.347   -0.527  1.00 10.73  ? 14  CYS R CA  1 
ATOM   104 C  C   . CYS A 1 15  ? -8.696  1.017   -1.853  1.00 11.10  ? 14  CYS R C   1 
ATOM   105 O  O   . CYS A 1 15  ? -8.093  2.025   -2.248  1.00 12.12  ? 14  CYS R O   1 
ATOM   106 C  CB  . CYS A 1 15  ? -7.085  -0.529  -0.795  1.00 10.92  ? 14  CYS R CB  1 
ATOM   107 S  SG  . CYS A 1 15  ? -6.554  -1.579  0.567   1.00 9.51   ? 14  CYS R SG  1 
ATOM   108 N  N   . ALA A 1 16  ? -9.480  0.307   -2.636  1.00 10.09  ? 15  ALA R N   1 
ATOM   109 C  CA  . ALA A 1 16  ? -9.666  0.684   -4.050  1.00 12.23  ? 15  ALA R CA  1 
ATOM   110 C  C   . ALA A 1 16  ? -10.326 2.047   -4.291  1.00 17.55  ? 15  ALA R C   1 
ATOM   111 O  O   . ALA A 1 16  ? -10.204 2.590   -5.396  1.00 13.66  ? 15  ALA R O   1 
ATOM   112 C  CB  . ALA A 1 16  ? -10.424 -0.395  -4.827  1.00 16.28  ? 15  ALA R CB  1 
ATOM   113 N  N   . GLN A 1 17  ? -10.941 2.621   -3.258  1.00 13.31  ? 16  GLN R N   1 
ATOM   114 C  CA  . GLN A 1 17  ? -11.464 3.976   -3.478  1.00 17.00  ? 16  GLN R CA  1 
ATOM   115 C  C   . GLN A 1 17  ? -10.348 5.026   -3.454  1.00 10.84  ? 16  GLN R C   1 
ATOM   116 O  O   . GLN A 1 17  ? -10.544 6.180   -3.837  1.00 12.17  ? 16  GLN R O   1 
ATOM   117 C  CB  . GLN A 1 17  ? -12.540 4.321   -2.458  1.00 15.06  ? 16  GLN R CB  1 
ATOM   118 C  CG  . GLN A 1 17  ? -12.026 4.507   -1.028  1.00 13.11  ? 16  GLN R CG  1 
ATOM   119 C  CD  . GLN A 1 17  ? -11.705 3.209   -0.296  1.00 12.89  ? 16  GLN R CD  1 
ATOM   120 O  OE1 . GLN A 1 17  ? -12.000 2.115   -0.790  1.00 13.88  ? 16  GLN R OE1 1 
ATOM   121 N  NE2 . GLN A 1 17  ? -11.449 3.349   1.005   1.00 15.29  ? 16  GLN R NE2 1 
ATOM   122 N  N   . CYS A 1 18  ? -9.166  4.586   -3.066  1.00 12.29  ? 17  CYS R N   1 
ATOM   123 C  CA  . CYS A 1 18  ? -8.055  5.546   -2.996  1.00 12.93  ? 17  CYS R CA  1 
ATOM   124 C  C   . CYS A 1 18  ? -6.890  5.165   -3.895  1.00 14.80  ? 17  CYS R C   1 
ATOM   125 O  O   . CYS A 1 18  ? -5.962  5.956   -4.069  1.00 10.98  ? 17  CYS R O   1 
ATOM   126 C  CB  . CYS A 1 18  ? -7.550  5.699   -1.570  1.00 12.67  ? 17  CYS R CB  1 
ATOM   127 S  SG  . CYS A 1 18  ? -8.733  6.529   -0.464  1.00 11.19  ? 17  CYS R SG  1 
ATOM   128 N  N   . HIS A 1 19  ? -6.859  3.894   -4.279  1.00 11.46  ? 18  HIS R N   1 
ATOM   129 C  CA  . HIS A 1 19  ? -5.717  3.403   -5.052  1.00 11.27  ? 18  HIS R CA  1 
ATOM   130 C  C   . HIS A 1 19  ? -6.112  2.524   -6.222  1.00 14.67  ? 18  HIS R C   1 
ATOM   131 O  O   . HIS A 1 19  ? -7.029  1.703   -6.090  1.00 12.75  ? 18  HIS R O   1 
ATOM   132 C  CB  . HIS A 1 19  ? -4.809  2.531   -4.171  1.00 12.00  ? 18  HIS R CB  1 
ATOM   133 C  CG  . HIS A 1 19  ? -4.019  3.214   -3.075  1.00 12.11  ? 18  HIS R CG  1 
ATOM   134 N  ND1 . HIS A 1 19  ? -2.890  3.914   -3.319  1.00 8.03   ? 18  HIS R ND1 1 
ATOM   135 C  CD2 . HIS A 1 19  ? -4.251  3.222   -1.711  1.00 11.12  ? 18  HIS R CD2 1 
ATOM   136 C  CE1 . HIS A 1 19  ? -2.428  4.356   -2.134  1.00 9.14   ? 18  HIS R CE1 1 
ATOM   137 N  NE2 . HIS A 1 19  ? -3.227  3.950   -1.122  1.00 10.29  ? 18  HIS R NE2 1 
ATOM   138 N  N   . THR A 1 20  ? -5.262  2.557   -7.244  1.00 13.53  ? 19  THR R N   1 
ATOM   139 C  CA  . THR A 1 20  ? -5.310  1.563   -8.330  1.00 12.44  ? 19  THR R CA  1 
ATOM   140 C  C   . THR A 1 20  ? -4.031  0.731   -8.284  1.00 13.29  ? 19  THR R C   1 
ATOM   141 O  O   . THR A 1 20  ? -3.021  1.161   -7.718  1.00 13.33  ? 19  THR R O   1 
ATOM   142 C  CB  . THR A 1 20  ? -5.397  2.221   -9.723  1.00 15.20  ? 19  THR R CB  1 
ATOM   143 O  OG1 . THR A 1 20  ? -4.305  3.105   -9.862  1.00 12.56  ? 19  THR R OG1 1 
ATOM   144 C  CG2 . THR A 1 20  ? -6.662  3.026   -9.955  1.00 17.09  ? 19  THR R CG2 1 
ATOM   145 N  N   . VAL A 1 21  ? -4.088  -0.425  -8.883  1.00 13.36  ? 20  VAL R N   1 
ATOM   146 C  CA  . VAL A 1 21  ? -2.919  -1.320  -8.866  1.00 17.30  ? 20  VAL R CA  1 
ATOM   147 C  C   . VAL A 1 21  ? -2.317  -1.461  -10.251 1.00 14.20  ? 20  VAL R C   1 
ATOM   148 O  O   . VAL A 1 21  ? -1.240  -2.029  -10.370 1.00 12.64  ? 20  VAL R O   1 
ATOM   149 C  CB  . VAL A 1 21  ? -3.268  -2.729  -8.338  1.00 13.67  ? 20  VAL R CB  1 
ATOM   150 C  CG1 . VAL A 1 21  ? -3.414  -2.824  -6.838  1.00 14.38  ? 20  VAL R CG1 1 
ATOM   151 C  CG2 . VAL A 1 21  ? -4.444  -3.385  -9.028  1.00 15.27  ? 20  VAL R CG2 1 
ATOM   152 N  N   . GLU A 1 22  ? -3.130  -1.240  -11.251 1.00 13.32  ? 21  GLU R N   1 
ATOM   153 C  CA  . GLU A 1 22  ? -2.755  -1.703  -12.583 1.00 15.12  ? 21  GLU R CA  1 
ATOM   154 C  C   . GLU A 1 22  ? -1.689  -0.823  -13.272 1.00 16.94  ? 21  GLU R C   1 
ATOM   155 O  O   . GLU A 1 22  ? -1.491  0.356   -12.961 1.00 14.39  ? 21  GLU R O   1 
ATOM   156 C  CB  . GLU A 1 22  ? -4.048  -1.825  -13.407 1.00 25.75  ? 21  GLU R CB  1 
ATOM   157 C  CG  . GLU A 1 22  ? -4.808  -0.505  -13.603 1.00 42.88  ? 21  GLU R CG  1 
ATOM   158 C  CD  . GLU A 1 22  ? -5.836  -0.145  -12.503 1.00 69.13  ? 21  GLU R CD  1 
ATOM   159 O  OE1 . GLU A 1 22  ? -5.914  -0.817  -11.456 1.00 27.48  ? 21  GLU R OE1 1 
ATOM   160 O  OE2 . GLU A 1 22  ? -6.677  0.731   -12.791 1.00 45.04  ? 21  GLU R OE2 1 
ATOM   161 N  N   . ASN A 1 23  ? -0.989  -1.430  -14.186 1.00 15.67  ? 22  ASN R N   1 
ATOM   162 C  CA  . ASN A 1 23  ? 0.022   -0.714  -14.957 1.00 13.90  ? 22  ASN R CA  1 
ATOM   163 C  C   . ASN A 1 23  ? -0.612  0.373   -15.817 1.00 18.68  ? 22  ASN R C   1 
ATOM   164 O  O   . ASN A 1 23  ? -1.545  0.144   -16.601 1.00 20.75  ? 22  ASN R O   1 
ATOM   165 C  CB  . ASN A 1 23  ? 0.704   -1.750  -15.847 1.00 15.66  ? 22  ASN R CB  1 
ATOM   166 C  CG  . ASN A 1 23  ? 1.841   -1.164  -16.675 1.00 19.43  ? 22  ASN R CG  1 
ATOM   167 O  OD1 . ASN A 1 23  ? 2.222   0.003   -16.503 1.00 17.73  ? 22  ASN R OD1 1 
ATOM   168 N  ND2 . ASN A 1 23  ? 2.376   -2.027  -17.552 1.00 22.61  ? 22  ASN R ND2 1 
ATOM   169 N  N   . GLY A 1 24  ? -0.170  1.570   -15.525 1.00 21.60  ? 23  GLY R N   1 
ATOM   170 C  CA  . GLY A 1 24  ? -0.787  2.718   -16.215 1.00 22.64  ? 23  GLY R CA  1 
ATOM   171 C  C   . GLY A 1 24  ? -1.991  3.291   -15.472 1.00 26.09  ? 23  GLY R C   1 
ATOM   172 O  O   . GLY A 1 24  ? -2.645  4.198   -15.974 1.00 24.59  ? 23  GLY R O   1 
ATOM   173 N  N   . GLY A 1 25  ? -2.316  2.732   -14.334 1.00 20.21  ? 24  GLY R N   1 
ATOM   174 C  CA  . GLY A 1 25  ? -3.499  3.207   -13.575 1.00 21.63  ? 24  GLY R CA  1 
ATOM   175 C  C   . GLY A 1 25  ? -3.328  4.607   -12.983 1.00 21.04  ? 24  GLY R C   1 
ATOM   176 O  O   . GLY A 1 25  ? -2.212  5.095   -12.768 1.00 17.28  ? 24  GLY R O   1 
ATOM   177 N  N   . LYS A 1 26  ? -4.457  5.236   -12.767 1.00 18.22  ? 25  LYS R N   1 
ATOM   178 C  CA  . LYS A 1 26  ? -4.449  6.633   -12.269 1.00 16.12  ? 25  LYS R CA  1 
ATOM   179 C  C   . LYS A 1 26  ? -3.996  6.748   -10.806 1.00 17.41  ? 25  LYS R C   1 
ATOM   180 O  O   . LYS A 1 26  ? -4.314  5.895   -9.976  1.00 16.22  ? 25  LYS R O   1 
ATOM   181 C  CB  . LYS A 1 26  ? -5.877  7.167   -12.341 1.00 24.63  ? 25  LYS R CB  1 
ATOM   182 C  CG  . LYS A 1 26  ? -6.487  7.137   -13.735 1.00 68.25  ? 25  LYS R CG  1 
ATOM   183 C  CD  . LYS A 1 26  ? -5.930  8.276   -14.565 1.00 53.41  ? 25  LYS R CD  1 
ATOM   184 C  CE  . LYS A 1 26  ? -7.004  9.246   -15.077 1.00 73.32  ? 25  LYS R CE  1 
ATOM   185 N  NZ  . LYS A 1 26  ? -7.920  9.712   -13.983 1.00 57.80  ? 25  LYS R NZ  1 
ATOM   186 N  N   . HIS A 1 27  ? -3.614  7.940   -10.423 1.00 13.48  ? 26  HIS R N   1 
ATOM   187 C  CA  . HIS A 1 27  ? -3.531  8.255   -8.999  1.00 16.38  ? 26  HIS R CA  1 
ATOM   188 C  C   . HIS A 1 27  ? -4.866  8.778   -8.500  1.00 18.62  ? 26  HIS R C   1 
ATOM   189 O  O   . HIS A 1 27  ? -5.232  9.899   -8.837  1.00 28.50  ? 26  HIS R O   1 
ATOM   190 C  CB  . HIS A 1 27  ? -2.534  9.373   -8.754  1.00 19.76  ? 26  HIS R CB  1 
ATOM   191 C  CG  . HIS A 1 27  ? -1.148  9.062   -9.267  1.00 25.77  ? 26  HIS R CG  1 
ATOM   192 N  ND1 . HIS A 1 27  ? -0.518  7.872   -9.044  1.00 15.11  ? 26  HIS R ND1 1 
ATOM   193 C  CD2 . HIS A 1 27  ? -0.330  9.870   -10.033 1.00 21.45  ? 26  HIS R CD2 1 
ATOM   194 C  CE1 . HIS A 1 27  ? 0.695   7.950   -9.662  1.00 22.36  ? 26  HIS R CE1 1 
ATOM   195 N  NE2 . HIS A 1 27  ? 0.807   9.170   -10.266 1.00 18.79  ? 26  HIS R NE2 1 
ATOM   196 N  N   . LYS A 1 28  ? -5.629  7.898   -7.932  1.00 16.93  ? 27  LYS R N   1 
ATOM   197 C  CA  . LYS A 1 28  ? -7.028  8.161   -7.596  1.00 18.32  ? 27  LYS R CA  1 
ATOM   198 C  C   . LYS A 1 28  ? -7.182  9.143   -6.421  1.00 26.64  ? 27  LYS R C   1 
ATOM   199 O  O   . LYS A 1 28  ? -7.671  10.254  -6.617  1.00 32.30  ? 27  LYS R O   1 
ATOM   200 C  CB  . LYS A 1 28  ? -7.663  6.778   -7.384  1.00 20.99  ? 27  LYS R CB  1 
ATOM   201 C  CG  . LYS A 1 28  ? -9.176  6.684   -7.583  1.00 30.97  ? 27  LYS R CG  1 
ATOM   202 C  CD  . LYS A 1 28  ? -9.665  5.251   -7.487  1.00 21.15  ? 27  LYS R CD  1 
ATOM   203 C  CE  . LYS A 1 28  ? -11.196 5.134   -7.379  1.00 34.25  ? 27  LYS R CE  1 
ATOM   204 N  NZ  . LYS A 1 28  ? -11.919 5.723   -8.545  1.00 24.08  ? 27  LYS R NZ  1 
ATOM   205 N  N   . VAL A 1 29  ? -6.645  8.798   -5.264  1.00 18.50  ? 28  VAL R N   1 
ATOM   206 C  CA  . VAL A 1 29  ? -6.526  9.677   -4.092  1.00 16.68  ? 28  VAL R CA  1 
ATOM   207 C  C   . VAL A 1 29  ? -5.107  9.531   -3.546  1.00 26.05  ? 28  VAL R C   1 
ATOM   208 O  O   . VAL A 1 29  ? -4.326  10.496  -3.529  1.00 20.03  ? 28  VAL R O   1 
ATOM   209 C  CB  . VAL A 1 29  ? -7.502  9.313   -2.969  1.00 19.85  ? 28  VAL R CB  1 
ATOM   210 C  CG1 . VAL A 1 29  ? -7.277  10.101  -1.687  1.00 15.13  ? 28  VAL R CG1 1 
ATOM   211 C  CG2 . VAL A 1 29  ? -8.969  9.407   -3.385  1.00 16.52  ? 28  VAL R CG2 1 
ATOM   212 N  N   . GLY A 1 30  ? -4.724  8.265   -3.388  1.00 11.12  ? 29  GLY R N   1 
ATOM   213 C  CA  . GLY A 1 30  ? -3.322  7.925   -3.243  1.00 10.11  ? 29  GLY R CA  1 
ATOM   214 C  C   . GLY A 1 30  ? -2.738  7.484   -4.590  1.00 14.13  ? 29  GLY R C   1 
ATOM   215 O  O   . GLY A 1 30  ? -3.423  7.454   -5.624  1.00 11.25  ? 29  GLY R O   1 
ATOM   216 N  N   . PRO A 1 31  ? -1.427  7.251   -4.574  1.00 15.58  ? 30  PRO R N   1 
ATOM   217 C  CA  . PRO A 1 31  ? -0.662  6.874   -5.770  1.00 11.67  ? 30  PRO R CA  1 
ATOM   218 C  C   . PRO A 1 31  ? -1.044  5.489   -6.284  1.00 14.84  ? 30  PRO R C   1 
ATOM   219 O  O   . PRO A 1 31  ? -1.262  4.569   -5.494  1.00 13.85  ? 30  PRO R O   1 
ATOM   220 C  CB  . PRO A 1 31  ? 0.780   6.816   -5.300  1.00 13.41  ? 30  PRO R CB  1 
ATOM   221 C  CG  . PRO A 1 31  ? 0.723   6.603   -3.795  1.00 11.84  ? 30  PRO R CG  1 
ATOM   222 C  CD  . PRO A 1 31  ? -0.564  7.302   -3.361  1.00 11.57  ? 30  PRO R CD  1 
ATOM   223 N  N   . ASN A 1 32  ? -0.958  5.351   -7.601  1.00 13.73  ? 31  ASN R N   1 
ATOM   224 C  CA  . ASN A 1 32  ? -0.978  4.050   -8.256  1.00 13.79  ? 31  ASN R CA  1 
ATOM   225 C  C   . ASN A 1 32  ? 0.126   3.149   -7.687  1.00 16.09  ? 31  ASN R C   1 
ATOM   226 O  O   . ASN A 1 32  ? 1.206   3.633   -7.309  1.00 12.22  ? 31  ASN R O   1 
ATOM   227 C  CB  . ASN A 1 32  ? -0.764  4.285   -9.751  1.00 15.25  ? 31  ASN R CB  1 
ATOM   228 C  CG  . ASN A 1 32  ? -0.558  2.932   -10.445 1.00 16.75  ? 31  ASN R CG  1 
ATOM   229 O  OD1 . ASN A 1 32  ? 0.580   2.586   -10.766 1.00 19.55  ? 31  ASN R OD1 1 
ATOM   230 N  ND2 . ASN A 1 32  ? -1.648  2.229   -10.715 1.00 9.98   ? 31  ASN R ND2 1 
ATOM   231 N  N   . LEU A 1 33  ? -0.209  1.875   -7.522  1.00 14.06  ? 32  LEU R N   1 
ATOM   232 C  CA  . LEU A 1 33  ? 0.678   0.936   -6.828  1.00 12.92  ? 32  LEU R CA  1 
ATOM   233 C  C   . LEU A 1 33  ? 1.456   -0.023  -7.732  1.00 14.33  ? 32  LEU R C   1 
ATOM   234 O  O   . LEU A 1 33  ? 2.109   -0.949  -7.232  1.00 11.27  ? 32  LEU R O   1 
ATOM   235 C  CB  . LEU A 1 33  ? -0.133  0.135   -5.805  1.00 12.17  ? 32  LEU R CB  1 
ATOM   236 C  CG  . LEU A 1 33  ? -0.793  0.993   -4.718  1.00 7.92   ? 32  LEU R CG  1 
ATOM   237 C  CD1 . LEU A 1 33  ? -1.623  0.136   -3.767  1.00 14.18  ? 32  LEU R CD1 1 
ATOM   238 C  CD2 . LEU A 1 33  ? 0.228   1.791   -3.904  1.00 11.95  ? 32  LEU R CD2 1 
ATOM   239 N  N   . TRP A 1 34  ? 1.367   0.163   -9.055  1.00 14.76  ? 33  TRP R N   1 
ATOM   240 C  CA  . TRP A 1 34  ? 2.077   -0.758  -9.944  1.00 13.10  ? 33  TRP R CA  1 
ATOM   241 C  C   . TRP A 1 34  ? 3.575   -0.662  -9.719  1.00 15.90  ? 33  TRP R C   1 
ATOM   242 O  O   . TRP A 1 34  ? 4.078   0.447   -9.523  1.00 16.42  ? 33  TRP R O   1 
ATOM   243 C  CB  . TRP A 1 34  ? 1.809   -0.418  -11.389 1.00 14.02  ? 33  TRP R CB  1 
ATOM   244 C  CG  . TRP A 1 34  ? 2.569   -1.291  -12.373 1.00 17.50  ? 33  TRP R CG  1 
ATOM   245 C  CD1 . TRP A 1 34  ? 3.727   -0.974  -13.092 1.00 23.24  ? 33  TRP R CD1 1 
ATOM   246 C  CD2 . TRP A 1 34  ? 2.250   -2.598  -12.768 1.00 15.85  ? 33  TRP R CD2 1 
ATOM   247 N  NE1 . TRP A 1 34  ? 4.051   -2.028  -13.894 1.00 19.10  ? 33  TRP R NE1 1 
ATOM   248 C  CE2 . TRP A 1 34  ? 3.214   -2.983  -13.728 1.00 16.82  ? 33  TRP R CE2 1 
ATOM   249 C  CE3 . TRP A 1 34  ? 1.206   -3.434  -12.412 1.00 16.25  ? 33  TRP R CE3 1 
ATOM   250 C  CZ2 . TRP A 1 34  ? 3.198   -4.224  -14.349 1.00 17.63  ? 33  TRP R CZ2 1 
ATOM   251 C  CZ3 . TRP A 1 34  ? 1.172   -4.683  -13.040 1.00 18.13  ? 33  TRP R CZ3 1 
ATOM   252 C  CH2 . TRP A 1 34  ? 2.144   -5.068  -13.977 1.00 20.33  ? 33  TRP R CH2 1 
ATOM   253 N  N   . GLY A 1 35  ? 4.221   -1.808  -9.568  1.00 13.05  ? 34  GLY R N   1 
ATOM   254 C  CA  . GLY A 1 35  ? 5.672   -1.781  -9.311  1.00 15.89  ? 34  GLY R CA  1 
ATOM   255 C  C   . GLY A 1 35  ? 6.073   -1.547  -7.852  1.00 13.32  ? 34  GLY R C   1 
ATOM   256 O  O   . GLY A 1 35  ? 7.250   -1.327  -7.554  1.00 15.32  ? 34  GLY R O   1 
ATOM   257 N  N   . LEU A 1 36  ? 5.111   -1.593  -6.941  1.00 14.82  ? 35  LEU R N   1 
ATOM   258 C  CA  . LEU A 1 36  ? 5.344   -1.367  -5.476  1.00 18.95  ? 35  LEU R CA  1 
ATOM   259 C  C   . LEU A 1 36  ? 6.501   -2.189  -4.885  1.00 16.64  ? 35  LEU R C   1 
ATOM   260 O  O   . LEU A 1 36  ? 7.305   -1.675  -4.099  1.00 17.35  ? 35  LEU R O   1 
ATOM   261 C  CB  . LEU A 1 36  ? 4.039   -1.745  -4.747  1.00 17.39  ? 35  LEU R CB  1 
ATOM   262 C  CG  . LEU A 1 36  ? 3.970   -1.423  -3.261  1.00 17.83  ? 35  LEU R CG  1 
ATOM   263 C  CD1 . LEU A 1 36  ? 4.169   0.055   -2.974  1.00 17.32  ? 35  LEU R CD1 1 
ATOM   264 C  CD2 . LEU A 1 36  ? 2.661   -1.912  -2.677  1.00 18.17  ? 35  LEU R CD2 1 
ATOM   265 N  N   . PHE A 1 37  ? 6.485   -3.489  -5.123  1.00 13.15  ? 36  PHE R N   1 
ATOM   266 C  CA  . PHE A 1 37  ? 7.450   -4.335  -4.393  1.00 15.59  ? 36  PHE R CA  1 
ATOM   267 C  C   . PHE A 1 37  ? 8.891   -4.105  -4.860  1.00 12.80  ? 36  PHE R C   1 
ATOM   268 O  O   . PHE A 1 37  ? 9.173   -4.142  -6.053  1.00 17.63  ? 36  PHE R O   1 
ATOM   269 C  CB  . PHE A 1 37  ? 7.119   -5.819  -4.521  1.00 18.30  ? 36  PHE R CB  1 
ATOM   270 C  CG  . PHE A 1 37  ? 5.931   -6.217  -3.674  1.00 14.56  ? 36  PHE R CG  1 
ATOM   271 C  CD1 . PHE A 1 37  ? 6.136   -6.984  -2.556  1.00 18.64  ? 36  PHE R CD1 1 
ATOM   272 C  CD2 . PHE A 1 37  ? 4.652   -5.783  -3.998  1.00 21.20  ? 36  PHE R CD2 1 
ATOM   273 C  CE1 . PHE A 1 37  ? 5.058   -7.342  -1.731  1.00 19.01  ? 36  PHE R CE1 1 
ATOM   274 C  CE2 . PHE A 1 37  ? 3.566   -6.116  -3.162  1.00 20.55  ? 36  PHE R CE2 1 
ATOM   275 C  CZ  . PHE A 1 37  ? 3.770   -6.905  -2.031  1.00 16.12  ? 36  PHE R CZ  1 
ATOM   276 N  N   . GLY A 1 38  ? 9.746   -3.810  -3.915  1.00 10.83  ? 37  GLY R N   1 
ATOM   277 C  CA  . GLY A 1 38  ? 11.122  -3.463  -4.285  1.00 21.27  ? 37  GLY R CA  1 
ATOM   278 C  C   . GLY A 1 38  ? 11.310  -1.953  -4.478  1.00 22.95  ? 37  GLY R C   1 
ATOM   279 O  O   . GLY A 1 38  ? 12.419  -1.480  -4.735  1.00 17.18  ? 37  GLY R O   1 
ATOM   280 N  N   . ARG A 1 39  ? 10.240  -1.204  -4.410  1.00 18.95  ? 38  ARG R N   1 
ATOM   281 C  CA  . ARG A 1 39  ? 10.481  0.237   -4.593  1.00 21.93  ? 38  ARG R CA  1 
ATOM   282 C  C   . ARG A 1 39  ? 10.644  0.998   -3.280  1.00 21.22  ? 38  ARG R C   1 
ATOM   283 O  O   . ARG A 1 39  ? 10.023  0.650   -2.272  1.00 15.63  ? 38  ARG R O   1 
ATOM   284 C  CB  . ARG A 1 39  ? 9.573   0.932   -5.613  1.00 25.50  ? 38  ARG R CB  1 
ATOM   285 C  CG  . ARG A 1 39  ? 8.181   1.391   -5.159  1.00 48.98  ? 38  ARG R CG  1 
ATOM   286 C  CD  . ARG A 1 39  ? 7.350   2.174   -6.232  1.00 38.77  ? 38  ARG R CD  1 
ATOM   287 N  NE  . ARG A 1 39  ? 6.047   2.638   -5.613  1.00 32.34  ? 38  ARG R NE  1 
ATOM   288 C  CZ  . ARG A 1 39  ? 4.794   2.777   -6.127  1.00 31.33  ? 38  ARG R CZ  1 
ATOM   289 N  NH1 . ARG A 1 39  ? 3.813   3.333   -5.378  1.00 17.94  ? 38  ARG R NH1 1 
ATOM   290 N  NH2 . ARG A 1 39  ? 4.473   2.435   -7.360  1.00 33.38  ? 38  ARG R NH2 1 
ATOM   291 N  N   . LYS A 1 40  ? 11.466  2.045   -3.323  1.00 17.09  ? 39  LYS R N   1 
ATOM   292 C  CA  . LYS A 1 40  ? 11.576  2.922   -2.159  1.00 18.57  ? 39  LYS R CA  1 
ATOM   293 C  C   . LYS A 1 40  ? 10.259  3.678   -1.951  1.00 18.55  ? 39  LYS R C   1 
ATOM   294 O  O   . LYS A 1 40  ? 9.446   3.751   -2.873  1.00 12.72  ? 39  LYS R O   1 
ATOM   295 C  CB  . LYS A 1 40  ? 12.658  3.956   -2.437  1.00 17.41  ? 39  LYS R CB  1 
ATOM   296 C  CG  . LYS A 1 40  ? 14.002  3.305   -2.679  1.00 21.72  ? 39  LYS R CG  1 
ATOM   297 C  CD  . LYS A 1 40  ? 15.137  4.341   -2.701  1.00 38.75  ? 39  LYS R CD  1 
ATOM   298 C  CE  . LYS A 1 40  ? 15.267  5.099   -4.001  1.00 69.41  ? 39  LYS R CE  1 
ATOM   299 N  NZ  . LYS A 1 40  ? 16.295  6.173   -3.823  1.00 39.71  ? 39  LYS R NZ  1 
ATOM   300 N  N   . THR A 1 41  ? 10.087  4.304   -0.800  1.00 13.09  ? 40  THR R N   1 
ATOM   301 C  CA  . THR A 1 41  ? 8.883   5.146   -0.677  1.00 13.05  ? 40  THR R CA  1 
ATOM   302 C  C   . THR A 1 41  ? 8.910   6.366   -1.596  1.00 16.24  ? 40  THR R C   1 
ATOM   303 O  O   . THR A 1 41  ? 9.981   6.854   -1.992  1.00 13.42  ? 40  THR R O   1 
ATOM   304 C  CB  . THR A 1 41  ? 8.702   5.654   0.730   1.00 11.57  ? 40  THR R CB  1 
ATOM   305 O  OG1 . THR A 1 41  ? 9.845   6.419   1.054   1.00 14.02  ? 40  THR R OG1 1 
ATOM   306 C  CG2 . THR A 1 41  ? 8.573   4.532   1.718   1.00 14.17  ? 40  THR R CG2 1 
ATOM   307 N  N   . GLY A 1 42  ? 7.730   6.879   -1.840  1.00 12.13  ? 41  GLY R N   1 
ATOM   308 C  CA  . GLY A 1 42  ? 7.664   8.165   -2.493  1.00 9.32   ? 41  GLY R CA  1 
ATOM   309 C  C   . GLY A 1 42  ? 8.054   8.156   -3.961  1.00 14.50  ? 41  GLY R C   1 
ATOM   310 O  O   . GLY A 1 42  ? 8.492   9.193   -4.448  1.00 17.62  ? 41  GLY R O   1 
ATOM   311 N  N   . GLN A 1 43  ? 7.900   7.035   -4.646  1.00 12.04  ? 42  GLN R N   1 
ATOM   312 C  CA  . GLN A 1 43  ? 8.433   6.978   -6.004  1.00 16.69  ? 42  GLN R CA  1 
ATOM   313 C  C   . GLN A 1 43  ? 7.471   7.052   -7.183  1.00 24.17  ? 42  GLN R C   1 
ATOM   314 O  O   . GLN A 1 43  ? 7.963   6.948   -8.311  1.00 24.46  ? 42  GLN R O   1 
ATOM   315 C  CB  . GLN A 1 43  ? 9.258   5.709   -6.174  1.00 20.00  ? 42  GLN R CB  1 
ATOM   316 C  CG  . GLN A 1 43  ? 10.471  5.672   -5.273  1.00 22.97  ? 42  GLN R CG  1 
ATOM   317 C  CD  . GLN A 1 43  ? 11.392  6.839   -5.589  1.00 30.67  ? 42  GLN R CD  1 
ATOM   318 O  OE1 . GLN A 1 43  ? 12.058  6.844   -6.631  1.00 31.41  ? 42  GLN R OE1 1 
ATOM   319 N  NE2 . GLN A 1 43  ? 11.616  7.623   -4.554  1.00 30.85  ? 42  GLN R NE2 1 
ATOM   320 N  N   . ALA A 1 44  ? 6.164   6.944   -6.971  1.00 16.20  ? 43  ALA R N   1 
ATOM   321 C  CA  . ALA A 1 44  ? 5.283   6.893   -8.159  1.00 17.29  ? 43  ALA R CA  1 
ATOM   322 C  C   . ALA A 1 44  ? 5.297   8.211   -8.948  1.00 25.33  ? 43  ALA R C   1 
ATOM   323 O  O   . ALA A 1 44  ? 5.249   9.300   -8.366  1.00 18.09  ? 43  ALA R O   1 
ATOM   324 C  CB  . ALA A 1 44  ? 3.859   6.507   -7.772  1.00 18.56  ? 43  ALA R CB  1 
ATOM   325 N  N   . GLU A 1 45  ? 5.560   8.114   -10.229 1.00 21.64  ? 44  GLU R N   1 
ATOM   326 C  CA  . GLU A 1 45  ? 5.724   9.339   -11.003 1.00 17.59  ? 44  GLU R CA  1 
ATOM   327 C  C   . GLU A 1 45  ? 4.441   10.166  -11.091 1.00 16.46  ? 44  GLU R C   1 
ATOM   328 O  O   . GLU A 1 45  ? 3.346   9.666   -11.379 1.00 21.62  ? 44  GLU R O   1 
ATOM   329 C  CB  . GLU A 1 45  ? 6.245   9.036   -12.411 1.00 26.64  ? 44  GLU R CB  1 
ATOM   330 C  CG  . GLU A 1 45  ? 7.774   9.154   -12.517 1.00 52.22  ? 44  GLU R CG  1 
ATOM   331 C  CD  . GLU A 1 45  ? 8.179   10.058  -13.702 1.00 114.06 ? 44  GLU R CD  1 
ATOM   332 O  OE1 . GLU A 1 45  ? 7.503   10.071  -14.750 1.00 65.97  ? 44  GLU R OE1 1 
ATOM   333 O  OE2 . GLU A 1 45  ? 9.281   10.623  -13.636 1.00 62.08  ? 44  GLU R OE2 1 
ATOM   334 N  N   . GLY A 1 46  ? 4.600   11.437  -10.845 1.00 17.97  ? 45  GLY R N   1 
ATOM   335 C  CA  . GLY A 1 46  ? 3.432   12.303  -11.015 1.00 24.98  ? 45  GLY R CA  1 
ATOM   336 C  C   . GLY A 1 46  ? 2.537   12.394  -9.781  1.00 25.70  ? 45  GLY R C   1 
ATOM   337 O  O   . GLY A 1 46  ? 1.490   13.048  -9.812  1.00 20.23  ? 45  GLY R O   1 
ATOM   338 N  N   . TYR A 1 47  ? 3.011   11.837  -8.694  1.00 17.96  ? 46  TYR R N   1 
ATOM   339 C  CA  . TYR A 1 47  ? 2.285   11.971  -7.428  1.00 15.54  ? 46  TYR R CA  1 
ATOM   340 C  C   . TYR A 1 47  ? 3.064   12.839  -6.440  1.00 16.24  ? 46  TYR R C   1 
ATOM   341 O  O   . TYR A 1 47  ? 4.272   12.639  -6.242  1.00 17.86  ? 46  TYR R O   1 
ATOM   342 C  CB  . TYR A 1 47  ? 2.002   10.598  -6.816  1.00 17.64  ? 46  TYR R CB  1 
ATOM   343 C  CG  . TYR A 1 47  ? 0.976   10.652  -5.694  1.00 14.97  ? 46  TYR R CG  1 
ATOM   344 C  CD1 . TYR A 1 47  ? -0.363  10.765  -6.013  1.00 13.59  ? 46  TYR R CD1 1 
ATOM   345 C  CD2 . TYR A 1 47  ? 1.385   10.696  -4.378  1.00 11.00  ? 46  TYR R CD2 1 
ATOM   346 C  CE1 . TYR A 1 47  ? -1.304  10.919  -5.017  1.00 20.19  ? 46  TYR R CE1 1 
ATOM   347 C  CE2 . TYR A 1 47  ? 0.454   10.865  -3.358  1.00 11.48  ? 46  TYR R CE2 1 
ATOM   348 C  CZ  . TYR A 1 47  ? -0.905  10.982  -3.688  1.00 16.59  ? 46  TYR R CZ  1 
ATOM   349 O  OH  . TYR A 1 47  ? -1.817  11.194  -2.747  1.00 14.15  ? 46  TYR R OH  1 
ATOM   350 N  N   . SER A 1 48  ? 2.332   13.691  -5.747  1.00 15.14  ? 47  SER R N   1 
ATOM   351 C  CA  . SER A 1 48  ? 2.898   14.551  -4.681  1.00 15.62  ? 47  SER R CA  1 
ATOM   352 C  C   . SER A 1 48  ? 2.788   13.945  -3.279  1.00 13.24  ? 47  SER R C   1 
ATOM   353 O  O   . SER A 1 48  ? 1.742   14.001  -2.646  1.00 11.90  ? 47  SER R O   1 
ATOM   354 C  CB  . SER A 1 48  ? 2.216   15.925  -4.717  1.00 18.77  ? 47  SER R CB  1 
ATOM   355 O  OG  . SER A 1 48  ? 2.523   16.499  -5.982  1.00 24.89  ? 47  SER R OG  1 
ATOM   356 N  N   . TYR A 1 49  ? 3.871   13.361  -2.813  1.00 10.43  ? 48  TYR R N   1 
ATOM   357 C  CA  . TYR A 1 49  ? 3.860   12.722  -1.508  1.00 10.17  ? 48  TYR R CA  1 
ATOM   358 C  C   . TYR A 1 49  ? 4.135   13.714  -0.375  1.00 12.31  ? 48  TYR R C   1 
ATOM   359 O  O   . TYR A 1 49  ? 4.745   14.764  -0.588  1.00 14.62  ? 48  TYR R O   1 
ATOM   360 C  CB  . TYR A 1 49  ? 4.944   11.648  -1.467  1.00 10.50  ? 48  TYR R CB  1 
ATOM   361 C  CG  . TYR A 1 49  ? 4.731   10.435  -2.365  1.00 14.09  ? 48  TYR R CG  1 
ATOM   362 C  CD1 . TYR A 1 49  ? 4.148   9.297   -1.840  1.00 13.69  ? 48  TYR R CD1 1 
ATOM   363 C  CD2 . TYR A 1 49  ? 5.144   10.447  -3.686  1.00 13.61  ? 48  TYR R CD2 1 
ATOM   364 C  CE1 . TYR A 1 49  ? 3.983   8.156   -2.630  1.00 11.64  ? 48  TYR R CE1 1 
ATOM   365 C  CE2 . TYR A 1 49  ? 4.992   9.316   -4.490  1.00 17.77  ? 48  TYR R CE2 1 
ATOM   366 C  CZ  . TYR A 1 49  ? 4.410   8.164   -3.946  1.00 13.18  ? 48  TYR R CZ  1 
ATOM   367 O  OH  . TYR A 1 49  ? 4.379   7.040   -4.637  1.00 15.07  ? 48  TYR R OH  1 
ATOM   368 N  N   . THR A 1 50  ? 3.842   13.295  0.841   1.00 12.64  ? 49  THR R N   1 
ATOM   369 C  CA  . THR A 1 50  ? 4.366   14.020  2.003   1.00 11.44  ? 49  THR R CA  1 
ATOM   370 C  C   . THR A 1 50  ? 5.874   13.823  2.146   1.00 19.52  ? 49  THR R C   1 
ATOM   371 O  O   . THR A 1 50  ? 6.418   12.779  1.752   1.00 11.23  ? 49  THR R O   1 
ATOM   372 C  CB  . THR A 1 50  ? 3.728   13.579  3.313   1.00 11.20  ? 49  THR R CB  1 
ATOM   373 O  OG1 . THR A 1 50  ? 3.958   12.193  3.515   1.00 8.89   ? 49  THR R OG1 1 
ATOM   374 C  CG2 . THR A 1 50  ? 2.227   13.867  3.404   1.00 14.24  ? 49  THR R CG2 1 
ATOM   375 N  N   . ASP A 1 51  ? 6.481   14.798  2.836   1.00 16.99  ? 50  ASP R N   1 
ATOM   376 C  CA  . ASP A 1 51  ? 7.883   14.671  3.237   1.00 11.12  ? 50  ASP R CA  1 
ATOM   377 C  C   . ASP A 1 51  ? 8.082   13.534  4.225   1.00 15.57  ? 50  ASP R C   1 
ATOM   378 O  O   . ASP A 1 51  ? 9.132   12.883  4.227   1.00 14.70  ? 50  ASP R O   1 
ATOM   379 C  CB  . ASP A 1 51  ? 8.367   15.966  3.882   1.00 15.87  ? 50  ASP R CB  1 
ATOM   380 C  CG  . ASP A 1 51  ? 7.673   16.247  5.224   1.00 27.69  ? 50  ASP R CG  1 
ATOM   381 O  OD1 . ASP A 1 51  ? 6.433   16.219  5.283   1.00 34.68  ? 50  ASP R OD1 1 
ATOM   382 O  OD2 . ASP A 1 51  ? 8.355   16.656  6.172   1.00 24.60  ? 50  ASP R OD2 1 
ATOM   383 N  N   . ALA A 1 52  ? 7.021   13.236  4.973   1.00 13.51  ? 51  ALA R N   1 
ATOM   384 C  CA  . ALA A 1 52  ? 7.062   12.086  5.904   1.00 19.31  ? 51  ALA R CA  1 
ATOM   385 C  C   . ALA A 1 52  ? 7.214   10.758  5.165   1.00 18.10  ? 51  ALA R C   1 
ATOM   386 O  O   . ALA A 1 52  ? 8.097   9.954   5.484   1.00 12.67  ? 51  ALA R O   1 
ATOM   387 C  CB  . ALA A 1 52  ? 5.768   11.999  6.689   1.00 18.91  ? 51  ALA R CB  1 
ATOM   388 N  N   . ASN A 1 53  ? 6.414   10.601  4.125   1.00 13.96  ? 52  ASN R N   1 
ATOM   389 C  CA  . ASN A 1 53  ? 6.554   9.391   3.308   1.00 11.80  ? 52  ASN R CA  1 
ATOM   390 C  C   . ASN A 1 53  ? 7.923   9.335   2.634   1.00 17.61  ? 52  ASN R C   1 
ATOM   391 O  O   . ASN A 1 53  ? 8.592   8.305   2.692   1.00 11.80  ? 52  ASN R O   1 
ATOM   392 C  CB  . ASN A 1 53  ? 5.413   9.296   2.290   1.00 13.64  ? 52  ASN R CB  1 
ATOM   393 C  CG  . ASN A 1 53  ? 5.581   8.077   1.377   1.00 15.98  ? 52  ASN R CG  1 
ATOM   394 O  OD1 . ASN A 1 53  ? 4.774   7.128   1.359   1.00 15.47  ? 52  ASN R OD1 1 
ATOM   395 N  ND2 . ASN A 1 53  ? 6.409   8.272   0.404   1.00 7.69   ? 52  ASN R ND2 1 
ATOM   396 N  N   . LYS A 1 54  ? 8.308   10.420  2.001   1.00 12.21  ? 53  LYS R N   1 
ATOM   397 C  CA  . LYS A 1 54  ? 9.589   10.411  1.292   1.00 16.74  ? 53  LYS R CA  1 
ATOM   398 C  C   . LYS A 1 54  ? 10.789  10.178  2.199   1.00 17.06  ? 53  LYS R C   1 
ATOM   399 O  O   . LYS A 1 54  ? 11.819  9.659   1.751   1.00 15.53  ? 53  LYS R O   1 
ATOM   400 C  CB  . LYS A 1 54  ? 9.819   11.736  0.586   1.00 16.47  ? 53  LYS R CB  1 
ATOM   401 C  CG  . LYS A 1 54  ? 8.842   11.985  -0.554  1.00 20.41  ? 53  LYS R CG  1 
ATOM   402 C  CD  . LYS A 1 54  ? 9.325   13.201  -1.322  1.00 22.53  ? 53  LYS R CD  1 
ATOM   403 C  CE  . LYS A 1 54  ? 8.184   13.944  -1.940  1.00 36.77  ? 53  LYS R CE  1 
ATOM   404 N  NZ  . LYS A 1 54  ? 8.233   15.328  -1.501  1.00 50.76  ? 53  LYS R NZ  1 
ATOM   405 N  N   . SER A 1 55  ? 10.650  10.571  3.437   1.00 14.29  ? 54  SER R N   1 
ATOM   406 C  CA  . SER A 1 55  ? 11.804  10.451  4.325   1.00 16.43  ? 54  SER R CA  1 
ATOM   407 C  C   . SER A 1 55  ? 11.881  9.148   5.117   1.00 24.52  ? 54  SER R C   1 
ATOM   408 O  O   . SER A 1 55  ? 12.709  9.063   6.026   1.00 18.02  ? 54  SER R O   1 
ATOM   409 C  CB  . SER A 1 55  ? 11.824  11.607  5.291   1.00 18.10  ? 54  SER R CB  1 
ATOM   410 O  OG  . SER A 1 55  ? 10.759  11.475  6.208   1.00 25.87  ? 54  SER R OG  1 
ATOM   411 N  N   . LYS A 1 56  ? 10.948  8.237   4.893   1.00 15.41  ? 55  LYS R N   1 
ATOM   412 C  CA  . LYS A 1 56  ? 10.868  7.047   5.761   1.00 17.88  ? 55  LYS R CA  1 
ATOM   413 C  C   . LYS A 1 56  ? 12.031  6.062   5.568   1.00 21.44  ? 55  LYS R C   1 
ATOM   414 O  O   . LYS A 1 56  ? 12.538  5.471   6.529   1.00 22.16  ? 55  LYS R O   1 
ATOM   415 C  CB  . LYS A 1 56  ? 9.532   6.350   5.494   1.00 14.43  ? 55  LYS R CB  1 
ATOM   416 C  CG  . LYS A 1 56  ? 9.397   5.063   6.310   1.00 17.86  ? 55  LYS R CG  1 
ATOM   417 C  CD  . LYS A 1 56  ? 9.389   5.258   7.814   1.00 13.37  ? 55  LYS R CD  1 
ATOM   418 C  CE  . LYS A 1 56  ? 9.298   3.916   8.513   1.00 17.07  ? 55  LYS R CE  1 
ATOM   419 N  NZ  . LYS A 1 56  ? 9.222   4.134   9.961   1.00 16.84  ? 55  LYS R NZ  1 
ATOM   420 N  N   . GLY A 1 57  ? 12.640  6.076   4.427   1.00 21.17  ? 56  GLY R N   1 
ATOM   421 C  CA  . GLY A 1 57  ? 13.933  5.345   4.402   1.00 19.51  ? 56  GLY R CA  1 
ATOM   422 C  C   . GLY A 1 57  ? 13.814  3.819   4.331   1.00 15.21  ? 56  GLY R C   1 
ATOM   423 O  O   . GLY A 1 57  ? 14.734  3.092   4.739   1.00 13.63  ? 56  GLY R O   1 
ATOM   424 N  N   . ILE A 1 58  ? 12.680  3.379   3.807   1.00 13.50  ? 57  ILE R N   1 
ATOM   425 C  CA  . ILE A 1 58  ? 12.431  1.932   3.649   1.00 15.38  ? 57  ILE R CA  1 
ATOM   426 C  C   . ILE A 1 58  ? 12.173  1.536   2.189   1.00 19.02  ? 57  ILE R C   1 
ATOM   427 O  O   . ILE A 1 58  ? 11.872  2.397   1.343   1.00 17.98  ? 57  ILE R O   1 
ATOM   428 C  CB  . ILE A 1 58  ? 11.345  1.433   4.638   1.00 13.24  ? 57  ILE R CB  1 
ATOM   429 C  CG1 . ILE A 1 58  ? 9.943   2.025   4.441   1.00 19.86  ? 57  ILE R CG1 1 
ATOM   430 C  CG2 . ILE A 1 58  ? 11.775  1.606   6.079   1.00 11.80  ? 57  ILE R CG2 1 
ATOM   431 C  CD1 . ILE A 1 58  ? 9.062   1.208   3.505   1.00 19.64  ? 57  ILE R CD1 1 
ATOM   432 N  N   . VAL A 1 59  ? 12.224  0.223   1.953   1.00 12.12  ? 58  VAL R N   1 
ATOM   433 C  CA  . VAL A 1 59  ? 11.812  -0.379  0.683   1.00 14.10  ? 58  VAL R CA  1 
ATOM   434 C  C   . VAL A 1 59  ? 10.541  -1.199  0.922   1.00 20.36  ? 58  VAL R C   1 
ATOM   435 O  O   . VAL A 1 59  ? 10.385  -1.799  1.991   1.00 14.32  ? 58  VAL R O   1 
ATOM   436 C  CB  . VAL A 1 59  ? 12.953  -1.265  0.206   1.00 21.07  ? 58  VAL R CB  1 
ATOM   437 C  CG1 . VAL A 1 59  ? 12.533  -2.153  -0.950  1.00 21.41  ? 58  VAL R CG1 1 
ATOM   438 C  CG2 . VAL A 1 59  ? 14.139  -0.403  -0.223  1.00 22.45  ? 58  VAL R CG2 1 
ATOM   439 N  N   . TRP A 1 60  ? 9.565   -1.037  0.036   1.00 11.69  ? 59  TRP R N   1 
ATOM   440 C  CA  . TRP A 1 60  ? 8.292   -1.770  0.191   1.00 11.38  ? 59  TRP R CA  1 
ATOM   441 C  C   . TRP A 1 60  ? 8.444   -3.243  -0.191  1.00 13.29  ? 59  TRP R C   1 
ATOM   442 O  O   . TRP A 1 60  ? 8.921   -3.581  -1.275  1.00 13.29  ? 59  TRP R O   1 
ATOM   443 C  CB  . TRP A 1 60  ? 7.181   -1.141  -0.641  1.00 11.71  ? 59  TRP R CB  1 
ATOM   444 C  CG  . TRP A 1 60  ? 6.715   0.211   -0.131  1.00 13.00  ? 59  TRP R CG  1 
ATOM   445 C  CD1 . TRP A 1 60  ? 6.673   1.396   -0.843  1.00 11.09  ? 59  TRP R CD1 1 
ATOM   446 C  CD2 . TRP A 1 60  ? 6.206   0.525   1.132   1.00 12.01  ? 59  TRP R CD2 1 
ATOM   447 N  NE1 . TRP A 1 60  ? 6.173   2.365   -0.055  1.00 11.20  ? 59  TRP R NE1 1 
ATOM   448 C  CE2 . TRP A 1 60  ? 5.885   1.899   1.109   1.00 15.72  ? 59  TRP R CE2 1 
ATOM   449 C  CE3 . TRP A 1 60  ? 5.987   -0.228  2.268   1.00 13.38  ? 59  TRP R CE3 1 
ATOM   450 C  CZ2 . TRP A 1 60  ? 5.344   2.572   2.204   1.00 14.27  ? 59  TRP R CZ2 1 
ATOM   451 C  CZ3 . TRP A 1 60  ? 5.433   0.432   3.388   1.00 15.82  ? 59  TRP R CZ3 1 
ATOM   452 C  CH2 . TRP A 1 60  ? 5.122   1.809   3.358   1.00 12.54  ? 59  TRP R CH2 1 
ATOM   453 N  N   . ASN A 1 61  ? 8.129   -4.105  0.746   1.00 11.81  ? 60  ASN R N   1 
ATOM   454 C  CA  . ASN A 1 61  ? 8.200   -5.558  0.507   1.00 9.68   ? 60  ASN R CA  1 
ATOM   455 C  C   . ASN A 1 61  ? 7.230   -6.218  1.491   1.00 12.39  ? 60  ASN R C   1 
ATOM   456 O  O   . ASN A 1 61  ? 6.479   -5.508  2.166   1.00 9.20   ? 60  ASN R O   1 
ATOM   457 C  CB  . ASN A 1 61  ? 9.656   -6.089  0.654   1.00 16.24  ? 60  ASN R CB  1 
ATOM   458 C  CG  . ASN A 1 61  ? 10.270  -5.811  2.050   1.00 24.95  ? 60  ASN R CG  1 
ATOM   459 O  OD1 . ASN A 1 61  ? 9.593   -5.851  3.078   1.00 15.26  ? 60  ASN R OD1 1 
ATOM   460 N  ND2 . ASN A 1 61  ? 11.605  -5.572  2.133   1.00 19.26  ? 60  ASN R ND2 1 
ATOM   461 N  N   . ASN A 1 62  ? 7.157   -7.555  1.489   1.00 14.08  ? 61  ASN R N   1 
ATOM   462 C  CA  . ASN A 1 62  ? 6.118   -8.196  2.326   1.00 12.20  ? 61  ASN R CA  1 
ATOM   463 C  C   . ASN A 1 62  ? 6.221   -7.732  3.775   1.00 13.95  ? 61  ASN R C   1 
ATOM   464 O  O   . ASN A 1 62  ? 5.230   -7.419  4.433   1.00 11.73  ? 61  ASN R O   1 
ATOM   465 C  CB  . ASN A 1 62  ? 6.271   -9.718  2.342   1.00 11.12  ? 61  ASN R CB  1 
ATOM   466 C  CG  . ASN A 1 62  ? 6.244   -10.329 0.942   1.00 17.83  ? 61  ASN R CG  1 
ATOM   467 O  OD1 . ASN A 1 62  ? 6.881   -9.847  0.001   1.00 16.37  ? 61  ASN R OD1 1 
ATOM   468 N  ND2 . ASN A 1 62  ? 5.642   -11.493 0.859   1.00 13.32  ? 61  ASN R ND2 1 
ATOM   469 N  N   . ASP A 1 63  ? 7.455   -7.640  4.222   1.00 11.98  ? 62  ASP R N   1 
ATOM   470 C  CA  . ASP A 1 63  ? 7.711   -7.339  5.622   1.00 12.55  ? 62  ASP R CA  1 
ATOM   471 C  C   . ASP A 1 63  ? 7.304   -5.907  5.996   1.00 13.80  ? 62  ASP R C   1 
ATOM   472 O  O   . ASP A 1 63  ? 6.596   -5.687  6.986   1.00 11.65  ? 62  ASP R O   1 
ATOM   473 C  CB  . ASP A 1 63  ? 9.211   -7.545  5.762   1.00 18.76  ? 62  ASP R CB  1 
ATOM   474 C  CG  . ASP A 1 63  ? 9.723   -7.538  7.193   1.00 34.43  ? 62  ASP R CG  1 
ATOM   475 O  OD1 . ASP A 1 63  ? 9.229   -6.762  7.997   1.00 34.07  ? 62  ASP R OD1 1 
ATOM   476 O  OD2 . ASP A 1 63  ? 10.791  -8.130  7.410   1.00 55.63  ? 62  ASP R OD2 1 
ATOM   477 N  N   . THR A 1 64  ? 7.771   -4.949  5.226   1.00 12.96  ? 63  THR R N   1 
ATOM   478 C  CA  . THR A 1 64  ? 7.404   -3.556  5.564   1.00 11.51  ? 63  THR R CA  1 
ATOM   479 C  C   . THR A 1 64  ? 5.941   -3.230  5.279   1.00 12.98  ? 63  THR R C   1 
ATOM   480 O  O   . THR A 1 64  ? 5.313   -2.500  6.054   1.00 11.96  ? 63  THR R O   1 
ATOM   481 C  CB  . THR A 1 64  ? 8.299   -2.569  4.825   1.00 10.85  ? 63  THR R CB  1 
ATOM   482 O  OG1 . THR A 1 64  ? 8.205   -2.790  3.421   1.00 12.42  ? 63  THR R OG1 1 
ATOM   483 C  CG2 . THR A 1 64  ? 9.742   -2.724  5.272   1.00 13.45  ? 63  THR R CG2 1 
ATOM   484 N  N   . LEU A 1 65  ? 5.374   -3.880  4.269   1.00 12.24  ? 64  LEU R N   1 
ATOM   485 C  CA  . LEU A 1 65  ? 3.905   -3.699  4.080   1.00 15.11  ? 64  LEU R CA  1 
ATOM   486 C  C   . LEU A 1 65  ? 3.068   -4.245  5.245   1.00 17.93  ? 64  LEU R C   1 
ATOM   487 O  O   . LEU A 1 65  ? 2.056   -3.659  5.630   1.00 12.06  ? 64  LEU R O   1 
ATOM   488 C  CB  . LEU A 1 65  ? 3.463   -4.344  2.767   1.00 14.04  ? 64  LEU R CB  1 
ATOM   489 C  CG  . LEU A 1 65  ? 3.813   -3.506  1.553   1.00 16.75  ? 64  LEU R CG  1 
ATOM   490 C  CD1 . LEU A 1 65  ? 3.728   -4.297  0.250   1.00 19.27  ? 64  LEU R CD1 1 
ATOM   491 C  CD2 . LEU A 1 65  ? 2.933   -2.246  1.511   1.00 17.67  ? 64  LEU R CD2 1 
ATOM   492 N  N   . MET A 1 66  ? 3.451   -5.392  5.760   1.00 14.66  ? 65  MET R N   1 
ATOM   493 C  CA  . MET A 1 66  ? 2.691   -5.978  6.866   1.00 11.03  ? 65  MET R CA  1 
ATOM   494 C  C   . MET A 1 66  ? 2.735   -5.060  8.081   1.00 15.74  ? 65  MET R C   1 
ATOM   495 O  O   . MET A 1 66  ? 1.748   -4.918  8.808   1.00 17.25  ? 65  MET R O   1 
ATOM   496 C  CB  . MET A 1 66  ? 3.297   -7.335  7.276   1.00 18.65  ? 65  MET R CB  1 
ATOM   497 C  CG  . MET A 1 66  ? 2.962   -8.492  6.325   1.00 20.59  ? 65  MET R CG  1 
ATOM   498 S  SD  . MET A 1 66  ? 1.217   -8.999  6.446   1.00 17.65  ? 65  MET R SD  1 
ATOM   499 C  CE  . MET A 1 66  ? 0.994   -9.612  8.124   1.00 15.55  ? 65  MET R CE  1 
ATOM   500 N  N   . GLU A 1 67  ? 3.877   -4.426  8.268   1.00 12.80  ? 66  GLU R N   1 
ATOM   501 C  CA  . GLU A 1 67  ? 4.001   -3.488  9.378   1.00 13.22  ? 66  GLU R CA  1 
ATOM   502 C  C   . GLU A 1 67  ? 3.205   -2.193  9.156   1.00 15.52  ? 66  GLU R C   1 
ATOM   503 O  O   . GLU A 1 67  ? 2.449   -1.753  10.027  1.00 10.41  ? 66  GLU R O   1 
ATOM   504 C  CB  . GLU A 1 67  ? 5.473   -3.167  9.600   1.00 15.42  ? 66  GLU R CB  1 
ATOM   505 C  CG  . GLU A 1 67  ? 5.532   -2.352  10.895  1.00 22.76  ? 66  GLU R CG  1 
ATOM   506 C  CD  . GLU A 1 67  ? 6.936   -2.298  11.503  1.00 30.49  ? 66  GLU R CD  1 
ATOM   507 O  OE1 . GLU A 1 67  ? 7.868   -2.963  11.017  1.00 30.07  ? 66  GLU R OE1 1 
ATOM   508 O  OE2 . GLU A 1 67  ? 7.107   -1.394  12.324  1.00 29.91  ? 66  GLU R OE2 1 
ATOM   509 N  N   . TYR A 1 68  ? 3.375   -1.639  7.967   1.00 12.12  ? 67  TYR R N   1 
ATOM   510 C  CA  . TYR A 1 68  ? 2.696   -0.376  7.606   1.00 13.77  ? 67  TYR R CA  1 
ATOM   511 C  C   . TYR A 1 68  ? 1.180   -0.537  7.699   1.00 17.10  ? 67  TYR R C   1 
ATOM   512 O  O   . TYR A 1 68  ? 0.507   0.269   8.328   1.00 16.46  ? 67  TYR R O   1 
ATOM   513 C  CB  . TYR A 1 68  ? 3.068   0.040   6.173   1.00 12.52  ? 67  TYR R CB  1 
ATOM   514 C  CG  . TYR A 1 68  ? 2.376   1.282   5.631   1.00 12.96  ? 67  TYR R CG  1 
ATOM   515 C  CD1 . TYR A 1 68  ? 1.700   1.214   4.427   1.00 11.20  ? 67  TYR R CD1 1 
ATOM   516 C  CD2 . TYR A 1 68  ? 2.504   2.503   6.289   1.00 17.26  ? 67  TYR R CD2 1 
ATOM   517 C  CE1 . TYR A 1 68  ? 1.124   2.367   3.881   1.00 14.13  ? 67  TYR R CE1 1 
ATOM   518 C  CE2 . TYR A 1 68  ? 1.932   3.668   5.757   1.00 11.37  ? 67  TYR R CE2 1 
ATOM   519 C  CZ  . TYR A 1 68  ? 1.246   3.597   4.545   1.00 12.22  ? 67  TYR R CZ  1 
ATOM   520 O  OH  . TYR A 1 68  ? 0.697   4.687   4.016   1.00 15.93  ? 67  TYR R OH  1 
ATOM   521 N  N   . LEU A 1 69  ? 0.685   -1.590  7.097   1.00 14.46  ? 68  LEU R N   1 
ATOM   522 C  CA  . LEU A 1 69  ? -0.771  -1.768  7.011   1.00 16.47  ? 68  LEU R CA  1 
ATOM   523 C  C   . LEU A 1 69  ? -1.458  -2.059  8.340   1.00 13.76  ? 68  LEU R C   1 
ATOM   524 O  O   . LEU A 1 69  ? -2.655  -1.791  8.440   1.00 15.52  ? 68  LEU R O   1 
ATOM   525 C  CB  . LEU A 1 69  ? -1.159  -2.802  5.951   1.00 14.88  ? 68  LEU R CB  1 
ATOM   526 C  CG  . LEU A 1 69  ? -0.809  -2.341  4.541   1.00 17.46  ? 68  LEU R CG  1 
ATOM   527 C  CD1 . LEU A 1 69  ? -1.012  -3.478  3.534   1.00 24.22  ? 68  LEU R CD1 1 
ATOM   528 C  CD2 . LEU A 1 69  ? -1.631  -1.123  4.122   1.00 16.42  ? 68  LEU R CD2 1 
ATOM   529 N  N   . GLU A 1 70  ? -0.700  -2.391  9.361   1.00 13.43  ? 69  GLU R N   1 
ATOM   530 C  CA  . GLU A 1 70  ? -1.329  -2.542  10.686  1.00 15.04  ? 69  GLU R CA  1 
ATOM   531 C  C   . GLU A 1 70  ? -1.721  -1.178  11.243  1.00 17.62  ? 69  GLU R C   1 
ATOM   532 O  O   . GLU A 1 70  ? -2.789  -1.012  11.843  1.00 16.04  ? 69  GLU R O   1 
ATOM   533 C  CB  . GLU A 1 70  ? -0.420  -3.250  11.690  1.00 15.89  ? 69  GLU R CB  1 
ATOM   534 C  CG  . GLU A 1 70  ? -1.185  -3.581  12.976  1.00 15.08  ? 69  GLU R CG  1 
ATOM   535 C  CD  . GLU A 1 70  ? -0.283  -4.246  14.017  1.00 31.97  ? 69  GLU R CD  1 
ATOM   536 O  OE1 . GLU A 1 70  ? -0.815  -4.739  15.018  1.00 29.49  ? 69  GLU R OE1 1 
ATOM   537 O  OE2 . GLU A 1 70  ? 0.939   -4.278  13.830  1.00 36.61  ? 69  GLU R OE2 1 
ATOM   538 N  N   . ASN A 1 71  ? -0.846  -0.206  11.016  1.00 12.02  ? 70  ASN R N   1 
ATOM   539 C  CA  . ASN A 1 71  ? -1.131  1.127   11.573  1.00 15.20  ? 70  ASN R CA  1 
ATOM   540 C  C   . ASN A 1 71  ? -0.297  2.179   10.841  1.00 16.65  ? 70  ASN R C   1 
ATOM   541 O  O   . ASN A 1 71  ? 0.868   2.427   11.191  1.00 15.37  ? 70  ASN R O   1 
ATOM   542 C  CB  . ASN A 1 71  ? -0.771  1.130   13.071  1.00 17.69  ? 70  ASN R CB  1 
ATOM   543 C  CG  . ASN A 1 71  ? -1.278  2.381   13.810  1.00 21.11  ? 70  ASN R CG  1 
ATOM   544 O  OD1 . ASN A 1 71  ? -1.497  3.439   13.222  1.00 20.97  ? 70  ASN R OD1 1 
ATOM   545 N  ND2 . ASN A 1 71  ? -1.256  2.316   15.132  1.00 28.22  ? 70  ASN R ND2 1 
ATOM   546 N  N   . PRO A 1 72  ? -0.794  2.611   9.720   1.00 11.97  ? 71  PRO R N   1 
ATOM   547 C  CA  . PRO A 1 72  ? -0.066  3.543   8.833   1.00 16.75  ? 71  PRO R CA  1 
ATOM   548 C  C   . PRO A 1 72  ? 0.569   4.765   9.521   1.00 15.36  ? 71  PRO R C   1 
ATOM   549 O  O   . PRO A 1 72  ? 1.752   5.051   9.319   1.00 12.70  ? 71  PRO R O   1 
ATOM   550 C  CB  . PRO A 1 72  ? -1.095  3.964   7.781   1.00 14.19  ? 71  PRO R CB  1 
ATOM   551 C  CG  . PRO A 1 72  ? -2.074  2.801   7.736   1.00 13.34  ? 71  PRO R CG  1 
ATOM   552 C  CD  . PRO A 1 72  ? -2.109  2.248   9.146   1.00 9.72   ? 71  PRO R CD  1 
ATOM   553 N  N   . LYS A 1 73  ? -0.201  5.445   10.360  1.00 13.66  ? 72  LYS R N   1 
ATOM   554 C  CA  . LYS A 1 73  ? 0.294   6.655   11.015  1.00 15.34  ? 72  LYS R CA  1 
ATOM   555 C  C   . LYS A 1 73  ? 1.334   6.413   12.098  1.00 19.17  ? 72  LYS R C   1 
ATOM   556 O  O   . LYS A 1 73  ? 2.197   7.269   12.294  1.00 20.39  ? 72  LYS R O   1 
ATOM   557 C  CB  . LYS A 1 73  ? -0.808  7.576   11.521  1.00 21.50  ? 72  LYS R CB  1 
ATOM   558 C  CG  . LYS A 1 73  ? -1.469  7.001   12.765  1.00 38.60  ? 72  LYS R CG  1 
ATOM   559 C  CD  . LYS A 1 73  ? -1.874  8.065   13.806  1.00 62.34  ? 72  LYS R CD  1 
ATOM   560 C  CE  . LYS A 1 73  ? -1.329  7.676   15.199  1.00 110.23 ? 72  LYS R CE  1 
ATOM   561 N  NZ  . LYS A 1 73  ? -1.426  6.192   15.327  1.00 52.51  ? 72  LYS R NZ  1 
ATOM   562 N  N   . LYS A 1 74  ? 1.398   5.203   12.599  1.00 16.24  ? 73  LYS R N   1 
ATOM   563 C  CA  . LYS A 1 74  ? 2.493   4.931   13.536  1.00 22.54  ? 73  LYS R CA  1 
ATOM   564 C  C   . LYS A 1 74  ? 3.790   4.566   12.821  1.00 15.59  ? 73  LYS R C   1 
ATOM   565 O  O   . LYS A 1 74  ? 4.881   4.909   13.286  1.00 15.84  ? 73  LYS R O   1 
ATOM   566 C  CB  . LYS A 1 74  ? 2.090   3.734   14.354  1.00 21.60  ? 73  LYS R CB  1 
ATOM   567 C  CG  . LYS A 1 74  ? 3.129   3.467   15.411  1.00 29.73  ? 73  LYS R CG  1 
ATOM   568 C  CD  . LYS A 1 74  ? 2.883   2.122   16.052  1.00 44.54  ? 73  LYS R CD  1 
ATOM   569 C  CE  . LYS A 1 74  ? 3.619   2.057   17.368  1.00 72.05  ? 73  LYS R CE  1 
ATOM   570 N  NZ  . LYS A 1 74  ? 4.416   0.833   17.365  1.00 56.23  ? 73  LYS R NZ  1 
ATOM   571 N  N   . TYR A 1 75  ? 3.637   3.960   11.640  1.00 16.46  ? 74  TYR R N   1 
ATOM   572 C  CA  . TYR A 1 75  ? 4.834   3.648   10.849  1.00 15.72  ? 74  TYR R CA  1 
ATOM   573 C  C   . TYR A 1 75  ? 5.392   4.867   10.110  1.00 13.57  ? 74  TYR R C   1 
ATOM   574 O  O   . TYR A 1 75  ? 6.601   5.032   9.995   1.00 11.40  ? 74  TYR R O   1 
ATOM   575 C  CB  . TYR A 1 75  ? 4.495   2.515   9.862   1.00 16.04  ? 74  TYR R CB  1 
ATOM   576 C  CG  . TYR A 1 75  ? 5.674   1.847   9.183   1.00 17.49  ? 74  TYR R CG  1 
ATOM   577 C  CD1 . TYR A 1 75  ? 6.551   1.066   9.910   1.00 14.70  ? 74  TYR R CD1 1 
ATOM   578 C  CD2 . TYR A 1 75  ? 5.823   1.960   7.819   1.00 14.37  ? 74  TYR R CD2 1 
ATOM   579 C  CE1 . TYR A 1 75  ? 7.592   0.382   9.257   1.00 13.08  ? 74  TYR R CE1 1 
ATOM   580 C  CE2 . TYR A 1 75  ? 6.857   1.295   7.152   1.00 14.81  ? 74  TYR R CE2 1 
ATOM   581 C  CZ  . TYR A 1 75  ? 7.739   0.500   7.873   1.00 20.09  ? 74  TYR R CZ  1 
ATOM   582 O  OH  . TYR A 1 75  ? 8.728   -0.126  7.235   1.00 22.25  ? 74  TYR R OH  1 
ATOM   583 N  N   . ILE A 1 76  ? 4.503   5.712   9.595   1.00 17.39  ? 75  ILE R N   1 
ATOM   584 C  CA  . ILE A 1 76  ? 4.913   6.947   8.920   1.00 17.83  ? 75  ILE R CA  1 
ATOM   585 C  C   . ILE A 1 76  ? 4.154   8.177   9.450   1.00 20.42  ? 75  ILE R C   1 
ATOM   586 O  O   . ILE A 1 76  ? 3.125   8.584   8.898   1.00 13.18  ? 75  ILE R O   1 
ATOM   587 C  CB  . ILE A 1 76  ? 4.777   6.831   7.396   1.00 15.00  ? 75  ILE R CB  1 
ATOM   588 C  CG1 . ILE A 1 76  ? 5.380   5.542   6.849   1.00 19.78  ? 75  ILE R CG1 1 
ATOM   589 C  CG2 . ILE A 1 76  ? 5.323   8.067   6.681   1.00 17.92  ? 75  ILE R CG2 1 
ATOM   590 C  CD1 . ILE A 1 76  ? 5.505   5.479   5.322   1.00 15.88  ? 75  ILE R CD1 1 
ATOM   591 N  N   . PRO A 1 77  ? 4.593   8.697   10.607  1.00 18.66  ? 76  PRO R N   1 
ATOM   592 C  CA  . PRO A 1 77  ? 3.963   9.857   11.208  1.00 19.33  ? 76  PRO R CA  1 
ATOM   593 C  C   . PRO A 1 77  ? 3.950   11.029  10.243  1.00 11.39  ? 76  PRO R C   1 
ATOM   594 O  O   . PRO A 1 77  ? 4.952   11.323  9.585   1.00 14.69  ? 76  PRO R O   1 
ATOM   595 C  CB  . PRO A 1 77  ? 4.792   10.156  12.454  1.00 25.65  ? 76  PRO R CB  1 
ATOM   596 C  CG  . PRO A 1 77  ? 5.458   8.841   12.803  1.00 21.89  ? 76  PRO R CG  1 
ATOM   597 C  CD  . PRO A 1 77  ? 5.724   8.216   11.444  1.00 19.68  ? 76  PRO R CD  1 
ATOM   598 N  N   . GLY A 1 78  ? 2.772   11.573  10.092  1.00 13.32  ? 77  GLY R N   1 
ATOM   599 C  CA  . GLY A 1 78  ? 2.588   12.682  9.182   1.00 10.72  ? 77  GLY R CA  1 
ATOM   600 C  C   . GLY A 1 78  ? 2.121   12.283  7.789   1.00 16.80  ? 77  GLY R C   1 
ATOM   601 O  O   . GLY A 1 78  ? 1.933   13.162  6.948   1.00 17.83  ? 77  GLY R O   1 
ATOM   602 N  N   . THR A 1 79  ? 1.938   10.996  7.523   1.00 11.77  ? 78  THR R N   1 
ATOM   603 C  CA  . THR A 1 79  ? 1.446   10.624  6.181   1.00 10.57  ? 78  THR R CA  1 
ATOM   604 C  C   . THR A 1 79  ? 0.033   11.144  5.948   1.00 11.33  ? 78  THR R C   1 
ATOM   605 O  O   . THR A 1 79  ? -0.734  11.280  6.906   1.00 14.31  ? 78  THR R O   1 
ATOM   606 C  CB  . THR A 1 79  ? 1.446   9.103   5.982   1.00 9.90   ? 78  THR R CB  1 
ATOM   607 O  OG1 . THR A 1 79  ? 1.023   8.761   4.664   1.00 11.49  ? 78  THR R OG1 1 
ATOM   608 C  CG2 . THR A 1 79  ? 0.629   8.330   6.998   1.00 14.54  ? 78  THR R CG2 1 
ATOM   609 N  N   . LYS A 1 80  ? -0.267  11.420  4.683   1.00 13.97  ? 79  LYS R N   1 
ATOM   610 C  CA  . LYS A 1 80  ? -1.606  11.949  4.342   1.00 14.02  ? 79  LYS R CA  1 
ATOM   611 C  C   . LYS A 1 80  ? -2.566  10.830  3.953   1.00 13.70  ? 79  LYS R C   1 
ATOM   612 O  O   . LYS A 1 80  ? -3.743  11.090  3.699   1.00 11.37  ? 79  LYS R O   1 
ATOM   613 C  CB  . LYS A 1 80  ? -1.554  13.056  3.281   1.00 10.28  ? 79  LYS R CB  1 
ATOM   614 C  CG  . LYS A 1 80  ? -1.028  12.591  1.930   1.00 14.03  ? 79  LYS R CG  1 
ATOM   615 C  CD  . LYS A 1 80  ? -1.055  13.693  0.874   1.00 12.65  ? 79  LYS R CD  1 
ATOM   616 C  CE  . LYS A 1 80  ? -0.529  13.251  -0.474  1.00 9.24   ? 79  LYS R CE  1 
ATOM   617 N  NZ  . LYS A 1 80  ? -0.818  14.263  -1.520  1.00 11.54  ? 79  LYS R NZ  1 
ATOM   618 N  N   . MET A 1 81  ? -2.087  9.600   4.122   1.00 10.79  ? 80  MET R N   1 
ATOM   619 C  CA  . MET A 1 81  ? -2.988  8.445   3.990   1.00 14.08  ? 80  MET R CA  1 
ATOM   620 C  C   . MET A 1 81  ? -3.784  8.236   5.275   1.00 14.33  ? 80  MET R C   1 
ATOM   621 O  O   . MET A 1 81  ? -3.230  7.901   6.325   1.00 14.79  ? 80  MET R O   1 
ATOM   622 C  CB  . MET A 1 81  ? -2.181  7.180   3.701   1.00 11.79  ? 80  MET R CB  1 
ATOM   623 C  CG  . MET A 1 81  ? -3.044  5.909   3.799   1.00 13.07  ? 80  MET R CG  1 
ATOM   624 S  SD  . MET A 1 81  ? -2.271  4.471   3.018   1.00 9.33   ? 80  MET R SD  1 
ATOM   625 C  CE  . MET A 1 81  ? -2.756  3.087   4.069   1.00 11.63  ? 80  MET R CE  1 
ATOM   626 N  N   . ILE A 1 82  ? -5.067  8.524   5.197   1.00 14.56  ? 81  ILE R N   1 
ATOM   627 C  CA  . ILE A 1 82  ? -5.885  8.415   6.415   1.00 16.48  ? 81  ILE R CA  1 
ATOM   628 C  C   . ILE A 1 82  ? -6.637  7.102   6.442   1.00 20.55  ? 81  ILE R C   1 
ATOM   629 O  O   . ILE A 1 82  ? -7.624  6.893   5.723   1.00 22.12  ? 81  ILE R O   1 
ATOM   630 C  CB  . ILE A 1 82  ? -6.958  9.493   6.426   1.00 24.07  ? 81  ILE R CB  1 
ATOM   631 C  CG1 . ILE A 1 82  ? -6.326  10.867  6.201   1.00 25.58  ? 81  ILE R CG1 1 
ATOM   632 C  CG2 . ILE A 1 82  ? -7.752  9.393   7.720   1.00 31.73  ? 81  ILE R CG2 1 
ATOM   633 C  CD1 . ILE A 1 82  ? -5.247  11.217  7.233   1.00 23.49  ? 81  ILE R CD1 1 
ATOM   634 N  N   . PHE A 1 83  ? -6.023  6.182   7.136   1.00 18.85  ? 82  PHE R N   1 
ATOM   635 C  CA  . PHE A 1 83  ? -6.583  4.826   7.258   1.00 13.49  ? 82  PHE R CA  1 
ATOM   636 C  C   . PHE A 1 83  ? -6.077  4.211   8.558   1.00 14.30  ? 82  PHE R C   1 
ATOM   637 O  O   . PHE A 1 83  ? -4.886  4.337   8.836   1.00 16.73  ? 82  PHE R O   1 
ATOM   638 C  CB  . PHE A 1 83  ? -6.093  4.021   6.067   1.00 16.19  ? 82  PHE R CB  1 
ATOM   639 C  CG  . PHE A 1 83  ? -6.550  2.574   6.057   1.00 17.67  ? 82  PHE R CG  1 
ATOM   640 C  CD1 . PHE A 1 83  ? -5.629  1.557   6.235   1.00 18.61  ? 82  PHE R CD1 1 
ATOM   641 C  CD2 . PHE A 1 83  ? -7.886  2.290   5.908   1.00 25.17  ? 82  PHE R CD2 1 
ATOM   642 C  CE1 . PHE A 1 83  ? -6.052  0.225   6.287   1.00 17.20  ? 82  PHE R CE1 1 
ATOM   643 C  CE2 . PHE A 1 83  ? -8.321  0.951   5.952   1.00 26.06  ? 82  PHE R CE2 1 
ATOM   644 C  CZ  . PHE A 1 83  ? -7.400  -0.077  6.149   1.00 18.92  ? 82  PHE R CZ  1 
ATOM   645 N  N   . ALA A 1 84  ? -6.981  3.695   9.381   1.00 14.40  ? 83  ALA R N   1 
ATOM   646 C  CA  . ALA A 1 84  ? -6.634  3.255   10.726  1.00 18.60  ? 83  ALA R CA  1 
ATOM   647 C  C   . ALA A 1 84  ? -5.781  1.987   10.716  1.00 17.49  ? 83  ALA R C   1 
ATOM   648 O  O   . ALA A 1 84  ? -4.965  1.765   11.616  1.00 15.39  ? 83  ALA R O   1 
ATOM   649 C  CB  . ALA A 1 84  ? -7.931  2.981   11.499  1.00 23.90  ? 83  ALA R CB  1 
ATOM   650 N  N   . GLY A 1 85  ? -5.946  1.204   9.672   1.00 12.22  ? 84  GLY R N   1 
ATOM   651 C  CA  . GLY A 1 85  ? -5.149  -0.014  9.582   1.00 13.41  ? 84  GLY R CA  1 
ATOM   652 C  C   . GLY A 1 85  ? -6.008  -1.278  9.518   1.00 17.44  ? 84  GLY R C   1 
ATOM   653 O  O   . GLY A 1 85  ? -7.155  -1.251  9.968   1.00 15.50  ? 84  GLY R O   1 
ATOM   654 N  N   . ILE A 1 86  ? -5.378  -2.371  9.092   1.00 15.55  ? 85  ILE R N   1 
ATOM   655 C  CA  . ILE A 1 86  ? -5.952  -3.726  9.184   1.00 17.01  ? 85  ILE R CA  1 
ATOM   656 C  C   . ILE A 1 86  ? -5.327  -4.434  10.378  1.00 20.08  ? 85  ILE R C   1 
ATOM   657 O  O   . ILE A 1 86  ? -4.125  -4.711  10.439  1.00 14.11  ? 85  ILE R O   1 
ATOM   658 C  CB  . ILE A 1 86  ? -5.645  -4.549  7.945   1.00 19.12  ? 85  ILE R CB  1 
ATOM   659 C  CG1 . ILE A 1 86  ? -5.808  -3.792  6.642   1.00 24.57  ? 85  ILE R CG1 1 
ATOM   660 C  CG2 . ILE A 1 86  ? -6.388  -5.878  7.921   1.00 25.46  ? 85  ILE R CG2 1 
ATOM   661 C  CD1 . ILE A 1 86  ? -7.246  -3.711  6.229   1.00 27.42  ? 85  ILE R CD1 1 
ATOM   662 N  N   . LYS A 1 87  ? -6.112  -4.539  11.390  1.00 19.90  ? 86  LYS R N   1 
ATOM   663 C  CA  . LYS A 1 87  ? -5.518  -5.073  12.616  1.00 27.36  ? 86  LYS R CA  1 
ATOM   664 C  C   . LYS A 1 87  ? -5.340  -6.601  12.603  1.00 22.00  ? 86  LYS R C   1 
ATOM   665 O  O   . LYS A 1 87  ? -4.433  -7.093  13.267  1.00 26.15  ? 86  LYS R O   1 
ATOM   666 C  CB  . LYS A 1 87  ? -6.354  -4.602  13.815  1.00 25.69  ? 86  LYS R CB  1 
ATOM   667 C  CG  . LYS A 1 87  ? -6.600  -3.084  13.837  1.00 20.32  ? 86  LYS R CG  1 
ATOM   668 C  CD  . LYS A 1 87  ? -5.329  -2.245  13.909  1.00 21.14  ? 86  LYS R CD  1 
ATOM   669 C  CE  . LYS A 1 87  ? -5.677  -0.765  13.825  1.00 21.41  ? 86  LYS R CE  1 
ATOM   670 N  NZ  . LYS A 1 87  ? -4.463  0.042   13.987  1.00 20.85  ? 86  LYS R NZ  1 
ATOM   671 N  N   . LYS A 1 88  ? -6.191  -7.349  11.896  1.00 17.42  ? 87  LYS R N   1 
ATOM   672 C  CA  . LYS A 1 88  ? -6.057  -8.821  11.879  1.00 21.12  ? 87  LYS R CA  1 
ATOM   673 C  C   . LYS A 1 88  ? -4.918  -9.254  10.955  1.00 24.13  ? 87  LYS R C   1 
ATOM   674 O  O   . LYS A 1 88  ? -4.891  -8.869  9.777   1.00 20.17  ? 87  LYS R O   1 
ATOM   675 C  CB  . LYS A 1 88  ? -7.306  -9.483  11.294  1.00 30.32  ? 87  LYS R CB  1 
ATOM   676 C  CG  . LYS A 1 88  ? -8.558  -9.275  12.149  1.00 42.03  ? 87  LYS R CG  1 
ATOM   677 C  CD  . LYS A 1 88  ? -9.814  -9.601  11.323  1.00 59.72  ? 87  LYS R CD  1 
ATOM   678 C  CE  . LYS A 1 88  ? -10.723 -10.610 12.007  1.00 80.07  ? 87  LYS R CE  1 
ATOM   679 N  NZ  . LYS A 1 88  ? -10.785 -10.350 13.476  1.00 82.61  ? 87  LYS R NZ  1 
ATOM   680 N  N   . LYS A 1 89  ? -3.994  -10.009 11.525  1.00 17.19  ? 88  LYS R N   1 
ATOM   681 C  CA  . LYS A 1 89  ? -2.824  -10.446 10.761  1.00 19.51  ? 88  LYS R CA  1 
ATOM   682 C  C   . LYS A 1 89  ? -3.194  -11.238 9.504   1.00 15.16  ? 88  LYS R C   1 
ATOM   683 O  O   . LYS A 1 89  ? -2.534  -11.109 8.475   1.00 17.76  ? 88  LYS R O   1 
ATOM   684 C  CB  . LYS A 1 89  ? -1.895  -11.255 11.664  1.00 26.41  ? 88  LYS R CB  1 
ATOM   685 C  CG  . LYS A 1 89  ? -0.464  -11.216 11.130  1.00 34.56  ? 88  LYS R CG  1 
ATOM   686 C  CD  . LYS A 1 89  ? 0.157   -12.580 10.885  1.00 57.14  ? 88  LYS R CD  1 
ATOM   687 C  CE  . LYS A 1 89  ? 0.593   -13.262 12.173  1.00 61.15  ? 88  LYS R CE  1 
ATOM   688 N  NZ  . LYS A 1 89  ? 1.470   -14.419 11.802  1.00 81.23  ? 88  LYS R NZ  1 
ATOM   689 N  N   . GLY A 1 90  ? -4.188  -12.099 9.639   1.00 16.61  ? 89  GLY R N   1 
ATOM   690 C  CA  . GLY A 1 90  ? -4.527  -12.984 8.506   1.00 16.10  ? 89  GLY R CA  1 
ATOM   691 C  C   . GLY A 1 90  ? -5.057  -12.198 7.309   1.00 17.95  ? 89  GLY R C   1 
ATOM   692 O  O   . GLY A 1 90  ? -4.718  -12.502 6.166   1.00 13.86  ? 89  GLY R O   1 
ATOM   693 N  N   . GLU A 1 91  ? -5.872  -11.205 7.617   1.00 18.03  ? 90  GLU R N   1 
ATOM   694 C  CA  . GLU A 1 91  ? -6.428  -10.349 6.562   1.00 22.08  ? 90  GLU R CA  1 
ATOM   695 C  C   . GLU A 1 91  ? -5.332  -9.494  5.914   1.00 20.96  ? 90  GLU R C   1 
ATOM   696 O  O   . GLU A 1 91  ? -5.289  -9.372  4.687   1.00 13.82  ? 90  GLU R O   1 
ATOM   697 C  CB  . GLU A 1 91  ? -7.493  -9.465  7.188   1.00 18.41  ? 90  GLU R CB  1 
ATOM   698 C  CG  . GLU A 1 91  ? -8.297  -8.733  6.146   1.00 27.03  ? 90  GLU R CG  1 
ATOM   699 C  CD  . GLU A 1 91  ? -9.320  -7.863  6.871   1.00 48.93  ? 90  GLU R CD  1 
ATOM   700 O  OE1 . GLU A 1 91  ? -9.700  -6.856  6.288   1.00 35.22  ? 90  GLU R OE1 1 
ATOM   701 O  OE2 . GLU A 1 91  ? -9.505  -8.049  8.084   1.00 34.45  ? 90  GLU R OE2 1 
ATOM   702 N  N   . ARG A 1 92  ? -4.375  -9.073  6.748   1.00 13.55  ? 91  ARG R N   1 
ATOM   703 C  CA  . ARG A 1 92  ? -3.227  -8.352  6.217   1.00 19.25  ? 91  ARG R CA  1 
ATOM   704 C  C   . ARG A 1 92  ? -2.366  -9.241  5.325   1.00 10.01  ? 91  ARG R C   1 
ATOM   705 O  O   . ARG A 1 92  ? -1.922  -8.813  4.263   1.00 14.79  ? 91  ARG R O   1 
ATOM   706 C  CB  . ARG A 1 92  ? -2.384  -7.829  7.379   1.00 20.12  ? 91  ARG R CB  1 
ATOM   707 C  CG  . ARG A 1 92  ? -2.066  -6.353  7.261   1.00 22.65  ? 91  ARG R CG  1 
ATOM   708 C  CD  . ARG A 1 92  ? -1.273  -5.862  8.457   1.00 23.18  ? 91  ARG R CD  1 
ATOM   709 N  NE  . ARG A 1 92  ? -1.986  -6.186  9.647   1.00 38.86  ? 91  ARG R NE  1 
ATOM   710 C  CZ  . ARG A 1 92  ? -1.424  -6.740  10.697  1.00 30.75  ? 91  ARG R CZ  1 
ATOM   711 N  NH1 . ARG A 1 92  ? -0.131  -7.005  10.800  1.00 31.13  ? 91  ARG R NH1 1 
ATOM   712 N  NH2 . ARG A 1 92  ? -2.201  -6.944  11.716  1.00 30.59  ? 91  ARG R NH2 1 
ATOM   713 N  N   . GLN A 1 93  ? -2.226  -10.488 5.730   1.00 11.36  ? 92  GLN R N   1 
ATOM   714 C  CA  . GLN A 1 93  ? -1.455  -11.427 4.882   1.00 15.89  ? 92  GLN R CA  1 
ATOM   715 C  C   . GLN A 1 93  ? -2.102  -11.717 3.530   1.00 14.86  ? 92  GLN R C   1 
ATOM   716 O  O   . GLN A 1 93  ? -1.388  -11.781 2.516   1.00 12.07  ? 92  GLN R O   1 
ATOM   717 C  CB  . GLN A 1 93  ? -1.253  -12.767 5.588   1.00 19.95  ? 92  GLN R CB  1 
ATOM   718 C  CG  . GLN A 1 93  ? -0.268  -12.695 6.734   1.00 28.97  ? 92  GLN R CG  1 
ATOM   719 C  CD  . GLN A 1 93  ? -0.130  -14.110 7.294   1.00 35.52  ? 92  GLN R CD  1 
ATOM   720 O  OE1 . GLN A 1 93  ? 0.976   -14.653 7.240   1.00 42.55  ? 92  GLN R OE1 1 
ATOM   721 N  NE2 . GLN A 1 93  ? -1.275  -14.780 7.394   1.00 29.02  ? 92  GLN R NE2 1 
ATOM   722 N  N   . ASP A 1 94  ? -3.449  -11.830 3.541   1.00 12.13  ? 93  ASP R N   1 
ATOM   723 C  CA  . ASP A 1 94  ? -4.187  -12.021 2.279   1.00 10.23  ? 93  ASP R CA  1 
ATOM   724 C  C   . ASP A 1 94  ? -3.986  -10.817 1.362   1.00 10.44  ? 93  ASP R C   1 
ATOM   725 O  O   . ASP A 1 94  ? -3.711  -10.974 0.171   1.00 10.54  ? 93  ASP R O   1 
ATOM   726 C  CB  . ASP A 1 94  ? -5.693  -12.129 2.550   1.00 9.90   ? 93  ASP R CB  1 
ATOM   727 C  CG  . ASP A 1 94  ? -6.100  -13.427 3.270   1.00 14.76  ? 93  ASP R CG  1 
ATOM   728 O  OD1 . ASP A 1 94  ? -5.410  -14.443 3.153   1.00 13.16  ? 93  ASP R OD1 1 
ATOM   729 O  OD2 . ASP A 1 94  ? -7.059  -13.371 4.043   1.00 16.63  ? 93  ASP R OD2 1 
ATOM   730 N  N   . LEU A 1 95  ? -4.122  -9.624  1.960   1.00 11.93  ? 94  LEU R N   1 
ATOM   731 C  CA  . LEU A 1 95  ? -3.966  -8.372  1.209   1.00 14.92  ? 94  LEU R CA  1 
ATOM   732 C  C   . LEU A 1 95  ? -2.571  -8.242  0.591   1.00 9.17   ? 94  LEU R C   1 
ATOM   733 O  O   . LEU A 1 95  ? -2.434  -7.869  -0.574  1.00 9.39   ? 94  LEU R O   1 
ATOM   734 C  CB  . LEU A 1 95  ? -4.236  -7.220  2.179   1.00 12.19  ? 94  LEU R CB  1 
ATOM   735 C  CG  . LEU A 1 95  ? -4.179  -5.819  1.559   1.00 17.36  ? 94  LEU R CG  1 
ATOM   736 C  CD1 . LEU A 1 95  ? -5.085  -5.653  0.349   1.00 15.83  ? 94  LEU R CD1 1 
ATOM   737 C  CD2 . LEU A 1 95  ? -4.517  -4.787  2.617   1.00 19.23  ? 94  LEU R CD2 1 
ATOM   738 N  N   . VAL A 1 96  ? -1.537  -8.605  1.374   1.00 12.62  ? 95  VAL R N   1 
ATOM   739 C  CA  . VAL A 1 96  ? -0.172  -8.465  0.811   1.00 12.85  ? 95  VAL R CA  1 
ATOM   740 C  C   . VAL A 1 96  ? 0.092   -9.519  -0.282  1.00 12.53  ? 95  VAL R C   1 
ATOM   741 O  O   . VAL A 1 96  ? 0.700   -9.222  -1.317  1.00 11.18  ? 95  VAL R O   1 
ATOM   742 C  CB  . VAL A 1 96  ? 0.851   -8.555  1.971   1.00 15.71  ? 95  VAL R CB  1 
ATOM   743 C  CG1 . VAL A 1 96  ? 2.288   -8.762  1.511   1.00 12.65  ? 95  VAL R CG1 1 
ATOM   744 C  CG2 . VAL A 1 96  ? 0.745   -7.342  2.914   1.00 15.26  ? 95  VAL R CG2 1 
ATOM   745 N  N   . ALA A 1 97  ? -0.516  -10.697 -0.123  1.00 12.40  ? 96  ALA R N   1 
ATOM   746 C  CA  . ALA A 1 97  ? -0.448  -11.710 -1.185  1.00 14.31  ? 96  ALA R CA  1 
ATOM   747 C  C   . ALA A 1 97  ? -1.119  -11.245 -2.473  1.00 11.14  ? 96  ALA R C   1 
ATOM   748 O  O   . ALA A 1 97  ? -0.557  -11.418 -3.555  1.00 11.04  ? 96  ALA R O   1 
ATOM   749 C  CB  . ALA A 1 97  ? -1.077  -13.036 -0.725  1.00 16.26  ? 96  ALA R CB  1 
ATOM   750 N  N   . TYR A 1 98  ? -2.267  -10.571 -2.328  1.00 11.78  ? 97  TYR R N   1 
ATOM   751 C  CA  . TYR A 1 98  ? -2.873  -10.005 -3.543  1.00 14.46  ? 97  TYR R CA  1 
ATOM   752 C  C   . TYR A 1 98  ? -2.024  -8.887  -4.173  1.00 12.50  ? 97  TYR R C   1 
ATOM   753 O  O   . TYR A 1 98  ? -1.831  -8.874  -5.396  1.00 11.80  ? 97  TYR R O   1 
ATOM   754 C  CB  . TYR A 1 98  ? -4.290  -9.488  -3.225  1.00 12.36  ? 97  TYR R CB  1 
ATOM   755 C  CG  . TYR A 1 98  ? -4.879  -8.606  -4.314  1.00 12.78  ? 97  TYR R CG  1 
ATOM   756 C  CD1 . TYR A 1 98  ? -5.295  -9.180  -5.503  1.00 12.86  ? 97  TYR R CD1 1 
ATOM   757 C  CD2 . TYR A 1 98  ? -4.949  -7.230  -4.144  1.00 16.37  ? 97  TYR R CD2 1 
ATOM   758 C  CE1 . TYR A 1 98  ? -5.787  -8.384  -6.535  1.00 22.10  ? 97  TYR R CE1 1 
ATOM   759 C  CE2 . TYR A 1 98  ? -5.429  -6.406  -5.184  1.00 15.94  ? 97  TYR R CE2 1 
ATOM   760 C  CZ  . TYR A 1 98  ? -5.846  -6.994  -6.382  1.00 15.93  ? 97  TYR R CZ  1 
ATOM   761 O  OH  . TYR A 1 98  ? -6.286  -6.258  -7.384  1.00 16.76  ? 97  TYR R OH  1 
ATOM   762 N  N   . LEU A 1 99  ? -1.548  -7.969  -3.326  1.00 13.06  ? 98  LEU R N   1 
ATOM   763 C  CA  . LEU A 1 99  ? -0.749  -6.856  -3.872  1.00 15.15  ? 98  LEU R CA  1 
ATOM   764 C  C   . LEU A 1 99  ? 0.482   -7.383  -4.595  1.00 13.07  ? 98  LEU R C   1 
ATOM   765 O  O   . LEU A 1 99  ? 0.797   -6.897  -5.675  1.00 11.63  ? 98  LEU R O   1 
ATOM   766 C  CB  . LEU A 1 99  ? -0.289  -5.921  -2.759  1.00 12.67  ? 98  LEU R CB  1 
ATOM   767 C  CG  . LEU A 1 99  ? -1.403  -5.045  -2.189  1.00 19.30  ? 98  LEU R CG  1 
ATOM   768 C  CD1 . LEU A 1 99  ? -0.898  -4.262  -0.998  1.00 20.94  ? 98  LEU R CD1 1 
ATOM   769 C  CD2 . LEU A 1 99  ? -1.965  -4.079  -3.223  1.00 19.85  ? 98  LEU R CD2 1 
ATOM   770 N  N   . LYS A 1 100 ? 1.098   -8.424  -4.048  1.00 12.82  ? 99  LYS R N   1 
ATOM   771 C  CA  . LYS A 1 100 ? 2.280   -8.966  -4.730  1.00 15.67  ? 99  LYS R CA  1 
ATOM   772 C  C   . LYS A 1 100 ? 1.920   -9.514  -6.100  1.00 15.93  ? 99  LYS R C   1 
ATOM   773 O  O   . LYS A 1 100 ? 2.626   -9.263  -7.077  1.00 15.26  ? 99  LYS R O   1 
ATOM   774 C  CB  . LYS A 1 100 ? 3.017   -10.021 -3.904  1.00 14.82  ? 99  LYS R CB  1 
ATOM   775 C  CG  . LYS A 1 100 ? 4.464   -10.183 -4.391  1.00 16.35  ? 99  LYS R CG  1 
ATOM   776 C  CD  . LYS A 1 100 ? 5.163   -11.408 -3.815  1.00 31.71  ? 99  LYS R CD  1 
ATOM   777 C  CE  . LYS A 1 100 ? 5.185   -11.439 -2.298  1.00 45.27  ? 99  LYS R CE  1 
ATOM   778 N  NZ  . LYS A 1 100 ? 5.640   -12.785 -1.757  1.00 31.90  ? 99  LYS R NZ  1 
ATOM   779 N  N   . SER A 1 101 ? 0.728   -10.094 -6.157  1.00 13.75  ? 100 SER R N   1 
ATOM   780 C  CA  . SER A 1 101 ? 0.299   -10.697 -7.402  1.00 13.86  ? 100 SER R CA  1 
ATOM   781 C  C   . SER A 1 101 ? -0.127  -9.672  -8.444  1.00 16.35  ? 100 SER R C   1 
ATOM   782 O  O   . SER A 1 101 ? -0.008  -9.917  -9.641  1.00 20.04  ? 100 SER R O   1 
ATOM   783 C  CB  . SER A 1 101 ? -0.918  -11.530 -7.040  1.00 22.16  ? 100 SER R CB  1 
ATOM   784 O  OG  . SER A 1 101 ? -1.331  -12.173 -8.209  1.00 35.80  ? 100 SER R OG  1 
ATOM   785 N  N   . ALA A 1 102 ? -0.752  -8.622  -7.967  1.00 14.80  ? 101 ALA R N   1 
ATOM   786 C  CA  . ALA A 1 102 ? -1.431  -7.673  -8.859  1.00 12.00  ? 101 ALA R CA  1 
ATOM   787 C  C   . ALA A 1 102 ? -0.565  -6.524  -9.354  1.00 15.02  ? 101 ALA R C   1 
ATOM   788 O  O   . ALA A 1 102 ? -1.006  -5.789  -10.253 1.00 18.73  ? 101 ALA R O   1 
ATOM   789 C  CB  . ALA A 1 102 ? -2.628  -7.106  -8.120  1.00 13.60  ? 101 ALA R CB  1 
ATOM   790 N  N   . THR A 1 103 ? 0.581   -6.323  -8.730  1.00 12.82  ? 102 THR R N   1 
ATOM   791 C  CA  . THR A 1 103 ? 1.366   -5.097  -9.019  1.00 13.25  ? 102 THR R CA  1 
ATOM   792 C  C   . THR A 1 103 ? 2.667   -5.384  -9.758  1.00 19.44  ? 102 THR R C   1 
ATOM   793 O  O   . THR A 1 103 ? 3.493   -4.488  -9.972  1.00 19.75  ? 102 THR R O   1 
ATOM   794 C  CB  . THR A 1 103 ? 1.675   -4.303  -7.765  1.00 11.08  ? 102 THR R CB  1 
ATOM   795 O  OG1 . THR A 1 103 ? 2.473   -5.129  -6.919  1.00 12.62  ? 102 THR R OG1 1 
ATOM   796 C  CG2 . THR A 1 103 ? 0.404   -3.875  -7.038  1.00 14.80  ? 102 THR R CG2 1 
ATOM   797 N  N   . SER A 1 104 ? 2.733   -6.593  -10.314 1.00 17.82  ? 103 SER R N   1 
ATOM   798 C  CA  . SER A 1 104 ? 3.784   -6.862  -11.312 1.00 17.94  ? 103 SER R CA  1 
ATOM   799 C  C   . SER A 1 104 ? 3.375   -7.959  -12.268 1.00 32.33  ? 103 SER R C   1 
ATOM   800 O  O   . SER A 1 104 ? 2.235   -8.402  -12.132 1.00 25.15  ? 103 SER R O   1 
ATOM   801 C  CB  . SER A 1 104 ? 5.138   -7.194  -10.715 1.00 25.50  ? 103 SER R CB  1 
ATOM   802 O  OG  . SER A 1 104 ? 5.011   -8.373  -9.941  1.00 23.34  ? 103 SER R OG  1 
ATOM   803 O  OXT . SER A 1 104 ? 4.061   -8.090  -13.287 1.00 37.02  ? 103 SER R OXT 1 
HETATM 804 FE FE  . HEC B 2 .   ? -2.880  4.173   0.812   1.00 7.05   ? 105 HEC R FE  1 
HETATM 805 C  CHA . HEC B 2 .   ? 0.022   5.780   0.211   1.00 12.81  ? 105 HEC R CHA 1 
HETATM 806 C  CHB . HEC B 2 .   ? -1.336  1.150   0.535   1.00 17.90  ? 105 HEC R CHB 1 
HETATM 807 C  CHC . HEC B 2 .   ? -5.769  2.597   1.760   1.00 10.89  ? 105 HEC R CHC 1 
HETATM 808 C  CHD . HEC B 2 .   ? -4.588  7.162   0.621   1.00 13.03  ? 105 HEC R CHD 1 
HETATM 809 N  NA  . HEC B 2 .   ? -0.988  3.574   0.478   1.00 8.64   ? 105 HEC R NA  1 
HETATM 810 C  C1A . HEC B 2 .   ? 0.076   4.396   0.310   1.00 11.55  ? 105 HEC R C1A 1 
HETATM 811 C  C2A . HEC B 2 .   ? 1.241   3.623   0.187   1.00 13.44  ? 105 HEC R C2A 1 
HETATM 812 C  C3A . HEC B 2 .   ? 0.840   2.283   0.223   1.00 15.47  ? 105 HEC R C3A 1 
HETATM 813 C  C4A . HEC B 2 .   ? -0.550  2.282   0.405   1.00 19.38  ? 105 HEC R C4A 1 
HETATM 814 C  CMA . HEC B 2 .   ? 1.735   1.053   0.156   1.00 9.75   ? 105 HEC R CMA 1 
HETATM 815 C  CAA . HEC B 2 .   ? 2.653   4.133   -0.044  1.00 10.26  ? 105 HEC R CAA 1 
HETATM 816 C  CBA . HEC B 2 .   ? 2.908   4.221   -1.538  1.00 13.39  ? 105 HEC R CBA 1 
HETATM 817 C  CGA . HEC B 2 .   ? 4.339   4.569   -1.931  1.00 12.34  ? 105 HEC R CGA 1 
HETATM 818 O  O1A . HEC B 2 .   ? 4.592   4.806   -3.119  1.00 12.63  ? 105 HEC R O1A 1 
HETATM 819 O  O2A . HEC B 2 .   ? 5.134   5.018   -1.010  1.00 12.56  ? 105 HEC R O2A 1 
HETATM 820 N  NB  . HEC B 2 .   ? -3.477  2.215   1.041   1.00 12.35  ? 105 HEC R NB  1 
HETATM 821 C  C1B . HEC B 2 .   ? -2.696  1.126   0.820   1.00 12.87  ? 105 HEC R C1B 1 
HETATM 822 C  C2B . HEC B 2 .   ? -3.482  -0.021  0.945   1.00 14.20  ? 105 HEC R C2B 1 
HETATM 823 C  C3B . HEC B 2 .   ? -4.736  0.396   1.433   1.00 15.28  ? 105 HEC R C3B 1 
HETATM 824 C  C4B . HEC B 2 .   ? -4.698  1.788   1.456   1.00 12.29  ? 105 HEC R C4B 1 
HETATM 825 C  CMB . HEC B 2 .   ? -3.040  -1.443  0.627   1.00 8.90   ? 105 HEC R CMB 1 
HETATM 826 C  CAB . HEC B 2 .   ? -5.924  -0.467  1.863   1.00 12.92  ? 105 HEC R CAB 1 
HETATM 827 C  CBB . HEC B 2 .   ? -5.614  -1.291  3.108   1.00 13.05  ? 105 HEC R CBB 1 
HETATM 828 N  NC  . HEC B 2 .   ? -4.794  4.776   1.190   1.00 11.79  ? 105 HEC R NC  1 
HETATM 829 C  C1C . HEC B 2 .   ? -5.807  3.971   1.622   1.00 15.75  ? 105 HEC R C1C 1 
HETATM 830 C  C2C . HEC B 2 .   ? -6.951  4.725   1.785   1.00 12.60  ? 105 HEC R C2C 1 
HETATM 831 C  C3C . HEC B 2 .   ? -6.684  5.985   1.265   1.00 17.02  ? 105 HEC R C3C 1 
HETATM 832 C  C4C . HEC B 2 .   ? -5.303  6.034   1.002   1.00 14.59  ? 105 HEC R C4C 1 
HETATM 833 C  CMC . HEC B 2 .   ? -8.283  4.190   2.261   1.00 11.85  ? 105 HEC R CMC 1 
HETATM 834 C  CAC . HEC B 2 .   ? -7.705  7.074   0.958   1.00 14.53  ? 105 HEC R CAC 1 
HETATM 835 C  CBC . HEC B 2 .   ? -8.525  7.530   2.152   1.00 12.52  ? 105 HEC R CBC 1 
HETATM 836 N  ND  . HEC B 2 .   ? -2.366  6.110   0.432   1.00 10.95  ? 105 HEC R ND  1 
HETATM 837 C  C1D . HEC B 2 .   ? -3.226  7.203   0.400   1.00 13.91  ? 105 HEC R C1D 1 
HETATM 838 C  C2D . HEC B 2 .   ? -2.485  8.371   0.177   1.00 9.85   ? 105 HEC R C2D 1 
HETATM 839 C  C3D . HEC B 2 .   ? -1.145  7.990   0.107   1.00 9.14   ? 105 HEC R C3D 1 
HETATM 840 C  C4D . HEC B 2 .   ? -1.110  6.572   0.240   1.00 10.57  ? 105 HEC R C4D 1 
HETATM 841 C  CMD . HEC B 2 .   ? -3.063  9.779   0.123   1.00 7.96   ? 105 HEC R CMD 1 
HETATM 842 C  CAD . HEC B 2 .   ? 0.054   8.929   0.028   1.00 8.47   ? 105 HEC R CAD 1 
HETATM 843 C  CBD . HEC B 2 .   ? 0.653   9.058   1.429   1.00 11.91  ? 105 HEC R CBD 1 
HETATM 844 C  CGD . HEC B 2 .   ? 1.664   10.201  1.634   1.00 12.05  ? 105 HEC R CGD 1 
HETATM 845 O  O1D . HEC B 2 .   ? 2.190   10.822  0.712   1.00 9.16   ? 105 HEC R O1D 1 
HETATM 846 O  O2D . HEC B 2 .   ? 2.012   10.463  2.858   1.00 12.15  ? 105 HEC R O2D 1 
HETATM 847 O  O   . HOH C 3 .   ? -6.103  9.800   2.783   1.00 14.40  ? 106 HOH R O   1 
HETATM 848 O  O   . HOH C 3 .   ? -4.150  5.305   -7.252  1.00 15.38  ? 107 HOH R O   1 
HETATM 849 O  O   . HOH C 3 .   ? 2.636   6.703   3.358   1.00 12.22  ? 108 HOH R O   1 
HETATM 850 O  O   . HOH C 3 .   ? 5.352   -5.045  -7.276  1.00 16.74  ? 109 HOH R O   1 
HETATM 851 O  O   . HOH C 3 .   ? 1.225   -12.460 2.432   1.00 20.07  ? 110 HOH R O   1 
HETATM 852 O  O   . HOH C 3 .   ? 1.177   -13.531 -4.091  1.00 16.39  ? 111 HOH R O   1 
HETATM 853 O  O   . HOH C 3 .   ? 2.818   -12.244 0.177   1.00 23.65  ? 112 HOH R O   1 
HETATM 854 O  O   . HOH C 3 .   ? 2.876   -12.084 4.477   1.00 23.24  ? 113 HOH R O   1 
HETATM 855 O  O   . HOH C 3 .   ? 5.252   -13.001 3.147   1.00 19.47  ? 114 HOH R O   1 
HETATM 856 O  O   . HOH C 3 .   ? -11.910 5.736   2.436   1.00 33.81  ? 115 HOH R O   1 
HETATM 857 O  O   . HOH C 3 .   ? -12.393 -2.114  -7.849  1.00 20.86  ? 116 HOH R O   1 
HETATM 858 O  O   . HOH C 3 .   ? -6.833  3.716   -13.531 1.00 25.21  ? 117 HOH R O   1 
HETATM 859 O  O   . HOH C 3 .   ? -0.469  14.252  -6.395  1.00 15.45  ? 118 HOH R O   1 
HETATM 860 O  O   . HOH C 3 .   ? -13.565 -6.374  -8.061  1.00 18.75  ? 119 HOH R O   1 
HETATM 861 O  O   . HOH C 3 .   ? -9.585  -2.194  8.449   1.00 33.43  ? 120 HOH R O   1 
HETATM 862 O  O   . HOH C 3 .   ? 6.446   13.837  -4.142  1.00 28.00  ? 121 HOH R O   1 
HETATM 863 O  O   . HOH C 3 .   ? 2.900   5.364   -10.896 1.00 49.45  ? 122 HOH R O   1 
HETATM 864 O  O   . HOH C 3 .   ? 1.537   2.708   -13.555 1.00 20.45  ? 123 HOH R O   1 
HETATM 865 O  O   . HOH C 3 .   ? -6.495  -7.917  -10.155 1.00 29.15  ? 124 HOH R O   1 
HETATM 866 O  O   . HOH C 3 .   ? -2.664  -5.685  -12.374 1.00 28.34  ? 125 HOH R O   1 
HETATM 867 O  O   . HOH C 3 .   ? -1.891  -4.306  -14.860 1.00 27.28  ? 126 HOH R O   1 
HETATM 868 O  O   . HOH C 3 .   ? -9.202  -11.319 3.879   1.00 24.45  ? 127 HOH R O   1 
HETATM 869 O  O   . HOH C 3 .   ? 5.672   5.943   15.622  1.00 40.80  ? 128 HOH R O   1 
HETATM 870 O  O   . HOH C 3 .   ? 6.979   4.341   -4.016  1.00 16.82  ? 129 HOH R O   1 
HETATM 871 O  O   . HOH C 3 .   ? -3.329  -17.617 -3.154  1.00 22.54  ? 130 HOH R O   1 
HETATM 872 O  O   . HOH C 3 .   ? 5.141   -7.852  -7.381  1.00 16.98  ? 131 HOH R O   1 
HETATM 873 O  O   . HOH C 3 .   ? 7.699   -4.892  -8.412  1.00 34.81  ? 132 HOH R O   1 
HETATM 874 O  O   . HOH C 3 .   ? 9.522   -1.847  -8.606  1.00 37.26  ? 133 HOH R O   1 
HETATM 875 O  O   . HOH C 3 .   ? 2.761   -13.340 -6.397  1.00 36.85  ? 134 HOH R O   1 
HETATM 876 O  O   . HOH C 3 .   ? 14.442  3.531   7.789   1.00 29.70  ? 135 HOH R O   1 
HETATM 877 O  O   . HOH C 3 .   ? -8.865  0.820   -7.917  1.00 28.56  ? 136 HOH R O   1 
HETATM 878 O  O   . HOH C 3 .   ? -3.312  10.219  -12.409 1.00 27.02  ? 137 HOH R O   1 
HETATM 879 O  O   . HOH C 3 .   ? -11.217 -4.746  -8.519  1.00 33.37  ? 138 HOH R O   1 
HETATM 880 O  O   . HOH C 3 .   ? 4.939   17.359  3.441   1.00 21.68  ? 139 HOH R O   1 
HETATM 881 O  O   . HOH C 3 .   ? -8.112  -4.148  -7.969  1.00 34.18  ? 140 HOH R O   1 
HETATM 882 O  O   . HOH C 3 .   ? -7.091  -15.380 -7.577  1.00 41.00  ? 141 HOH R O   1 
HETATM 883 O  O   . HOH C 3 .   ? -4.357  -11.598 -8.746  1.00 42.04  ? 142 HOH R O   1 
HETATM 884 O  O   . HOH C 3 .   ? 2.594   0.209   12.076  1.00 24.46  ? 143 HOH R O   1 
HETATM 885 O  O   . HOH C 3 .   ? 5.093   0.424   13.336  1.00 33.74  ? 144 HOH R O   1 
HETATM 886 O  O   . HOH C 3 .   ? -5.807  -19.038 -2.577  1.00 27.63  ? 145 HOH R O   1 
HETATM 887 O  O   . HOH C 3 .   ? 15.319  7.889   6.484   1.00 22.74  ? 146 HOH R O   1 
HETATM 888 O  O   . HOH C 3 .   ? 7.649   10.992  9.759   1.00 33.08  ? 147 HOH R O   1 
HETATM 889 O  O   . HOH C 3 .   ? -2.656  -19.026 -0.557  1.00 24.59  ? 148 HOH R O   1 
HETATM 890 O  O   . HOH C 3 .   ? 12.440  5.378   1.112   1.00 33.87  ? 149 HOH R O   1 
HETATM 891 O  O   . HOH C 3 .   ? -6.153  -16.867 4.168   1.00 32.85  ? 150 HOH R O   1 
HETATM 892 O  O   . HOH C 3 .   ? -6.936  -17.338 -3.728  1.00 29.76  ? 151 HOH R O   1 
HETATM 893 O  O   . HOH C 3 .   ? 9.123   9.572   8.017   1.00 29.94  ? 152 HOH R O   1 
HETATM 894 O  O   . HOH C 3 .   ? -3.151  5.090   10.798  1.00 23.20  ? 153 HOH R O   1 
HETATM 895 O  O   . HOH C 3 .   ? -5.278  2.513   14.875  1.00 32.16  ? 154 HOH R O   1 
HETATM 896 O  O   . HOH C 3 .   ? -16.921 -13.719 3.594   1.00 30.63  ? 155 HOH R O   1 
HETATM 897 O  O   . HOH C 3 .   ? -7.221  -1.032  -9.256  1.00 26.53  ? 156 HOH R O   1 
HETATM 898 O  O   . HOH C 3 .   ? -11.008 2.047   3.894   1.00 32.83  ? 157 HOH R O   1 
HETATM 899 O  O   . HOH C 3 .   ? -1.524  13.303  -8.669  1.00 32.52  ? 158 HOH R O   1 
HETATM 900 O  O   . HOH C 3 .   ? -8.955  -4.130  10.918  1.00 31.26  ? 159 HOH R O   1 
HETATM 901 O  O   . HOH C 3 .   ? 7.903   -10.841 -2.298  1.00 33.36  ? 160 HOH R O   1 
HETATM 902 O  O   . HOH C 3 .   ? 4.276   -11.182 9.972   1.00 31.09  ? 161 HOH R O   1 
HETATM 903 O  O   . HOH C 3 .   ? 5.686   -7.548  13.571  1.00 40.81  ? 162 HOH R O   1 
HETATM 904 O  O   . HOH C 3 .   ? 8.943   -3.882  8.771   1.00 30.03  ? 163 HOH R O   1 
HETATM 905 O  O   . HOH C 3 .   ? 10.960  -1.269  8.692   1.00 30.71  ? 164 HOH R O   1 
HETATM 906 O  O   . HOH C 3 .   ? 7.571   -8.708  -6.660  1.00 31.84  ? 165 HOH R O   1 
HETATM 907 O  O   . HOH C 3 .   ? 3.138   -10.537 -10.418 1.00 31.74  ? 166 HOH R O   1 
HETATM 908 O  O   . HOH C 3 .   ? 13.052  5.919   9.264   1.00 33.53  ? 167 HOH R O   1 
HETATM 909 O  O   . HOH C 3 .   ? 14.277  8.350   2.339   1.00 28.61  ? 168 HOH R O   1 
HETATM 910 O  O   . HOH C 3 .   ? -4.013  -15.366 6.150   1.00 29.94  ? 169 HOH R O   1 
HETATM 911 O  O   . HOH C 3 .   ? 5.764   -3.964  -12.044 1.00 31.13  ? 170 HOH R O   1 
HETATM 912 O  O   . HOH C 3 .   ? 12.005  8.172   -0.950  1.00 25.27  ? 171 HOH R O   1 
HETATM 913 O  O   . HOH C 3 .   ? 7.829   5.152   13.480  1.00 34.69  ? 172 HOH R O   1 
HETATM 914 O  O   . HOH C 3 .   ? 9.529   8.175   10.399  1.00 32.82  ? 173 HOH R O   1 
HETATM 915 O  O   . HOH C 3 .   ? -6.430  -13.412 11.751  1.00 31.54  ? 174 HOH R O   1 
HETATM 916 O  O   . HOH C 3 .   ? 6.570   2.368   -8.502  1.00 31.55  ? 175 HOH R O   1 
HETATM 917 O  O   . HOH C 3 .   ? -0.578  -8.191  -12.498 1.00 31.82  ? 176 HOH R O   1 
HETATM 918 O  O   . HOH C 3 .   ? 11.903  12.715  4.530   1.00 27.97  ? 177 HOH R O   1 
HETATM 919 O  O   . HOH C 3 .   ? 0.968   -4.966  -17.507 1.00 33.34  ? 178 HOH R O   1 
HETATM 920 O  O   . HOH C 3 .   ? -8.695  -13.466 -7.745  1.00 29.63  ? 179 HOH R O   1 
HETATM 921 O  O   . HOH C 3 .   ? 3.220   3.552   -9.246  1.00 31.03  ? 180 HOH R O   1 
HETATM 922 O  O   . HOH C 3 .   ? -3.080  -0.470  16.242  1.00 31.84  ? 181 HOH R O   1 
HETATM 923 O  O   . HOH C 3 .   ? 6.914   11.067  -7.144  1.00 30.30  ? 182 HOH R O   1 
HETATM 924 O  O   . HOH C 3 .   ? 9.078   17.004  0.943   1.00 28.40  ? 183 HOH R O   1 
HETATM 925 O  O   . HOH C 3 .   ? 2.268   6.495   -12.371 1.00 29.88  ? 184 HOH R O   1 
HETATM 926 O  O   . HOH C 3 .   ? 0.588   5.167   -12.921 1.00 30.77  ? 185 HOH R O   1 
HETATM 927 O  O   . HOH C 3 .   ? 7.398   18.105  3.001   1.00 34.10  ? 186 HOH R O   1 
HETATM 928 O  O   . HOH C 3 .   ? -14.899 -9.438  23.231  1.00 40.32  ? 187 HOH R O   1 
HETATM 929 O  O   . HOH C 3 .   ? 5.548   16.518  -2.469  1.00 29.64  ? 188 HOH R O   1 
HETATM 930 O  O   . HOH C 3 .   ? -6.899  -2.518  -11.727 1.00 32.16  ? 189 HOH R O   1 
HETATM 931 O  O   . HOH C 3 .   ? 1.419   9.734   -13.415 1.00 31.79  ? 190 HOH R O   1 
HETATM 932 O  O   . HOH C 3 .   ? -1.932  4.898   -18.878 1.00 14.10  ? 191 HOH R O   1 
HETATM 933 O  O   . HOH C 3 .   ? -3.504  3.084   -19.871 1.00 11.62  ? 192 HOH R O   1 
HETATM 934 O  O   . HOH C 3 .   ? -13.286 -8.201  -6.340  1.00 31.52  ? 193 HOH R O   1 
HETATM 935 O  O   . HOH C 3 .   ? -3.529  7.368   8.860   1.00 31.58  ? 194 HOH R O   1 
HETATM 936 O  O   . HOH C 3 .   ? -0.908  11.308  9.653   1.00 33.64  ? 195 HOH R O   1 
HETATM 937 O  O   . HOH C 3 .   ? -11.334 0.035   -8.985  1.00 30.69  ? 196 HOH R O   1 
# 
